data_4QOP
#
_entry.id   4QOP
#
_cell.length_a   92.279
_cell.length_b   109.455
_cell.length_c   104.199
_cell.angle_alpha   90.000
_cell.angle_beta   92.050
_cell.angle_gamma   90.000
#
_symmetry.space_group_name_H-M   'P 1 21 1'
#
loop_
_entity.id
_entity.type
_entity.pdbx_description
1 polymer Catalase
2 non-polymer 'PROTOPORPHYRIN IX CONTAINING FE'
3 non-polymer benzene-1,4-diol
4 non-polymer 'CHLORIDE ION'
5 non-polymer 'SODIUM ION'
6 water water
#
_entity_poly.entity_id   1
_entity_poly.type   'polypeptide(L)'
_entity_poly.pdbx_seq_one_letter_code
;MTNSNHKNLTTNQGVPVGDNQNSRTAGHRGPSFLDDYHLIEKLAHFDRERIPERVVHARGAGAYGVFEVENSMEKHTRAA
FLSEEGKQTDVFVRFSTVIHPKGSPETLRDPRGFAVKFYTEEGNYDLVGNNLPIFFIRDALKFPDMVHSLKPDPVTNIQD
PDRYWDFMTLTPESTHMLTWLFSDEGIPANYAEMRGSGVHTFRWVNKYGETKYVKYHWRPSEGIRNLSMEEAAEIQANDF
QHATRDLYDRIEKGNYPAWDLYVQLMPLSDYDELDYDPCDPTKTWSEEDYPLQKVGRMTLNRNPENFFAETEQAAFTPSA
LVPGIEASEDKLLQGRLFSYPDTQRHRLGANYMRIPVNCPYAPVHNNQQDGFMTTTRPSGHINYEPNRYDDQPKENPHYK
ESEPVLHGDRMVRQKIEKPNDFKQAGEKYRSYSEEEKQALIKNLTADLKGVNEKTKLLAICNFYRADEDYGQRLADSLGV
DIRSYLQGSMK
;
_entity_poly.pdbx_strand_id   A,B,C,D
#
# COMPACT_ATOMS: atom_id res chain seq x y z
N HIS A 6 28.72 17.40 17.27
CA HIS A 6 29.46 16.31 16.54
C HIS A 6 28.83 14.91 16.74
N LYS A 7 28.33 14.33 15.66
CA LYS A 7 27.42 13.18 15.72
C LYS A 7 27.87 12.08 14.74
N ASN A 8 27.61 10.82 15.11
CA ASN A 8 27.80 9.69 14.19
C ASN A 8 26.63 9.57 13.23
N LEU A 9 26.96 9.31 11.99
CA LEU A 9 26.07 8.64 11.06
C LEU A 9 25.79 7.23 11.58
N THR A 10 24.53 6.81 11.57
CA THR A 10 24.17 5.48 12.02
C THR A 10 23.22 4.85 11.03
N THR A 11 23.10 3.54 11.10
CA THR A 11 21.97 2.80 10.48
C THR A 11 20.68 3.10 11.25
N ASN A 12 19.54 2.70 10.72
CA ASN A 12 18.27 2.83 11.46
C ASN A 12 18.19 1.95 12.68
N GLN A 13 19.14 1.00 12.82
CA GLN A 13 19.21 0.17 14.02
C GLN A 13 20.02 0.85 15.11
N GLY A 14 20.54 2.02 14.82
CA GLY A 14 21.44 2.71 15.76
C GLY A 14 22.91 2.28 15.78
N VAL A 15 23.35 1.52 14.77
CA VAL A 15 24.76 1.15 14.68
C VAL A 15 25.54 2.24 13.93
N PRO A 16 26.68 2.72 14.49
CA PRO A 16 27.45 3.72 13.77
C PRO A 16 27.99 3.19 12.45
N VAL A 17 28.04 4.08 11.45
CA VAL A 17 28.47 3.71 10.11
C VAL A 17 29.99 4.01 9.90
N GLY A 18 30.73 2.98 9.49
CA GLY A 18 32.18 3.06 9.35
C GLY A 18 32.64 3.72 8.09
N ASP A 19 31.87 3.53 7.04
CA ASP A 19 32.24 4.03 5.75
C ASP A 19 30.94 4.36 5.02
N ASN A 20 30.70 5.67 4.81
CA ASN A 20 29.58 6.10 4.03
C ASN A 20 29.92 6.41 2.58
N GLN A 21 31.10 5.98 2.11
CA GLN A 21 31.56 6.22 0.70
C GLN A 21 31.59 4.98 -0.15
N ASN A 22 31.99 3.84 0.42
CA ASN A 22 32.23 2.65 -0.39
C ASN A 22 31.31 1.47 -0.08
N SER A 23 30.81 0.86 -1.15
CA SER A 23 30.13 -0.42 -1.08
C SER A 23 31.09 -1.53 -0.71
N ARG A 24 30.54 -2.64 -0.24
CA ARG A 24 31.32 -3.77 0.16
C ARG A 24 31.52 -4.74 -0.99
N THR A 25 32.76 -5.06 -1.32
CA THR A 25 33.08 -5.65 -2.62
C THR A 25 34.18 -6.69 -2.53
N ALA A 26 34.28 -7.53 -3.55
CA ALA A 26 35.38 -8.50 -3.67
C ALA A 26 36.69 -7.86 -4.10
N GLY A 27 37.48 -7.40 -3.13
CA GLY A 27 38.61 -6.54 -3.44
C GLY A 27 38.20 -5.16 -3.88
N HIS A 28 39.20 -4.32 -4.14
CA HIS A 28 38.98 -2.89 -4.38
C HIS A 28 38.14 -2.60 -5.65
N ARG A 29 38.12 -3.51 -6.62
CA ARG A 29 37.37 -3.27 -7.84
C ARG A 29 36.45 -4.44 -8.25
N GLY A 30 36.07 -5.29 -7.30
CA GLY A 30 35.25 -6.44 -7.66
C GLY A 30 33.77 -6.13 -7.55
N PRO A 31 32.91 -7.13 -7.88
CA PRO A 31 31.48 -7.03 -7.68
C PRO A 31 31.08 -6.95 -6.20
N SER A 32 29.83 -6.58 -5.98
CA SER A 32 29.37 -6.12 -4.67
C SER A 32 28.69 -7.28 -3.89
N PHE A 33 28.86 -7.26 -2.57
CA PHE A 33 28.28 -8.30 -1.72
C PHE A 33 26.88 -7.93 -1.22
N LEU A 34 26.07 -8.98 -1.07
CA LEU A 34 24.73 -8.89 -0.49
C LEU A 34 24.75 -8.50 1.00
N ASP A 35 25.75 -8.98 1.71
CA ASP A 35 26.00 -8.62 3.13
C ASP A 35 26.61 -7.21 3.21
N ASP A 36 25.77 -6.21 2.90
CA ASP A 36 26.11 -4.81 3.11
C ASP A 36 24.84 -4.14 3.60
N TYR A 37 24.52 -4.34 4.89
CA TYR A 37 23.25 -3.88 5.41
C TYR A 37 23.09 -2.34 5.22
N HIS A 38 24.17 -1.56 5.38
CA HIS A 38 24.09 -0.11 5.26
C HIS A 38 23.67 0.28 3.86
N LEU A 39 24.32 -0.32 2.85
CA LEU A 39 23.96 -0.06 1.46
C LEU A 39 22.48 -0.37 1.19
N ILE A 40 22.05 -1.56 1.57
CA ILE A 40 20.72 -2.02 1.21
C ILE A 40 19.67 -1.21 2.00
N GLU A 41 19.90 -0.92 3.27
CA GLU A 41 18.94 -0.13 4.05
C GLU A 41 18.77 1.27 3.46
N LYS A 42 19.89 1.87 3.06
CA LYS A 42 19.93 3.26 2.59
C LYS A 42 19.25 3.34 1.24
N LEU A 43 19.54 2.40 0.35
CA LEU A 43 18.94 2.42 -0.96
C LEU A 43 17.45 2.10 -0.87
N ALA A 44 17.12 1.12 -0.03
CA ALA A 44 15.74 0.65 0.08
C ALA A 44 14.84 1.77 0.60
N HIS A 45 15.33 2.56 1.55
CA HIS A 45 14.54 3.71 2.04
C HIS A 45 14.45 4.86 0.98
N PHE A 46 15.55 5.19 0.34
CA PHE A 46 15.53 6.07 -0.83
C PHE A 46 14.50 5.65 -1.92
N ASP A 47 14.48 4.35 -2.21
CA ASP A 47 13.55 3.75 -3.18
C ASP A 47 12.06 3.93 -2.81
N ARG A 48 11.79 4.27 -1.54
CA ARG A 48 10.43 4.36 -1.05
C ARG A 48 10.05 5.75 -0.54
N GLU A 49 10.81 6.79 -0.94
CA GLU A 49 10.57 8.15 -0.44
C GLU A 49 9.21 8.75 -0.85
N ARG A 50 8.72 8.39 -2.03
CA ARG A 50 7.59 9.03 -2.66
C ARG A 50 6.27 8.37 -2.33
N ILE A 51 5.29 9.23 -2.10
CA ILE A 51 3.93 8.81 -1.94
C ILE A 51 3.11 9.43 -3.11
N PRO A 52 1.88 8.96 -3.32
CA PRO A 52 1.05 9.61 -4.33
C PRO A 52 0.80 11.08 -4.06
N GLU A 53 0.83 11.90 -5.13
CA GLU A 53 0.48 13.31 -5.04
C GLU A 53 -1.04 13.39 -4.90
N ARG A 54 -1.51 14.53 -4.42
CA ARG A 54 -2.97 14.84 -4.38
C ARG A 54 -3.57 14.69 -5.76
N VAL A 55 -4.77 14.13 -5.84
CA VAL A 55 -5.41 13.87 -7.14
C VAL A 55 -5.74 15.21 -7.86
N VAL A 56 -6.03 16.25 -7.07
CA VAL A 56 -6.06 17.63 -7.55
C VAL A 56 -5.36 18.51 -6.54
N HIS A 57 -4.96 19.70 -6.94
CA HIS A 57 -4.19 20.64 -6.07
C HIS A 57 -2.81 20.06 -5.63
N ALA A 58 -2.19 19.33 -6.52
CA ALA A 58 -0.94 18.66 -6.22
C ALA A 58 0.20 19.63 -5.95
N ARG A 59 0.25 20.71 -6.71
CA ARG A 59 1.27 21.77 -6.52
C ARG A 59 0.79 22.76 -5.45
N GLY A 60 1.61 22.98 -4.42
CA GLY A 60 1.22 23.92 -3.38
C GLY A 60 2.32 24.23 -2.39
N ALA A 61 1.99 25.12 -1.46
CA ALA A 61 2.92 25.58 -0.43
C ALA A 61 2.18 25.92 0.86
N GLY A 62 2.86 25.69 1.99
CA GLY A 62 2.22 25.83 3.28
C GLY A 62 2.92 26.77 4.23
N ALA A 63 2.15 27.28 5.19
CA ALA A 63 2.71 28.06 6.30
C ALA A 63 1.86 28.00 7.55
N TYR A 64 2.45 28.29 8.72
CA TYR A 64 1.66 28.36 9.93
C TYR A 64 1.40 29.81 10.27
N GLY A 65 0.40 30.03 11.12
CA GLY A 65 0.18 31.35 11.68
C GLY A 65 -0.85 31.37 12.78
N VAL A 66 -1.53 32.50 12.92
CA VAL A 66 -2.48 32.69 14.03
C VAL A 66 -3.71 33.44 13.53
N PHE A 67 -4.88 33.00 13.95
CA PHE A 67 -6.12 33.71 13.70
C PHE A 67 -6.59 34.40 14.98
N GLU A 68 -6.95 35.67 14.87
CA GLU A 68 -7.38 36.46 16.00
C GLU A 68 -8.77 37.05 15.76
N VAL A 69 -9.67 36.80 16.69
CA VAL A 69 -11.03 37.34 16.64
C VAL A 69 -11.05 38.82 16.94
N GLU A 70 -11.68 39.59 16.07
CA GLU A 70 -11.95 41.03 16.37
C GLU A 70 -13.37 41.25 16.89
N ASN A 71 -14.35 40.57 16.28
CA ASN A 71 -15.75 40.63 16.72
C ASN A 71 -16.27 39.25 17.05
N SER A 72 -16.62 39.04 18.31
CA SER A 72 -17.12 37.74 18.74
C SER A 72 -18.47 37.42 18.03
N MET A 73 -18.66 36.15 17.67
CA MET A 73 -19.75 35.74 16.79
C MET A 73 -20.79 34.92 17.51
N GLU A 74 -20.76 34.95 18.84
CA GLU A 74 -21.60 34.07 19.66
C GLU A 74 -23.09 34.23 19.42
N LYS A 75 -23.51 35.40 18.94
CA LYS A 75 -24.92 35.61 18.57
C LYS A 75 -25.39 34.65 17.46
N HIS A 76 -24.47 34.25 16.55
CA HIS A 76 -24.80 33.48 15.36
C HIS A 76 -24.23 32.07 15.33
N THR A 77 -23.13 31.84 16.05
CA THR A 77 -22.56 30.51 16.15
C THR A 77 -21.98 30.28 17.55
N ARG A 78 -22.15 29.05 18.03
CA ARG A 78 -21.49 28.62 19.26
C ARG A 78 -20.03 28.20 19.07
N ALA A 79 -19.46 28.37 17.87
CA ALA A 79 -18.11 27.91 17.59
C ALA A 79 -17.17 28.48 18.64
N ALA A 80 -16.41 27.59 19.30
CA ALA A 80 -15.63 28.01 20.43
C ALA A 80 -14.55 29.00 20.01
N PHE A 81 -13.91 28.80 18.86
CA PHE A 81 -12.79 29.68 18.42
C PHE A 81 -13.20 31.09 18.06
N LEU A 82 -14.51 31.33 17.98
CA LEU A 82 -15.04 32.63 17.60
C LEU A 82 -15.80 33.30 18.76
N SER A 83 -15.68 32.77 19.97
CA SER A 83 -16.56 33.15 21.07
C SER A 83 -16.20 34.47 21.75
N GLU A 84 -14.95 34.91 21.65
CA GLU A 84 -14.49 36.14 22.36
C GLU A 84 -13.57 37.03 21.53
N GLU A 85 -13.74 38.35 21.66
CA GLU A 85 -12.74 39.31 21.20
C GLU A 85 -11.33 38.97 21.68
N GLY A 86 -10.37 39.04 20.76
CA GLY A 86 -8.97 38.81 21.07
C GLY A 86 -8.55 37.35 21.16
N LYS A 87 -9.48 36.42 21.08
CA LYS A 87 -9.17 35.02 21.12
C LYS A 87 -8.33 34.58 19.92
N GLN A 88 -7.20 33.93 20.21
CA GLN A 88 -6.22 33.54 19.21
C GLN A 88 -6.24 32.02 19.03
N THR A 89 -6.22 31.58 17.77
CA THR A 89 -6.19 30.18 17.40
C THR A 89 -5.08 29.94 16.37
N ASP A 90 -4.26 28.91 16.61
CA ASP A 90 -3.20 28.52 15.67
C ASP A 90 -3.81 27.99 14.42
N VAL A 91 -3.19 28.27 13.26
CA VAL A 91 -3.62 27.76 11.97
C VAL A 91 -2.47 27.14 11.25
N PHE A 92 -2.79 26.16 10.38
CA PHE A 92 -1.93 25.79 9.25
C PHE A 92 -2.68 25.96 7.94
N VAL A 93 -2.01 26.54 6.94
CA VAL A 93 -2.61 26.92 5.67
C VAL A 93 -1.80 26.33 4.52
N ARG A 94 -2.47 25.71 3.55
CA ARG A 94 -1.85 25.36 2.28
C ARG A 94 -2.55 26.04 1.09
N PHE A 95 -1.73 26.67 0.26
CA PHE A 95 -2.15 27.28 -1.01
C PHE A 95 -1.68 26.40 -2.14
N SER A 96 -2.38 26.48 -3.26
CA SER A 96 -2.15 25.56 -4.39
C SER A 96 -2.73 26.04 -5.71
N THR A 97 -2.22 25.46 -6.80
CA THR A 97 -2.97 25.42 -8.04
C THR A 97 -3.91 24.22 -8.04
N VAL A 98 -4.45 23.84 -9.21
CA VAL A 98 -5.43 22.76 -9.24
C VAL A 98 -5.05 21.56 -10.12
N ILE A 99 -4.85 21.79 -11.41
CA ILE A 99 -4.95 20.74 -12.40
C ILE A 99 -3.61 20.00 -12.62
N HIS A 100 -2.51 20.73 -12.78
CA HIS A 100 -1.25 20.06 -13.15
C HIS A 100 -0.54 19.43 -11.96
N PRO A 101 0.47 18.54 -12.24
CA PRO A 101 1.05 17.76 -11.15
C PRO A 101 1.97 18.57 -10.27
N LYS A 102 2.56 17.88 -9.29
N LYS A 102 2.59 17.90 -9.30
CA LYS A 102 3.59 18.42 -8.46
CA LYS A 102 3.57 18.50 -8.37
C LYS A 102 4.63 18.90 -9.49
C LYS A 102 4.60 19.54 -8.79
N GLY A 103 5.31 19.98 -9.21
N GLY A 103 5.35 19.32 -9.86
CA GLY A 103 6.39 20.37 -10.05
CA GLY A 103 6.43 20.26 -10.21
C GLY A 103 5.99 21.29 -11.20
C GLY A 103 5.98 21.27 -11.25
N SER A 104 4.69 21.42 -11.44
CA SER A 104 4.17 22.25 -12.53
C SER A 104 4.31 23.72 -12.19
N PRO A 105 4.33 24.57 -13.22
CA PRO A 105 4.47 26.00 -12.94
C PRO A 105 3.28 26.64 -12.17
N GLU A 106 3.60 27.66 -11.38
CA GLU A 106 2.60 28.48 -10.67
C GLU A 106 2.13 29.74 -11.44
N THR A 107 2.48 29.80 -12.70
CA THR A 107 2.07 30.84 -13.64
C THR A 107 0.91 30.43 -14.58
N LEU A 108 0.33 29.24 -14.35
CA LEU A 108 -0.78 28.75 -15.20
C LEU A 108 -2.14 29.31 -14.73
N ARG A 109 -3.09 29.36 -15.64
CA ARG A 109 -4.44 29.70 -15.29
C ARG A 109 -5.12 28.56 -14.49
N ASP A 110 -5.81 28.90 -13.41
CA ASP A 110 -6.38 27.92 -12.48
C ASP A 110 -7.00 28.71 -11.36
N PRO A 111 -8.04 28.18 -10.75
CA PRO A 111 -8.32 28.59 -9.35
C PRO A 111 -7.14 28.30 -8.46
N ARG A 112 -7.06 29.02 -7.34
CA ARG A 112 -6.06 28.73 -6.33
C ARG A 112 -6.74 28.21 -5.07
N GLY A 113 -6.21 27.12 -4.56
CA GLY A 113 -6.64 26.63 -3.24
C GLY A 113 -6.18 27.48 -2.07
N PHE A 114 -7.01 27.53 -1.04
CA PHE A 114 -6.87 28.39 0.12
C PHE A 114 -7.45 27.55 1.23
N ALA A 115 -6.65 26.61 1.75
CA ALA A 115 -7.12 25.66 2.76
C ALA A 115 -6.59 26.08 4.13
N VAL A 116 -7.48 26.39 5.05
CA VAL A 116 -7.13 26.80 6.44
C VAL A 116 -7.56 25.79 7.52
N LYS A 117 -6.57 25.27 8.28
CA LYS A 117 -6.83 24.31 9.38
C LYS A 117 -6.67 25.15 10.65
N PHE A 118 -7.76 25.28 11.41
CA PHE A 118 -7.78 25.94 12.74
C PHE A 118 -7.73 24.92 13.89
N TYR A 119 -6.69 24.99 14.74
CA TYR A 119 -6.53 24.03 15.79
C TYR A 119 -7.31 24.47 17.05
N THR A 120 -8.64 24.23 17.05
CA THR A 120 -9.50 24.78 18.11
C THR A 120 -9.65 23.87 19.33
N GLU A 121 -10.16 24.45 20.41
CA GLU A 121 -10.26 23.73 21.66
C GLU A 121 -11.33 22.65 21.54
N GLU A 122 -12.23 22.73 20.54
CA GLU A 122 -13.27 21.72 20.37
C GLU A 122 -13.00 20.82 19.14
N GLY A 123 -11.73 20.79 18.71
CA GLY A 123 -11.33 20.00 17.54
C GLY A 123 -10.82 20.85 16.39
N ASN A 124 -10.23 20.18 15.40
CA ASN A 124 -9.76 20.87 14.24
C ASN A 124 -10.91 21.22 13.30
N TYR A 125 -10.87 22.46 12.81
CA TYR A 125 -11.86 22.96 11.87
C TYR A 125 -11.12 23.30 10.60
N ASP A 126 -11.46 22.63 9.51
CA ASP A 126 -10.85 22.90 8.23
C ASP A 126 -11.80 23.70 7.39
N LEU A 127 -11.36 24.86 6.93
CA LEU A 127 -12.10 25.58 5.91
C LEU A 127 -11.35 25.51 4.60
N VAL A 128 -11.85 24.65 3.72
CA VAL A 128 -11.15 24.25 2.51
C VAL A 128 -11.67 25.09 1.33
N GLY A 129 -11.05 26.23 1.13
CA GLY A 129 -11.51 27.24 0.17
C GLY A 129 -10.72 27.30 -1.12
N ASN A 130 -11.16 28.14 -2.04
CA ASN A 130 -10.41 28.57 -3.19
C ASN A 130 -10.37 30.11 -3.23
N ASN A 131 -9.51 30.71 -4.03
CA ASN A 131 -9.59 32.18 -4.20
C ASN A 131 -10.92 32.65 -4.77
N LEU A 132 -11.37 32.02 -5.86
CA LEU A 132 -12.63 32.40 -6.54
C LEU A 132 -13.87 31.90 -5.79
N PRO A 133 -14.97 32.69 -5.78
CA PRO A 133 -16.03 32.48 -4.76
C PRO A 133 -17.16 31.52 -5.20
N ILE A 134 -17.06 30.98 -6.41
CA ILE A 134 -18.05 30.03 -6.96
C ILE A 134 -17.37 28.83 -7.59
N PHE A 135 -18.12 27.91 -8.14
CA PHE A 135 -17.50 26.74 -8.80
C PHE A 135 -18.16 26.41 -10.14
N PHE A 136 -17.48 25.57 -10.92
CA PHE A 136 -17.90 25.17 -12.28
C PHE A 136 -19.23 24.40 -12.26
N ILE A 137 -19.48 23.65 -11.20
CA ILE A 137 -20.51 22.58 -11.17
C ILE A 137 -21.19 22.66 -9.81
N ARG A 138 -22.35 22.00 -9.69
CA ARG A 138 -23.19 22.06 -8.46
C ARG A 138 -23.52 20.70 -7.85
N ASP A 139 -22.97 19.60 -8.43
CA ASP A 139 -23.18 18.27 -7.94
C ASP A 139 -21.86 17.46 -8.01
N ALA A 140 -21.49 16.83 -6.90
CA ALA A 140 -20.24 16.10 -6.78
C ALA A 140 -20.12 14.90 -7.72
N LEU A 141 -21.25 14.37 -8.19
CA LEU A 141 -21.21 13.29 -9.16
C LEU A 141 -20.43 13.70 -10.42
N LYS A 142 -20.38 15.01 -10.73
CA LYS A 142 -19.72 15.46 -11.93
C LYS A 142 -18.24 15.74 -11.78
N PHE A 143 -17.74 15.71 -10.55
CA PHE A 143 -16.38 16.18 -10.33
C PHE A 143 -15.33 15.37 -11.05
N PRO A 144 -15.44 14.03 -11.07
CA PRO A 144 -14.38 13.33 -11.82
C PRO A 144 -14.41 13.64 -13.34
N ASP A 145 -15.61 13.86 -13.88
CA ASP A 145 -15.80 14.21 -15.29
C ASP A 145 -15.14 15.54 -15.58
N MET A 146 -15.44 16.54 -14.73
CA MET A 146 -14.91 17.88 -14.90
C MET A 146 -13.36 17.88 -14.88
N VAL A 147 -12.84 17.20 -13.86
CA VAL A 147 -11.40 17.03 -13.67
C VAL A 147 -10.70 16.26 -14.80
N HIS A 148 -11.29 15.13 -15.22
CA HIS A 148 -10.81 14.40 -16.37
C HIS A 148 -10.74 15.26 -17.65
N SER A 149 -11.71 16.13 -17.85
CA SER A 149 -11.75 17.02 -19.03
C SER A 149 -10.67 18.07 -18.99
N LEU A 150 -10.35 18.52 -17.79
CA LEU A 150 -9.38 19.60 -17.59
C LEU A 150 -7.93 19.10 -17.59
N LYS A 151 -7.75 17.90 -17.07
CA LYS A 151 -6.42 17.33 -16.88
C LYS A 151 -5.79 17.07 -18.24
N PRO A 152 -4.45 16.91 -18.28
CA PRO A 152 -3.86 16.45 -19.50
C PRO A 152 -4.61 15.28 -20.10
N ASP A 153 -4.79 15.32 -21.41
CA ASP A 153 -5.34 14.24 -22.20
C ASP A 153 -4.71 12.91 -21.83
N PRO A 154 -5.54 11.86 -21.69
CA PRO A 154 -5.03 10.57 -21.22
C PRO A 154 -4.13 9.82 -22.20
N VAL A 155 -4.08 10.26 -23.45
CA VAL A 155 -3.15 9.73 -24.45
C VAL A 155 -1.85 10.59 -24.53
N THR A 156 -2.00 11.89 -24.62
CA THR A 156 -0.87 12.72 -25.01
C THR A 156 -0.13 13.28 -23.80
N ASN A 157 -0.79 13.34 -22.65
CA ASN A 157 -0.27 14.02 -21.46
C ASN A 157 -0.13 15.51 -21.59
N ILE A 158 -0.99 16.10 -22.39
CA ILE A 158 -1.01 17.54 -22.58
C ILE A 158 -2.47 18.03 -22.49
N GLN A 159 -2.67 19.09 -21.72
CA GLN A 159 -4.00 19.64 -21.55
C GLN A 159 -4.52 20.11 -22.89
N ASP A 160 -5.80 19.91 -23.13
CA ASP A 160 -6.38 20.19 -24.45
C ASP A 160 -7.63 20.97 -24.27
N PRO A 161 -7.62 22.26 -24.68
CA PRO A 161 -8.84 23.05 -24.51
C PRO A 161 -10.10 22.45 -25.17
N ASP A 162 -9.91 21.74 -26.25
CA ASP A 162 -11.03 21.09 -26.90
C ASP A 162 -11.76 20.14 -25.94
N ARG A 163 -11.02 19.50 -25.06
CA ARG A 163 -11.61 18.55 -24.15
C ARG A 163 -12.41 19.28 -23.04
N TYR A 164 -11.82 20.22 -22.34
CA TYR A 164 -12.55 20.82 -21.24
C TYR A 164 -13.65 21.77 -21.70
N TRP A 165 -13.45 22.45 -22.84
CA TRP A 165 -14.56 23.22 -23.42
C TRP A 165 -15.75 22.34 -23.91
N ASP A 166 -15.50 21.11 -24.35
CA ASP A 166 -16.58 20.18 -24.65
C ASP A 166 -17.43 19.94 -23.39
N PHE A 167 -16.79 19.59 -22.28
CA PHE A 167 -17.48 19.40 -21.01
C PHE A 167 -18.19 20.67 -20.54
N MET A 168 -17.45 21.79 -20.49
CA MET A 168 -17.99 23.00 -19.91
C MET A 168 -19.19 23.50 -20.71
N THR A 169 -19.09 23.47 -22.05
CA THR A 169 -20.19 23.94 -22.88
C THR A 169 -21.46 23.12 -22.71
N LEU A 170 -21.29 21.83 -22.42
CA LEU A 170 -22.43 20.95 -22.18
C LEU A 170 -22.86 20.95 -20.71
N THR A 171 -22.24 21.81 -19.92
CA THR A 171 -22.47 21.94 -18.50
C THR A 171 -22.64 23.44 -18.23
N PRO A 172 -23.76 24.01 -18.73
CA PRO A 172 -23.86 25.48 -18.80
C PRO A 172 -23.89 26.16 -17.45
N GLU A 173 -24.09 25.41 -16.37
CA GLU A 173 -23.91 25.98 -15.03
C GLU A 173 -22.49 26.47 -14.75
N SER A 174 -21.52 26.07 -15.59
CA SER A 174 -20.14 26.57 -15.53
C SER A 174 -19.92 28.04 -15.96
N THR A 175 -20.95 28.67 -16.49
CA THR A 175 -20.79 29.95 -17.22
C THR A 175 -20.32 31.07 -16.26
N HIS A 176 -20.89 31.14 -15.04
CA HIS A 176 -20.46 32.15 -14.06
C HIS A 176 -18.99 31.93 -13.70
N MET A 177 -18.60 30.69 -13.37
CA MET A 177 -17.21 30.40 -13.02
C MET A 177 -16.25 30.86 -14.10
N LEU A 178 -16.56 30.53 -15.34
CA LEU A 178 -15.63 30.82 -16.47
C LEU A 178 -15.45 32.31 -16.72
N THR A 179 -16.48 33.07 -16.39
CA THR A 179 -16.45 34.51 -16.45
C THR A 179 -15.49 35.15 -15.38
N TRP A 180 -15.29 34.47 -14.26
CA TRP A 180 -14.27 34.87 -13.31
C TRP A 180 -12.88 34.36 -13.73
N LEU A 181 -12.82 33.08 -14.10
CA LEU A 181 -11.56 32.39 -14.32
C LEU A 181 -10.80 32.98 -15.49
N PHE A 182 -11.52 33.48 -16.51
CA PHE A 182 -10.85 34.05 -17.70
C PHE A 182 -10.69 35.53 -17.66
N SER A 183 -11.06 36.17 -16.55
CA SER A 183 -10.49 37.48 -16.20
C SER A 183 -9.03 37.25 -15.86
N ASP A 184 -8.28 38.30 -15.62
CA ASP A 184 -6.91 38.07 -15.20
C ASP A 184 -6.81 37.48 -13.76
N GLU A 185 -7.91 37.42 -13.01
CA GLU A 185 -7.84 36.83 -11.69
C GLU A 185 -7.72 35.30 -11.80
N GLY A 186 -7.84 34.75 -13.01
CA GLY A 186 -7.40 33.37 -13.28
C GLY A 186 -5.90 33.06 -13.14
N ILE A 187 -5.06 34.10 -13.04
CA ILE A 187 -3.63 33.97 -12.72
C ILE A 187 -3.27 35.02 -11.66
N PRO A 188 -3.56 34.72 -10.36
CA PRO A 188 -3.00 35.54 -9.29
C PRO A 188 -1.49 35.72 -9.36
N ALA A 189 -1.04 36.89 -8.92
CA ALA A 189 0.39 37.25 -8.98
C ALA A 189 1.21 36.37 -8.06
N ASN A 190 0.61 36.02 -6.93
CA ASN A 190 1.20 35.12 -5.99
C ASN A 190 0.12 34.70 -4.97
N TYR A 191 0.50 33.89 -3.97
CA TYR A 191 -0.46 33.45 -2.97
C TYR A 191 -0.86 34.52 -1.93
N ALA A 192 -0.03 35.55 -1.73
CA ALA A 192 -0.32 36.61 -0.73
C ALA A 192 -1.28 37.66 -1.29
N GLU A 193 -1.14 37.98 -2.55
CA GLU A 193 -1.95 39.09 -3.13
C GLU A 193 -3.18 38.50 -3.85
N MET A 194 -4.03 37.87 -3.06
CA MET A 194 -4.99 36.90 -3.57
C MET A 194 -6.18 36.83 -2.63
N ARG A 195 -7.37 36.74 -3.21
CA ARG A 195 -8.63 36.55 -2.49
C ARG A 195 -8.69 35.16 -1.84
N GLY A 196 -9.52 35.00 -0.81
CA GLY A 196 -9.98 33.64 -0.40
C GLY A 196 -11.48 33.60 -0.23
N SER A 197 -12.07 32.42 -0.41
CA SER A 197 -13.50 32.22 -0.33
C SER A 197 -13.81 30.80 0.24
N GLY A 198 -14.83 30.67 1.05
CA GLY A 198 -15.37 29.38 1.45
C GLY A 198 -16.09 28.69 0.32
N VAL A 199 -16.58 29.47 -0.64
CA VAL A 199 -17.40 29.02 -1.78
C VAL A 199 -18.77 28.56 -1.38
N HIS A 200 -18.89 27.47 -0.61
CA HIS A 200 -20.22 27.02 -0.23
C HIS A 200 -20.85 27.91 0.80
N THR A 201 -22.17 27.86 0.80
CA THR A 201 -22.96 28.19 1.96
C THR A 201 -22.82 27.11 3.02
N PHE A 202 -22.63 27.54 4.27
CA PHE A 202 -22.59 26.61 5.42
C PHE A 202 -23.70 27.07 6.37
N ARG A 203 -23.90 26.33 7.47
CA ARG A 203 -24.91 26.65 8.48
C ARG A 203 -24.20 26.98 9.77
N TRP A 204 -24.51 28.15 10.33
CA TRP A 204 -24.05 28.52 11.63
C TRP A 204 -25.17 28.34 12.65
N VAL A 205 -24.85 27.70 13.78
CA VAL A 205 -25.87 27.33 14.80
C VAL A 205 -25.43 27.86 16.16
N ASN A 206 -26.30 28.62 16.81
CA ASN A 206 -25.93 29.31 18.04
C ASN A 206 -26.37 28.46 19.24
N LYS A 207 -26.11 28.96 20.44
CA LYS A 207 -26.35 28.16 21.65
C LYS A 207 -27.83 27.88 21.93
N TYR A 208 -28.71 28.66 21.31
CA TYR A 208 -30.14 28.46 21.45
C TYR A 208 -30.67 27.49 20.40
N GLY A 209 -29.82 26.97 19.52
CA GLY A 209 -30.25 26.09 18.40
C GLY A 209 -30.73 26.83 17.15
N GLU A 210 -30.59 28.14 17.10
CA GLU A 210 -31.03 28.90 15.92
C GLU A 210 -29.97 28.87 14.81
N THR A 211 -30.40 28.67 13.56
CA THR A 211 -29.51 28.47 12.39
C THR A 211 -29.57 29.65 11.40
N LYS A 212 -28.40 30.06 10.88
CA LYS A 212 -28.30 30.98 9.73
C LYS A 212 -27.43 30.37 8.66
N TYR A 213 -27.68 30.72 7.40
CA TYR A 213 -26.71 30.47 6.36
C TYR A 213 -25.55 31.45 6.43
N VAL A 214 -24.34 30.95 6.12
CA VAL A 214 -23.15 31.75 6.17
C VAL A 214 -22.27 31.50 4.93
N LYS A 215 -21.64 32.57 4.47
CA LYS A 215 -20.56 32.50 3.51
C LYS A 215 -19.34 33.19 4.07
N TYR A 216 -18.17 32.67 3.70
CA TYR A 216 -16.86 33.17 4.16
C TYR A 216 -16.01 33.86 3.07
N HIS A 217 -15.31 34.93 3.47
CA HIS A 217 -14.47 35.69 2.55
C HIS A 217 -13.20 36.09 3.25
N TRP A 218 -12.08 35.91 2.58
CA TRP A 218 -10.79 36.32 3.08
C TRP A 218 -10.33 37.49 2.19
N ARG A 219 -9.96 38.62 2.78
CA ARG A 219 -9.46 39.78 2.03
C ARG A 219 -8.00 40.07 2.38
N PRO A 220 -7.12 40.05 1.38
CA PRO A 220 -5.70 40.12 1.63
C PRO A 220 -5.30 41.52 2.09
N SER A 221 -4.51 41.62 3.16
CA SER A 221 -3.87 42.89 3.54
C SER A 221 -2.98 43.40 2.43
N GLU A 222 -2.32 42.51 1.69
CA GLU A 222 -1.47 42.95 0.59
C GLU A 222 -2.26 43.42 -0.67
N GLY A 223 -3.60 43.37 -0.66
CA GLY A 223 -4.40 43.67 -1.86
C GLY A 223 -4.43 42.50 -2.85
N ILE A 224 -5.34 42.54 -3.80
CA ILE A 224 -5.42 41.57 -4.89
C ILE A 224 -4.65 42.05 -6.12
N ARG A 225 -3.75 41.24 -6.64
CA ARG A 225 -3.04 41.58 -7.87
C ARG A 225 -2.94 40.32 -8.76
N ASN A 226 -3.10 40.53 -10.07
CA ASN A 226 -3.22 39.50 -11.07
C ASN A 226 -2.15 39.66 -12.15
N LEU A 227 -1.95 38.61 -12.95
CA LEU A 227 -1.08 38.60 -14.09
C LEU A 227 -1.84 38.39 -15.40
N SER A 228 -1.61 39.30 -16.37
CA SER A 228 -1.98 39.09 -17.76
C SER A 228 -1.28 37.86 -18.28
N MET A 229 -1.75 37.34 -19.42
CA MET A 229 -1.10 36.20 -20.03
C MET A 229 0.32 36.53 -20.32
N GLU A 230 0.59 37.76 -20.72
CA GLU A 230 1.99 38.13 -21.07
C GLU A 230 2.88 38.29 -19.84
N GLU A 231 2.35 38.85 -18.75
CA GLU A 231 3.12 38.94 -17.52
C GLU A 231 3.42 37.56 -16.97
N ALA A 232 2.44 36.65 -17.07
CA ALA A 232 2.62 35.24 -16.62
C ALA A 232 3.73 34.54 -17.39
N ALA A 233 3.73 34.71 -18.73
CA ALA A 233 4.79 34.13 -19.59
C ALA A 233 6.19 34.60 -19.21
N GLU A 234 6.34 35.87 -18.93
CA GLU A 234 7.64 36.47 -18.59
C GLU A 234 8.18 35.91 -17.24
N ILE A 235 7.30 35.75 -16.27
CA ILE A 235 7.65 35.06 -15.03
C ILE A 235 7.97 33.59 -15.30
N GLN A 236 7.11 32.93 -16.06
CA GLN A 236 7.28 31.49 -16.32
C GLN A 236 8.64 31.16 -16.93
N ALA A 237 9.14 32.07 -17.78
CA ALA A 237 10.42 31.88 -18.45
C ALA A 237 11.57 31.63 -17.46
N ASN A 238 11.51 32.27 -16.30
CA ASN A 238 12.61 32.28 -15.34
C ASN A 238 12.34 31.56 -14.06
N ASP A 239 11.08 31.37 -13.70
CA ASP A 239 10.75 30.73 -12.44
C ASP A 239 9.46 29.98 -12.54
N PHE A 240 9.53 28.67 -12.45
CA PHE A 240 8.29 27.85 -12.42
C PHE A 240 7.80 27.59 -10.99
N GLN A 241 8.38 28.21 -9.97
CA GLN A 241 7.81 28.13 -8.62
C GLN A 241 7.72 29.49 -7.89
N HIS A 242 7.37 30.57 -8.60
CA HIS A 242 7.57 31.93 -8.09
C HIS A 242 6.69 32.19 -6.86
N ALA A 243 5.51 31.55 -6.82
CA ALA A 243 4.59 31.79 -5.74
C ALA A 243 4.99 31.06 -4.45
N THR A 244 5.48 29.83 -4.59
CA THR A 244 6.09 29.12 -3.49
C THR A 244 7.27 29.97 -2.96
N ARG A 245 8.12 30.45 -3.86
CA ARG A 245 9.29 31.19 -3.45
C ARG A 245 8.85 32.45 -2.66
N ASP A 246 7.89 33.16 -3.23
CA ASP A 246 7.40 34.42 -2.66
C ASP A 246 6.89 34.25 -1.24
N LEU A 247 6.11 33.19 -1.02
CA LEU A 247 5.49 32.96 0.30
C LEU A 247 6.55 32.71 1.34
N TYR A 248 7.44 31.76 1.05
CA TYR A 248 8.54 31.45 1.96
C TYR A 248 9.35 32.71 2.29
N ASP A 249 9.70 33.47 1.26
CA ASP A 249 10.62 34.61 1.42
CA ASP A 249 10.62 34.61 1.42
C ASP A 249 10.01 35.75 2.23
N ARG A 250 8.75 36.08 1.96
CA ARG A 250 7.98 37.01 2.80
C ARG A 250 8.10 36.69 4.29
N ILE A 251 7.84 35.42 4.62
CA ILE A 251 7.80 34.98 5.99
C ILE A 251 9.22 34.96 6.60
N GLU A 252 10.18 34.45 5.86
CA GLU A 252 11.54 34.49 6.33
C GLU A 252 12.05 35.91 6.61
N LYS A 253 11.62 36.89 5.81
CA LYS A 253 12.06 38.30 5.96
C LYS A 253 11.21 39.10 6.97
N GLY A 254 10.20 38.47 7.56
CA GLY A 254 9.40 39.11 8.59
C GLY A 254 8.25 39.89 8.00
N ASN A 255 8.07 39.82 6.71
CA ASN A 255 6.97 40.54 6.05
C ASN A 255 5.72 39.64 5.93
N TYR A 256 5.07 39.42 7.08
CA TYR A 256 4.04 38.37 7.25
C TYR A 256 2.75 38.72 6.51
N PRO A 257 2.29 37.87 5.60
CA PRO A 257 1.03 38.21 4.92
C PRO A 257 -0.18 37.89 5.77
N ALA A 258 -1.28 38.62 5.52
CA ALA A 258 -2.45 38.51 6.35
C ALA A 258 -3.70 38.70 5.54
N TRP A 259 -4.79 38.20 6.10
CA TRP A 259 -6.10 38.28 5.48
C TRP A 259 -7.10 38.58 6.58
N ASP A 260 -8.04 39.47 6.30
CA ASP A 260 -9.18 39.64 7.20
C ASP A 260 -10.29 38.71 6.78
N LEU A 261 -10.95 38.10 7.78
CA LEU A 261 -12.07 37.25 7.55
C LEU A 261 -13.38 38.04 7.71
N TYR A 262 -14.23 38.01 6.67
CA TYR A 262 -15.60 38.48 6.77
C TYR A 262 -16.59 37.36 6.54
N VAL A 263 -17.81 37.54 7.05
CA VAL A 263 -18.93 36.69 6.69
C VAL A 263 -20.12 37.47 6.16
N GLN A 264 -20.92 36.78 5.36
CA GLN A 264 -22.28 37.18 5.10
C GLN A 264 -23.17 36.22 5.79
N LEU A 265 -24.28 36.73 6.32
CA LEU A 265 -25.29 35.90 6.96
C LEU A 265 -26.66 36.11 6.29
N MET A 266 -27.41 35.00 6.15
CA MET A 266 -28.68 34.98 5.47
C MET A 266 -29.61 34.08 6.25
N PRO A 267 -30.80 34.58 6.60
CA PRO A 267 -31.82 33.71 7.20
C PRO A 267 -32.23 32.56 6.28
N LEU A 268 -32.52 31.39 6.85
CA LEU A 268 -33.00 30.26 6.06
C LEU A 268 -34.24 30.58 5.23
N SER A 269 -35.11 31.43 5.76
CA SER A 269 -36.34 31.77 5.09
C SER A 269 -36.13 32.59 3.81
N ASP A 270 -34.90 33.11 3.56
CA ASP A 270 -34.69 33.91 2.37
C ASP A 270 -34.66 33.06 1.10
N TYR A 271 -34.69 31.72 1.25
CA TYR A 271 -34.75 30.82 0.11
C TYR A 271 -35.83 31.22 -0.84
N ASP A 272 -37.02 31.33 -0.29
CA ASP A 272 -38.23 31.20 -1.09
C ASP A 272 -38.50 32.46 -1.90
N GLU A 273 -37.92 33.58 -1.49
CA GLU A 273 -38.02 34.84 -2.24
C GLU A 273 -36.87 35.17 -3.24
N LEU A 274 -35.76 34.43 -3.22
CA LEU A 274 -34.63 34.68 -4.16
C LEU A 274 -34.93 34.00 -5.50
N ASP A 275 -34.41 34.54 -6.59
CA ASP A 275 -34.53 33.88 -7.91
C ASP A 275 -33.40 32.85 -8.24
N TYR A 276 -32.61 32.48 -7.22
CA TYR A 276 -31.63 31.37 -7.34
C TYR A 276 -31.64 30.63 -6.00
N ASP A 277 -31.02 29.46 -5.99
CA ASP A 277 -30.89 28.64 -4.78
C ASP A 277 -29.70 29.14 -3.98
N PRO A 278 -29.91 29.62 -2.73
CA PRO A 278 -28.75 30.14 -1.99
C PRO A 278 -27.65 29.12 -1.66
N CYS A 279 -27.94 27.83 -1.81
CA CYS A 279 -26.95 26.72 -1.66
C CYS A 279 -26.45 26.15 -2.98
N ASP A 280 -26.60 26.92 -4.06
CA ASP A 280 -26.04 26.56 -5.38
C ASP A 280 -24.67 27.18 -5.44
N PRO A 281 -23.59 26.34 -5.46
CA PRO A 281 -22.23 26.94 -5.43
C PRO A 281 -21.78 27.63 -6.72
N THR A 282 -22.66 27.73 -7.72
CA THR A 282 -22.40 28.53 -8.92
C THR A 282 -22.86 29.97 -8.71
N LYS A 283 -23.41 30.29 -7.52
CA LYS A 283 -24.00 31.57 -7.18
C LYS A 283 -23.27 32.27 -6.05
N THR A 284 -23.10 33.58 -6.17
CA THR A 284 -22.77 34.43 -5.04
C THR A 284 -24.03 35.06 -4.42
N TRP A 285 -23.88 35.61 -3.21
CA TRP A 285 -24.86 36.50 -2.58
C TRP A 285 -24.45 37.96 -2.75
N SER A 286 -25.41 38.80 -3.14
CA SER A 286 -25.20 40.26 -3.21
C SER A 286 -24.65 40.82 -1.89
N GLU A 287 -23.57 41.58 -2.00
CA GLU A 287 -22.98 42.29 -0.86
C GLU A 287 -23.79 43.50 -0.43
N GLU A 288 -24.65 44.02 -1.31
CA GLU A 288 -25.57 45.10 -0.89
C GLU A 288 -26.62 44.49 0.01
N ASP A 289 -27.26 43.39 -0.43
CA ASP A 289 -28.37 42.76 0.33
C ASP A 289 -27.89 42.01 1.56
N TYR A 290 -26.67 41.49 1.51
CA TYR A 290 -26.11 40.68 2.61
C TYR A 290 -24.68 41.16 2.88
N PRO A 291 -24.54 42.22 3.69
CA PRO A 291 -23.25 42.91 3.77
C PRO A 291 -22.18 42.06 4.46
N LEU A 292 -20.93 42.31 4.08
CA LEU A 292 -19.79 41.68 4.72
C LEU A 292 -19.64 42.15 6.16
N GLN A 293 -19.48 41.22 7.09
CA GLN A 293 -19.30 41.55 8.49
C GLN A 293 -17.96 41.05 8.95
N LYS A 294 -17.17 41.92 9.55
CA LYS A 294 -15.81 41.54 9.92
C LYS A 294 -15.82 40.61 11.13
N VAL A 295 -15.01 39.55 11.05
CA VAL A 295 -14.84 38.61 12.16
C VAL A 295 -13.46 38.73 12.82
N GLY A 296 -12.40 38.70 12.02
CA GLY A 296 -11.04 38.68 12.53
C GLY A 296 -9.98 38.71 11.45
N ARG A 297 -8.73 38.44 11.86
CA ARG A 297 -7.55 38.52 10.98
C ARG A 297 -6.69 37.26 11.20
N MET A 298 -6.19 36.72 10.08
CA MET A 298 -5.23 35.63 10.08
C MET A 298 -3.92 36.16 9.57
N THR A 299 -2.87 35.93 10.31
CA THR A 299 -1.53 36.29 9.89
C THR A 299 -0.69 35.02 9.80
N LEU A 300 -0.02 34.85 8.67
CA LEU A 300 0.96 33.80 8.51
C LEU A 300 2.40 34.26 8.85
N ASN A 301 2.99 33.61 9.87
CA ASN A 301 4.26 34.02 10.42
C ASN A 301 5.36 32.95 10.64
N ARG A 302 5.17 31.74 10.14
CA ARG A 302 6.14 30.67 10.36
C ARG A 302 6.14 29.68 9.21
N ASN A 303 7.30 29.52 8.62
CA ASN A 303 7.49 28.49 7.60
C ASN A 303 7.58 27.08 8.29
N PRO A 304 7.16 26.02 7.57
CA PRO A 304 7.32 24.70 8.16
C PRO A 304 8.78 24.28 8.25
N GLU A 305 9.08 23.28 9.06
CA GLU A 305 10.45 22.82 9.20
C GLU A 305 10.83 21.82 8.14
N ASN A 306 9.85 21.05 7.63
CA ASN A 306 10.10 20.07 6.55
C ASN A 306 8.94 20.06 5.60
N PHE A 307 9.21 20.32 4.33
CA PHE A 307 8.14 20.40 3.34
C PHE A 307 7.36 19.07 3.17
N PHE A 308 8.04 17.95 2.98
CA PHE A 308 7.33 16.66 2.85
C PHE A 308 6.46 16.33 4.12
N ALA A 309 7.06 16.40 5.32
CA ALA A 309 6.40 15.92 6.53
C ALA A 309 5.16 16.73 6.86
N GLU A 310 5.19 18.03 6.57
CA GLU A 310 4.17 18.98 6.98
C GLU A 310 3.27 19.45 5.82
N THR A 311 3.82 20.01 4.76
CA THR A 311 2.98 20.50 3.61
C THR A 311 2.51 19.35 2.71
N GLU A 312 3.40 18.46 2.30
CA GLU A 312 2.98 17.37 1.41
C GLU A 312 2.02 16.44 2.10
N GLN A 313 2.22 16.18 3.38
CA GLN A 313 1.39 15.20 4.10
C GLN A 313 0.15 15.85 4.77
N ALA A 314 -0.01 17.18 4.68
CA ALA A 314 -1.17 17.86 5.25
C ALA A 314 -2.45 17.34 4.66
N ALA A 315 -3.47 17.22 5.50
CA ALA A 315 -4.78 16.66 5.09
C ALA A 315 -5.88 17.55 5.59
N PHE A 316 -6.65 18.12 4.67
CA PHE A 316 -7.80 18.99 5.00
C PHE A 316 -9.07 18.27 4.53
N THR A 317 -10.19 18.48 5.22
CA THR A 317 -11.48 18.05 4.71
C THR A 317 -12.59 19.04 5.10
N PRO A 318 -13.47 19.37 4.16
CA PRO A 318 -14.66 20.16 4.54
C PRO A 318 -15.58 19.55 5.61
N SER A 319 -15.50 18.22 5.76
CA SER A 319 -16.20 17.52 6.82
C SER A 319 -15.56 17.65 8.22
N ALA A 320 -14.38 18.27 8.35
CA ALA A 320 -13.81 18.52 9.67
C ALA A 320 -14.48 19.78 10.18
N LEU A 321 -15.68 19.58 10.69
CA LEU A 321 -16.51 20.70 11.20
C LEU A 321 -16.47 20.66 12.74
N VAL A 322 -16.83 21.76 13.38
CA VAL A 322 -16.82 21.88 14.84
C VAL A 322 -18.22 22.34 15.29
N PRO A 323 -18.57 22.11 16.57
CA PRO A 323 -19.87 22.52 17.05
C PRO A 323 -20.16 23.98 16.81
N GLY A 324 -21.36 24.26 16.27
CA GLY A 324 -21.71 25.62 15.81
C GLY A 324 -21.55 25.88 14.31
N ILE A 325 -20.82 24.99 13.60
CA ILE A 325 -20.59 25.06 12.15
C ILE A 325 -20.90 23.76 11.47
N GLU A 326 -21.80 23.80 10.50
CA GLU A 326 -22.38 22.60 9.91
C GLU A 326 -22.45 22.73 8.39
N ALA A 327 -22.51 21.59 7.71
CA ALA A 327 -22.73 21.58 6.27
C ALA A 327 -24.08 22.21 5.94
N SER A 328 -24.17 22.86 4.77
CA SER A 328 -25.42 23.00 4.10
C SER A 328 -25.78 21.82 3.21
N GLU A 329 -26.98 21.91 2.67
CA GLU A 329 -27.51 20.96 1.69
C GLU A 329 -26.83 20.99 0.30
N ASP A 330 -25.92 21.93 0.07
CA ASP A 330 -25.19 22.07 -1.20
C ASP A 330 -24.62 20.71 -1.67
N LYS A 331 -25.05 20.23 -2.85
CA LYS A 331 -24.81 18.84 -3.25
C LYS A 331 -23.35 18.65 -3.65
N LEU A 332 -22.70 19.75 -4.00
CA LEU A 332 -21.28 19.72 -4.28
C LEU A 332 -20.54 19.49 -2.95
N LEU A 333 -20.88 20.30 -1.96
CA LEU A 333 -20.36 20.11 -0.61
C LEU A 333 -20.58 18.69 -0.08
N GLN A 334 -21.77 18.15 -0.27
CA GLN A 334 -22.11 16.88 0.31
C GLN A 334 -21.13 15.77 -0.14
N GLY A 335 -20.79 15.75 -1.43
CA GLY A 335 -19.77 14.81 -1.94
C GLY A 335 -18.35 15.00 -1.38
N ARG A 336 -17.94 16.26 -1.25
CA ARG A 336 -16.68 16.62 -0.63
C ARG A 336 -16.54 16.05 0.79
N LEU A 337 -17.61 15.95 1.56
CA LEU A 337 -17.57 15.42 2.95
C LEU A 337 -17.01 14.01 3.04
N PHE A 338 -17.34 13.20 2.03
CA PHE A 338 -16.80 11.85 1.80
C PHE A 338 -15.39 11.80 1.17
N SER A 339 -15.22 12.49 0.06
CA SER A 339 -14.07 12.34 -0.83
C SER A 339 -12.74 12.65 -0.19
N TYR A 340 -12.70 13.65 0.70
CA TYR A 340 -11.40 14.10 1.22
C TYR A 340 -10.81 13.04 2.16
N PRO A 341 -11.57 12.57 3.18
CA PRO A 341 -10.94 11.57 4.09
C PRO A 341 -10.76 10.26 3.38
N ASP A 342 -11.62 10.00 2.40
CA ASP A 342 -11.45 8.85 1.53
C ASP A 342 -10.10 8.80 0.77
N THR A 343 -9.75 9.87 0.06
CA THR A 343 -8.55 9.93 -0.73
C THR A 343 -7.37 9.92 0.23
N GLN A 344 -7.50 10.53 1.41
CA GLN A 344 -6.39 10.70 2.35
C GLN A 344 -5.97 9.41 3.00
N ARG A 345 -6.92 8.55 3.23
CA ARG A 345 -6.62 7.19 3.69
C ARG A 345 -5.81 6.39 2.71
N HIS A 346 -6.08 6.56 1.42
CA HIS A 346 -5.22 6.02 0.35
C HIS A 346 -3.89 6.76 0.18
N ARG A 347 -3.93 8.08 0.11
CA ARG A 347 -2.71 8.90 -0.12
C ARG A 347 -1.71 8.78 1.05
N LEU A 348 -2.21 8.69 2.27
CA LEU A 348 -1.40 8.92 3.49
C LEU A 348 -1.39 7.75 4.46
N GLY A 349 -2.35 6.82 4.35
CA GLY A 349 -2.55 5.74 5.31
C GLY A 349 -3.78 5.89 6.18
N ALA A 350 -4.25 4.75 6.66
CA ALA A 350 -5.36 4.70 7.58
C ALA A 350 -5.19 5.65 8.76
N ASN A 351 -3.96 5.75 9.25
CA ASN A 351 -3.64 6.56 10.46
C ASN A 351 -3.08 7.98 10.18
N TYR A 352 -3.50 8.56 9.05
CA TYR A 352 -3.00 9.87 8.60
C TYR A 352 -3.27 10.96 9.60
N MET A 353 -4.29 10.77 10.44
CA MET A 353 -4.65 11.74 11.45
C MET A 353 -3.70 11.82 12.63
N ARG A 354 -2.76 10.89 12.71
CA ARG A 354 -1.70 10.95 13.69
C ARG A 354 -0.42 11.58 13.16
N ILE A 355 -0.35 11.91 11.88
CA ILE A 355 0.78 12.64 11.35
C ILE A 355 0.75 14.03 12.03
N PRO A 356 1.90 14.54 12.49
CA PRO A 356 1.87 15.71 13.39
C PRO A 356 1.07 16.92 12.92
N VAL A 357 1.24 17.38 11.68
CA VAL A 357 0.47 18.54 11.17
C VAL A 357 -1.03 18.30 11.19
N ASN A 358 -1.48 17.03 11.13
CA ASN A 358 -2.89 16.73 11.11
C ASN A 358 -3.53 16.51 12.48
N CYS A 359 -2.70 16.35 13.51
CA CYS A 359 -3.18 16.18 14.88
C CYS A 359 -3.92 17.39 15.44
N PRO A 360 -5.03 17.14 16.15
CA PRO A 360 -5.67 18.20 16.90
C PRO A 360 -4.87 18.58 18.10
N TYR A 361 -5.07 19.82 18.58
CA TYR A 361 -4.66 20.19 19.93
C TYR A 361 -5.60 19.61 20.99
N ALA A 362 -6.90 19.60 20.72
CA ALA A 362 -7.91 18.99 21.57
C ALA A 362 -7.63 17.47 21.78
N PRO A 363 -8.05 16.91 22.93
CA PRO A 363 -7.80 15.52 23.27
C PRO A 363 -8.50 14.59 22.28
N VAL A 364 -7.89 13.46 21.97
CA VAL A 364 -8.51 12.43 21.17
C VAL A 364 -8.64 11.17 22.01
N HIS A 365 -9.86 10.64 22.11
CA HIS A 365 -10.06 9.38 22.81
C HIS A 365 -11.15 8.62 22.09
N ASN A 366 -10.88 7.42 21.60
CA ASN A 366 -11.96 6.61 21.07
C ASN A 366 -11.60 5.14 21.01
N ASN A 367 -12.46 4.34 20.39
CA ASN A 367 -12.25 2.90 20.41
C ASN A 367 -11.70 2.34 19.10
N GLN A 368 -11.20 3.19 18.21
CA GLN A 368 -10.58 2.77 16.95
C GLN A 368 -9.22 2.16 17.31
N GLN A 369 -8.69 1.30 16.46
CA GLN A 369 -7.41 0.69 16.75
C GLN A 369 -6.70 0.26 15.52
N ASP A 370 -5.40 0.02 15.68
CA ASP A 370 -4.53 -0.71 14.72
C ASP A 370 -4.43 0.08 13.41
N GLY A 371 -4.34 -0.63 12.30
CA GLY A 371 -4.00 -0.02 11.00
C GLY A 371 -2.52 0.14 10.78
N PHE A 372 -2.14 0.26 9.51
N PHE A 372 -2.16 0.29 9.51
CA PHE A 372 -0.74 0.39 9.10
CA PHE A 372 -0.83 0.59 9.07
C PHE A 372 -0.09 1.51 9.88
C PHE A 372 -0.11 1.56 9.92
N MET A 373 1.13 1.26 10.30
CA MET A 373 1.97 2.27 11.04
C MET A 373 1.36 2.80 12.32
N THR A 374 1.06 1.90 13.25
CA THR A 374 0.54 2.26 14.54
C THR A 374 1.69 2.67 15.44
N THR A 375 1.78 3.97 15.73
CA THR A 375 2.96 4.55 16.39
C THR A 375 2.61 5.18 17.74
N THR A 376 1.35 5.11 18.13
CA THR A 376 0.85 5.87 19.25
C THR A 376 0.92 5.12 20.63
N ARG A 377 1.60 3.99 20.73
CA ARG A 377 1.72 3.27 22.01
C ARG A 377 0.37 3.06 22.73
N PRO A 378 -0.59 2.40 22.07
CA PRO A 378 -1.88 2.15 22.70
C PRO A 378 -1.79 1.16 23.86
N SER A 379 -2.79 1.19 24.73
CA SER A 379 -2.85 0.34 25.93
C SER A 379 -4.29 0.18 26.36
N GLY A 380 -4.58 -0.76 27.27
CA GLY A 380 -5.95 -0.98 27.75
C GLY A 380 -6.67 -2.16 27.06
N HIS A 381 -7.56 -2.77 27.84
CA HIS A 381 -8.32 -3.95 27.47
C HIS A 381 -9.67 -3.60 26.79
N ILE A 382 -10.10 -2.35 26.90
CA ILE A 382 -11.49 -1.98 26.51
C ILE A 382 -11.48 -1.12 25.26
N ASN A 383 -11.96 -1.69 24.16
CA ASN A 383 -11.96 -1.03 22.84
C ASN A 383 -13.33 -1.12 22.22
N TYR A 384 -14.37 -1.14 23.06
CA TYR A 384 -15.78 -1.26 22.67
C TYR A 384 -16.62 -0.41 23.63
N GLU A 385 -17.76 0.07 23.15
CA GLU A 385 -18.75 0.85 23.90
C GLU A 385 -20.11 0.50 23.33
N PRO A 386 -21.13 0.29 24.18
CA PRO A 386 -21.14 0.43 25.63
C PRO A 386 -20.29 -0.59 26.39
N ASN A 387 -19.82 -0.18 27.57
CA ASN A 387 -19.10 -1.03 28.47
C ASN A 387 -19.44 -0.60 29.88
N ARG A 388 -19.10 -1.43 30.86
CA ARG A 388 -19.47 -1.21 32.26
C ARG A 388 -18.53 -0.31 33.01
N TYR A 389 -17.56 0.32 32.33
CA TYR A 389 -16.55 1.13 33.02
C TYR A 389 -16.79 2.64 32.91
N ASP A 390 -16.98 3.29 34.06
CA ASP A 390 -17.30 4.73 34.10
C ASP A 390 -16.15 5.65 33.63
N ASP A 391 -14.91 5.18 33.76
CA ASP A 391 -13.73 5.94 33.41
C ASP A 391 -13.39 5.87 31.91
N GLN A 392 -14.03 5.00 31.15
CA GLN A 392 -13.75 4.89 29.74
C GLN A 392 -14.50 6.01 29.00
N PRO A 393 -14.03 6.38 27.81
CA PRO A 393 -14.72 7.45 27.08
C PRO A 393 -16.19 7.17 26.76
N LYS A 394 -17.03 8.19 26.93
CA LYS A 394 -18.47 8.09 26.72
C LYS A 394 -18.97 9.21 25.83
N GLU A 395 -20.09 8.96 25.14
CA GLU A 395 -20.71 10.05 24.37
C GLU A 395 -21.07 11.19 25.30
N ASN A 396 -21.23 12.36 24.72
CA ASN A 396 -21.57 13.55 25.48
C ASN A 396 -22.67 14.34 24.78
N PRO A 397 -23.89 14.28 25.34
CA PRO A 397 -25.05 14.86 24.66
C PRO A 397 -25.05 16.40 24.54
N HIS A 398 -24.22 17.10 25.27
CA HIS A 398 -24.07 18.56 25.07
C HIS A 398 -23.53 18.92 23.67
N TYR A 399 -22.92 17.95 22.97
CA TYR A 399 -22.34 18.17 21.63
C TYR A 399 -23.09 17.35 20.60
N LYS A 400 -24.31 17.77 20.28
CA LYS A 400 -25.05 17.16 19.19
C LYS A 400 -25.16 18.22 18.09
N GLU A 401 -25.10 17.80 16.85
CA GLU A 401 -25.38 18.69 15.75
C GLU A 401 -26.88 19.03 15.70
N SER A 402 -27.21 20.10 14.97
CA SER A 402 -28.62 20.45 14.71
C SER A 402 -29.33 19.35 13.92
N GLU A 403 -30.64 19.53 13.78
CA GLU A 403 -31.47 18.60 13.03
C GLU A 403 -32.17 19.31 11.90
N PRO A 404 -31.46 19.55 10.79
CA PRO A 404 -32.05 20.33 9.69
C PRO A 404 -33.36 19.73 9.18
N VAL A 405 -34.29 20.62 8.85
CA VAL A 405 -35.57 20.28 8.29
C VAL A 405 -35.40 19.82 6.85
N LEU A 406 -36.08 18.73 6.50
CA LEU A 406 -36.10 18.21 5.14
C LEU A 406 -37.37 18.64 4.43
N HIS A 407 -37.23 19.33 3.32
CA HIS A 407 -38.38 19.75 2.57
C HIS A 407 -38.89 18.63 1.63
N GLY A 408 -38.00 17.79 1.12
CA GLY A 408 -38.38 16.70 0.21
C GLY A 408 -38.89 15.45 0.90
N ASP A 409 -39.69 14.69 0.19
CA ASP A 409 -40.41 13.55 0.78
C ASP A 409 -40.09 12.19 0.10
N ARG A 410 -39.23 12.23 -0.93
CA ARG A 410 -38.72 11.03 -1.62
C ARG A 410 -37.19 11.08 -1.82
N MET A 411 -36.58 9.90 -1.91
CA MET A 411 -35.21 9.75 -2.45
C MET A 411 -35.15 9.90 -3.97
N VAL A 412 -34.51 10.97 -4.45
CA VAL A 412 -34.58 11.34 -5.85
CA VAL A 412 -34.58 11.35 -5.87
C VAL A 412 -33.19 11.68 -6.40
N ARG A 413 -33.06 11.60 -7.71
CA ARG A 413 -31.95 12.16 -8.46
C ARG A 413 -32.48 13.17 -9.45
N GLN A 414 -32.32 14.44 -9.12
CA GLN A 414 -33.04 15.52 -9.74
C GLN A 414 -32.30 16.83 -9.55
N LYS A 415 -32.17 17.61 -10.62
CA LYS A 415 -31.56 18.93 -10.49
C LYS A 415 -32.35 19.85 -9.53
N ILE A 416 -31.64 20.70 -8.80
CA ILE A 416 -32.29 21.78 -8.08
C ILE A 416 -33.23 22.63 -8.96
N GLU A 417 -34.27 23.15 -8.32
CA GLU A 417 -35.12 24.17 -8.93
C GLU A 417 -34.35 25.50 -9.00
N LYS A 418 -34.83 26.39 -9.86
CA LYS A 418 -34.17 27.66 -10.20
C LYS A 418 -32.61 27.59 -10.39
N PRO A 419 -32.19 26.78 -11.36
CA PRO A 419 -30.77 26.72 -11.68
C PRO A 419 -30.24 28.07 -12.16
N ASN A 420 -31.05 28.84 -12.92
CA ASN A 420 -30.69 30.20 -13.31
C ASN A 420 -29.21 30.30 -13.78
N ASP A 421 -28.85 29.62 -14.86
CA ASP A 421 -27.42 29.37 -15.16
C ASP A 421 -26.67 30.61 -15.66
N PHE A 422 -27.37 31.64 -16.14
CA PHE A 422 -26.69 32.69 -16.91
C PHE A 422 -26.72 34.07 -16.28
N LYS A 423 -27.65 34.31 -15.34
CA LYS A 423 -27.93 35.68 -14.90
C LYS A 423 -26.71 36.29 -14.20
N GLN A 424 -26.16 35.59 -13.20
CA GLN A 424 -25.05 36.15 -12.44
C GLN A 424 -23.81 36.30 -13.34
N ALA A 425 -23.69 35.46 -14.36
CA ALA A 425 -22.55 35.56 -15.28
C ALA A 425 -22.63 36.90 -16.05
N GLY A 426 -23.85 37.29 -16.42
CA GLY A 426 -24.06 38.60 -17.04
C GLY A 426 -23.79 39.75 -16.05
N GLU A 427 -24.25 39.58 -14.81
CA GLU A 427 -24.03 40.60 -13.79
C GLU A 427 -22.55 40.79 -13.57
N LYS A 428 -21.80 39.69 -13.52
CA LYS A 428 -20.37 39.81 -13.35
C LYS A 428 -19.75 40.53 -14.54
N TYR A 429 -20.10 40.10 -15.75
CA TYR A 429 -19.53 40.69 -16.97
C TYR A 429 -19.68 42.20 -16.93
N ARG A 430 -20.90 42.63 -16.67
CA ARG A 430 -21.20 44.07 -16.66
C ARG A 430 -20.51 44.82 -15.52
N SER A 431 -20.13 44.12 -14.45
CA SER A 431 -19.43 44.76 -13.35
C SER A 431 -17.94 45.01 -13.70
N TYR A 432 -17.41 44.34 -14.73
CA TYR A 432 -16.04 44.60 -15.18
C TYR A 432 -15.88 45.99 -15.80
N SER A 433 -14.75 46.63 -15.55
CA SER A 433 -14.31 47.82 -16.30
C SER A 433 -14.05 47.42 -17.76
N GLU A 434 -13.97 48.41 -18.64
CA GLU A 434 -13.78 48.14 -20.05
C GLU A 434 -12.47 47.40 -20.28
N GLU A 435 -11.43 47.79 -19.54
CA GLU A 435 -10.15 47.14 -19.62
C GLU A 435 -10.25 45.66 -19.16
N GLU A 436 -10.99 45.40 -18.10
CA GLU A 436 -11.21 44.02 -17.64
C GLU A 436 -12.03 43.19 -18.63
N LYS A 437 -13.06 43.80 -19.22
CA LYS A 437 -13.81 43.13 -20.29
C LYS A 437 -12.90 42.73 -21.46
N GLN A 438 -12.01 43.63 -21.88
CA GLN A 438 -11.11 43.31 -22.99
C GLN A 438 -10.15 42.19 -22.64
N ALA A 439 -9.62 42.19 -21.43
CA ALA A 439 -8.75 41.09 -21.02
C ALA A 439 -9.51 39.75 -21.06
N LEU A 440 -10.74 39.75 -20.56
CA LEU A 440 -11.60 38.56 -20.55
C LEU A 440 -11.78 37.97 -21.96
N ILE A 441 -12.11 38.85 -22.92
CA ILE A 441 -12.39 38.42 -24.28
C ILE A 441 -11.10 37.92 -24.90
N LYS A 442 -10.02 38.65 -24.66
CA LYS A 442 -8.65 38.25 -25.11
C LYS A 442 -8.29 36.88 -24.59
N ASN A 443 -8.49 36.68 -23.29
CA ASN A 443 -8.13 35.41 -22.64
C ASN A 443 -8.99 34.29 -23.18
N LEU A 444 -10.29 34.55 -23.34
CA LEU A 444 -11.23 33.53 -23.84
C LEU A 444 -10.91 33.15 -25.29
N THR A 445 -10.51 34.15 -26.06
CA THR A 445 -10.29 33.97 -27.49
C THR A 445 -9.05 33.12 -27.73
N ALA A 446 -7.98 33.43 -27.03
CA ALA A 446 -6.76 32.60 -27.13
C ALA A 446 -6.99 31.12 -26.69
N ASP A 447 -7.94 30.89 -25.80
CA ASP A 447 -8.29 29.53 -25.37
C ASP A 447 -9.24 28.81 -26.32
N LEU A 448 -10.13 29.58 -26.98
CA LEU A 448 -11.21 28.96 -27.76
C LEU A 448 -10.83 28.79 -29.24
N LYS A 449 -9.83 29.52 -29.70
CA LYS A 449 -9.63 29.66 -31.15
C LYS A 449 -9.41 28.31 -31.85
N GLY A 450 -8.82 27.35 -31.15
CA GLY A 450 -8.48 26.07 -31.79
C GLY A 450 -9.45 24.95 -31.55
N VAL A 451 -10.56 25.19 -30.84
CA VAL A 451 -11.43 24.09 -30.44
C VAL A 451 -12.38 23.80 -31.59
N ASN A 452 -13.02 22.65 -31.53
CA ASN A 452 -13.91 22.21 -32.58
C ASN A 452 -15.07 23.20 -32.75
N GLU A 453 -15.46 23.43 -34.01
CA GLU A 453 -16.39 24.53 -34.38
C GLU A 453 -17.76 24.52 -33.69
N LYS A 454 -18.38 23.35 -33.59
CA LYS A 454 -19.65 23.23 -32.89
C LYS A 454 -19.57 23.63 -31.40
N THR A 455 -18.48 23.22 -30.77
CA THR A 455 -18.29 23.47 -29.33
C THR A 455 -17.99 24.96 -29.10
N LYS A 456 -17.21 25.51 -30.02
CA LYS A 456 -16.91 26.93 -30.07
C LYS A 456 -18.20 27.74 -30.11
N LEU A 457 -19.10 27.33 -30.98
CA LEU A 457 -20.37 28.02 -31.11
C LEU A 457 -21.21 27.94 -29.85
N LEU A 458 -21.27 26.76 -29.23
CA LEU A 458 -22.05 26.61 -28.02
C LEU A 458 -21.51 27.46 -26.89
N ALA A 459 -20.20 27.59 -26.81
CA ALA A 459 -19.58 28.47 -25.81
C ALA A 459 -20.01 29.92 -25.97
N ILE A 460 -19.94 30.37 -27.23
CA ILE A 460 -20.41 31.72 -27.57
C ILE A 460 -21.87 31.91 -27.16
N CYS A 461 -22.72 30.97 -27.53
CA CYS A 461 -24.12 31.06 -27.13
C CYS A 461 -24.35 31.13 -25.60
N ASN A 462 -23.58 30.35 -24.83
CA ASN A 462 -23.73 30.39 -23.38
C ASN A 462 -23.39 31.79 -22.85
N PHE A 463 -22.28 32.34 -23.33
CA PHE A 463 -21.87 33.67 -22.90
C PHE A 463 -22.82 34.77 -23.46
N TYR A 464 -23.38 34.52 -24.64
CA TYR A 464 -24.43 35.42 -25.18
C TYR A 464 -25.68 35.45 -24.29
N ARG A 465 -26.14 34.28 -23.83
CA ARG A 465 -27.23 34.19 -22.86
C ARG A 465 -26.94 34.91 -21.56
N ALA A 466 -25.69 34.93 -21.15
CA ALA A 466 -25.29 35.70 -19.97
C ALA A 466 -25.43 37.20 -20.26
N ASP A 467 -24.82 37.65 -21.37
CA ASP A 467 -24.96 39.06 -21.78
C ASP A 467 -24.71 39.18 -23.28
N GLU A 468 -25.59 39.89 -24.01
CA GLU A 468 -25.50 39.93 -25.49
C GLU A 468 -24.21 40.55 -25.99
N ASP A 469 -23.74 41.57 -25.30
CA ASP A 469 -22.48 42.24 -25.64
C ASP A 469 -21.26 41.34 -25.40
N TYR A 470 -21.29 40.64 -24.25
CA TYR A 470 -20.29 39.65 -23.90
C TYR A 470 -20.16 38.63 -25.00
N GLY A 471 -21.27 38.05 -25.39
CA GLY A 471 -21.26 37.06 -26.45
C GLY A 471 -20.94 37.56 -27.83
N GLN A 472 -21.47 38.75 -28.17
CA GLN A 472 -21.14 39.35 -29.47
C GLN A 472 -19.65 39.66 -29.63
N ARG A 473 -19.08 40.28 -28.58
CA ARG A 473 -17.66 40.61 -28.61
C ARG A 473 -16.81 39.33 -28.82
N LEU A 474 -17.18 38.26 -28.11
CA LEU A 474 -16.41 37.01 -28.19
C LEU A 474 -16.52 36.44 -29.60
N ALA A 475 -17.76 36.45 -30.14
CA ALA A 475 -18.00 36.00 -31.53
C ALA A 475 -17.15 36.77 -32.56
N ASP A 476 -17.19 38.09 -32.47
CA ASP A 476 -16.40 38.95 -33.37
C ASP A 476 -14.93 38.62 -33.29
N SER A 477 -14.44 38.51 -32.05
CA SER A 477 -13.01 38.27 -31.78
C SER A 477 -12.58 36.88 -32.28
N LEU A 478 -13.49 35.92 -32.29
CA LEU A 478 -13.22 34.60 -32.84
C LEU A 478 -13.54 34.42 -34.34
N GLY A 479 -14.06 35.48 -35.00
CA GLY A 479 -14.45 35.36 -36.40
C GLY A 479 -15.65 34.44 -36.60
N VAL A 480 -16.56 34.36 -35.62
CA VAL A 480 -17.72 33.50 -35.76
C VAL A 480 -18.98 34.29 -36.01
N ASP A 481 -19.72 33.76 -36.99
CA ASP A 481 -20.93 34.32 -37.56
C ASP A 481 -22.14 33.70 -36.83
N ILE A 482 -22.81 34.52 -36.04
CA ILE A 482 -23.88 34.07 -35.14
C ILE A 482 -25.27 34.45 -35.66
N ARG A 483 -25.31 34.91 -36.92
CA ARG A 483 -26.57 35.30 -37.60
C ARG A 483 -27.72 34.27 -37.71
N SER A 484 -27.40 33.01 -37.94
CA SER A 484 -28.45 31.99 -37.98
C SER A 484 -29.17 31.81 -36.64
N TYR A 485 -28.43 32.04 -35.55
CA TYR A 485 -28.94 31.88 -34.22
C TYR A 485 -29.27 33.28 -33.79
N HIS B 6 7.08 -30.38 -21.20
CA HIS B 6 8.51 -30.07 -20.79
C HIS B 6 8.90 -28.59 -20.98
N LYS B 7 9.18 -27.89 -19.87
CA LYS B 7 9.18 -26.44 -19.82
C LYS B 7 10.40 -25.93 -19.07
N ASN B 8 10.87 -24.73 -19.42
CA ASN B 8 11.88 -24.03 -18.63
C ASN B 8 11.26 -23.29 -17.46
N LEU B 9 11.90 -23.42 -16.31
CA LEU B 9 11.81 -22.39 -15.27
C LEU B 9 12.37 -21.07 -15.82
N THR B 10 11.68 -19.95 -15.58
CA THR B 10 12.16 -18.64 -16.03
C THR B 10 12.11 -17.63 -14.90
N THR B 11 12.82 -16.52 -15.05
CA THR B 11 12.53 -15.28 -14.32
C THR B 11 11.21 -14.59 -14.84
N ASN B 12 10.72 -13.58 -14.12
CA ASN B 12 9.54 -12.82 -14.55
C ASN B 12 9.80 -12.02 -15.80
N GLN B 13 11.06 -11.84 -16.16
CA GLN B 13 11.46 -11.21 -17.42
C GLN B 13 11.48 -12.20 -18.58
N GLY B 14 11.14 -13.45 -18.32
CA GLY B 14 11.13 -14.51 -19.38
C GLY B 14 12.49 -15.14 -19.72
N VAL B 15 13.49 -14.90 -18.87
CA VAL B 15 14.83 -15.49 -19.09
C VAL B 15 14.87 -16.85 -18.44
N PRO B 16 15.25 -17.90 -19.20
CA PRO B 16 15.37 -19.22 -18.56
C PRO B 16 16.40 -19.23 -17.39
N VAL B 17 16.10 -20.02 -16.37
CA VAL B 17 16.91 -20.08 -15.18
C VAL B 17 17.92 -21.25 -15.29
N GLY B 18 19.20 -20.94 -15.14
CA GLY B 18 20.26 -21.94 -15.28
C GLY B 18 20.39 -22.89 -14.08
N ASP B 19 20.10 -22.37 -12.90
CA ASP B 19 20.37 -23.07 -11.63
C ASP B 19 19.37 -22.56 -10.64
N ASN B 20 18.40 -23.40 -10.31
CA ASN B 20 17.42 -23.04 -9.28
C ASN B 20 17.79 -23.62 -7.90
N GLN B 21 19.02 -24.10 -7.75
CA GLN B 21 19.46 -24.75 -6.50
C GLN B 21 20.41 -23.86 -5.71
N ASN B 22 21.33 -23.18 -6.40
CA ASN B 22 22.45 -22.51 -5.73
C ASN B 22 22.43 -20.99 -5.94
N SER B 23 22.59 -20.27 -4.84
CA SER B 23 22.89 -18.84 -4.89
C SER B 23 24.26 -18.57 -5.54
N ARG B 24 24.46 -17.34 -6.01
CA ARG B 24 25.72 -16.95 -6.64
C ARG B 24 26.67 -16.43 -5.58
N THR B 25 27.87 -17.01 -5.52
CA THR B 25 28.75 -16.79 -4.37
C THR B 25 30.23 -16.64 -4.81
N ALA B 26 31.06 -16.20 -3.88
CA ALA B 26 32.52 -16.19 -4.07
C ALA B 26 33.16 -17.58 -3.88
N GLY B 27 33.25 -18.37 -4.96
CA GLY B 27 33.57 -19.79 -4.80
C GLY B 27 32.46 -20.59 -4.13
N HIS B 28 32.66 -21.90 -4.05
CA HIS B 28 31.63 -22.85 -3.65
C HIS B 28 31.20 -22.67 -2.18
N ARG B 29 31.99 -22.00 -1.36
CA ARG B 29 31.57 -21.81 0.01
C ARG B 29 31.64 -20.37 0.50
N GLY B 30 31.69 -19.40 -0.40
CA GLY B 30 31.95 -18.01 0.02
C GLY B 30 30.62 -17.30 0.27
N PRO B 31 30.68 -16.02 0.67
CA PRO B 31 29.49 -15.17 0.77
C PRO B 31 28.86 -14.81 -0.59
N SER B 32 27.63 -14.28 -0.52
CA SER B 32 26.73 -14.23 -1.66
C SER B 32 26.83 -12.88 -2.36
N PHE B 33 26.68 -12.89 -3.67
CA PHE B 33 26.74 -11.65 -4.46
C PHE B 33 25.38 -10.99 -4.65
N LEU B 34 25.44 -9.67 -4.69
CA LEU B 34 24.24 -8.82 -4.99
C LEU B 34 23.70 -9.01 -6.45
N ASP B 35 24.61 -9.24 -7.39
CA ASP B 35 24.26 -9.58 -8.77
C ASP B 35 23.82 -11.04 -8.89
N ASP B 36 22.62 -11.30 -8.36
CA ASP B 36 21.94 -12.59 -8.54
C ASP B 36 20.49 -12.27 -8.69
N TYR B 37 20.10 -11.88 -9.91
CA TYR B 37 18.74 -11.35 -10.16
C TYR B 37 17.70 -12.45 -9.82
N HIS B 38 17.99 -13.72 -10.14
CA HIS B 38 17.02 -14.79 -9.87
C HIS B 38 16.76 -14.95 -8.39
N LEU B 39 17.81 -14.89 -7.59
CA LEU B 39 17.66 -15.00 -6.13
C LEU B 39 16.84 -13.82 -5.58
N ILE B 40 17.22 -12.60 -5.96
CA ILE B 40 16.55 -11.42 -5.41
C ILE B 40 15.09 -11.35 -5.89
N GLU B 41 14.83 -11.67 -7.15
CA GLU B 41 13.48 -11.62 -7.67
C GLU B 41 12.58 -12.65 -6.98
N LYS B 42 13.14 -13.83 -6.74
CA LYS B 42 12.38 -14.95 -6.18
C LYS B 42 12.08 -14.69 -4.72
N LEU B 43 13.04 -14.18 -4.00
CA LEU B 43 12.85 -13.88 -2.57
C LEU B 43 11.95 -12.68 -2.40
N ALA B 44 12.16 -11.67 -3.23
CA ALA B 44 11.37 -10.42 -3.10
C ALA B 44 9.90 -10.66 -3.36
N HIS B 45 9.57 -11.52 -4.32
CA HIS B 45 8.17 -11.86 -4.51
C HIS B 45 7.57 -12.75 -3.43
N PHE B 46 8.29 -13.79 -3.00
CA PHE B 46 7.95 -14.54 -1.78
C PHE B 46 7.69 -13.69 -0.54
N ASP B 47 8.58 -12.70 -0.31
CA ASP B 47 8.44 -11.63 0.71
C ASP B 47 7.17 -10.72 0.59
N ARG B 48 6.49 -10.77 -0.55
CA ARG B 48 5.28 -9.96 -0.79
C ARG B 48 4.01 -10.76 -1.10
N GLU B 49 4.00 -12.08 -0.79
CA GLU B 49 2.86 -12.91 -1.13
C GLU B 49 1.57 -12.48 -0.41
N ARG B 50 1.69 -11.97 0.82
CA ARG B 50 0.53 -11.90 1.71
C ARG B 50 -0.14 -10.57 1.57
N ILE B 51 -1.45 -10.60 1.63
CA ILE B 51 -2.28 -9.41 1.74
C ILE B 51 -3.10 -9.47 3.05
N PRO B 52 -3.72 -8.33 3.46
CA PRO B 52 -4.48 -8.35 4.70
C PRO B 52 -5.64 -9.29 4.60
N GLU B 53 -5.91 -10.02 5.70
CA GLU B 53 -7.07 -10.90 5.73
C GLU B 53 -8.31 -10.01 5.88
N ARG B 54 -9.48 -10.55 5.55
CA ARG B 54 -10.73 -9.89 5.87
C ARG B 54 -10.87 -9.51 7.35
N VAL B 55 -11.43 -8.34 7.61
CA VAL B 55 -11.47 -7.81 9.02
C VAL B 55 -12.39 -8.63 9.87
N VAL B 56 -13.43 -9.21 9.22
CA VAL B 56 -14.20 -10.29 9.79
C VAL B 56 -14.43 -11.35 8.72
N HIS B 57 -14.87 -12.55 9.14
CA HIS B 57 -15.02 -13.68 8.22
C HIS B 57 -13.71 -14.11 7.49
N ALA B 58 -12.60 -13.96 8.17
CA ALA B 58 -11.26 -14.24 7.58
C ALA B 58 -11.06 -15.70 7.17
N ARG B 59 -11.55 -16.63 7.99
CA ARG B 59 -11.58 -18.04 7.69
C ARG B 59 -12.76 -18.46 6.83
N GLY B 60 -12.49 -19.03 5.68
CA GLY B 60 -13.58 -19.44 4.80
C GLY B 60 -13.16 -20.30 3.63
N ALA B 61 -14.16 -20.72 2.84
CA ALA B 61 -13.94 -21.57 1.69
C ALA B 61 -14.97 -21.30 0.58
N GLY B 62 -14.52 -21.46 -0.66
CA GLY B 62 -15.31 -21.08 -1.83
C GLY B 62 -15.61 -22.22 -2.78
N ALA B 63 -16.70 -22.07 -3.52
CA ALA B 63 -16.98 -22.95 -4.67
C ALA B 63 -17.81 -22.21 -5.73
N TYR B 64 -17.75 -22.67 -6.97
CA TYR B 64 -18.68 -22.22 -8.00
C TYR B 64 -19.86 -23.15 -8.19
N GLY B 65 -20.93 -22.64 -8.80
CA GLY B 65 -22.06 -23.48 -9.20
C GLY B 65 -23.03 -22.77 -10.10
N VAL B 66 -24.30 -23.18 -10.01
CA VAL B 66 -25.34 -22.65 -10.88
C VAL B 66 -26.59 -22.45 -10.08
N PHE B 67 -27.29 -21.34 -10.32
CA PHE B 67 -28.64 -21.15 -9.82
C PHE B 67 -29.68 -21.34 -10.96
N GLU B 68 -30.72 -22.12 -10.70
CA GLU B 68 -31.81 -22.34 -11.67
C GLU B 68 -33.20 -21.94 -11.13
N VAL B 69 -33.89 -21.09 -11.88
CA VAL B 69 -35.23 -20.62 -11.51
C VAL B 69 -36.24 -21.72 -11.69
N GLU B 70 -37.03 -21.99 -10.65
CA GLU B 70 -38.19 -22.87 -10.80
C GLU B 70 -39.45 -22.06 -11.06
N ASN B 71 -39.62 -20.97 -10.32
CA ASN B 71 -40.80 -20.13 -10.46
C ASN B 71 -40.35 -18.72 -10.77
N SER B 72 -40.76 -18.25 -11.93
CA SER B 72 -40.41 -16.91 -12.31
C SER B 72 -41.04 -15.86 -11.34
N MET B 73 -40.32 -14.80 -11.04
CA MET B 73 -40.73 -13.83 -10.01
C MET B 73 -41.12 -12.48 -10.60
N GLU B 74 -41.34 -12.43 -11.93
CA GLU B 74 -41.61 -11.14 -12.64
C GLU B 74 -42.80 -10.30 -12.11
N LYS B 75 -43.76 -10.96 -11.44
CA LYS B 75 -44.87 -10.22 -10.82
C LYS B 75 -44.38 -9.27 -9.72
N HIS B 76 -43.29 -9.64 -9.03
CA HIS B 76 -42.83 -8.92 -7.84
C HIS B 76 -41.50 -8.19 -8.02
N THR B 77 -40.68 -8.65 -8.97
CA THR B 77 -39.41 -8.03 -9.24
C THR B 77 -39.11 -8.12 -10.73
N ARG B 78 -38.56 -7.05 -11.26
CA ARG B 78 -38.05 -7.05 -12.63
C ARG B 78 -36.65 -7.69 -12.75
N ALA B 79 -36.11 -8.29 -11.68
CA ALA B 79 -34.73 -8.81 -11.72
C ALA B 79 -34.59 -9.79 -12.89
N ALA B 80 -33.60 -9.56 -13.74
CA ALA B 80 -33.50 -10.30 -14.97
C ALA B 80 -33.24 -11.80 -14.72
N PHE B 81 -32.40 -12.12 -13.74
CA PHE B 81 -32.02 -13.50 -13.48
C PHE B 81 -33.21 -14.36 -12.98
N LEU B 82 -34.30 -13.71 -12.59
CA LEU B 82 -35.42 -14.39 -12.00
C LEU B 82 -36.65 -14.37 -12.94
N SER B 83 -36.45 -13.91 -14.17
CA SER B 83 -37.58 -13.61 -15.07
C SER B 83 -38.30 -14.84 -15.71
N GLU B 84 -37.64 -16.01 -15.80
CA GLU B 84 -38.22 -17.16 -16.54
C GLU B 84 -37.92 -18.47 -15.84
N GLU B 85 -38.90 -19.38 -15.84
CA GLU B 85 -38.69 -20.78 -15.50
C GLU B 85 -37.51 -21.39 -16.29
N GLY B 86 -36.63 -22.05 -15.56
CA GLY B 86 -35.48 -22.77 -16.13
C GLY B 86 -34.25 -21.91 -16.40
N LYS B 87 -34.36 -20.59 -16.21
CA LYS B 87 -33.22 -19.69 -16.43
C LYS B 87 -32.10 -19.99 -15.44
N GLN B 88 -30.89 -20.19 -15.98
CA GLN B 88 -29.69 -20.57 -15.21
C GLN B 88 -28.69 -19.40 -15.14
N THR B 89 -28.18 -19.15 -13.94
CA THR B 89 -27.19 -18.12 -13.66
C THR B 89 -26.02 -18.74 -12.89
N ASP B 90 -24.79 -18.44 -13.36
CA ASP B 90 -23.57 -18.89 -12.68
C ASP B 90 -23.42 -18.17 -11.36
N VAL B 91 -22.97 -18.88 -10.33
CA VAL B 91 -22.69 -18.27 -9.02
C VAL B 91 -21.25 -18.59 -8.57
N PHE B 92 -20.69 -17.71 -7.74
CA PHE B 92 -19.59 -18.04 -6.82
C PHE B 92 -20.01 -17.77 -5.40
N VAL B 93 -19.67 -18.71 -4.51
CA VAL B 93 -20.12 -18.71 -3.13
C VAL B 93 -18.93 -18.85 -2.19
N ARG B 94 -18.87 -18.03 -1.15
CA ARG B 94 -17.91 -18.25 -0.05
C ARG B 94 -18.66 -18.44 1.24
N PHE B 95 -18.27 -19.49 1.96
CA PHE B 95 -18.69 -19.74 3.36
C PHE B 95 -17.59 -19.46 4.30
N SER B 96 -17.92 -19.16 5.54
CA SER B 96 -16.94 -18.66 6.48
C SER B 96 -17.43 -18.74 7.93
N THR B 97 -16.47 -18.65 8.85
CA THR B 97 -16.75 -18.24 10.21
C THR B 97 -16.68 -16.72 10.31
N VAL B 98 -16.65 -16.17 11.51
CA VAL B 98 -16.72 -14.72 11.68
C VAL B 98 -15.56 -14.10 12.40
N ILE B 99 -15.29 -14.55 13.62
CA ILE B 99 -14.46 -13.76 14.53
C ILE B 99 -12.95 -14.02 14.42
N HIS B 100 -12.55 -15.27 14.42
CA HIS B 100 -11.12 -15.59 14.52
C HIS B 100 -10.40 -15.45 13.17
N PRO B 101 -9.05 -15.31 13.19
CA PRO B 101 -8.30 -15.10 11.95
C PRO B 101 -8.25 -16.28 10.96
N LYS B 102 -7.55 -16.09 9.85
N LYS B 102 -7.56 -16.04 9.85
CA LYS B 102 -7.38 -17.09 8.78
CA LYS B 102 -7.30 -17.05 8.86
C LYS B 102 -7.18 -18.58 9.04
C LYS B 102 -6.61 -18.15 9.66
N GLY B 103 -6.29 -18.97 9.92
N GLY B 103 -6.85 -19.39 9.33
CA GLY B 103 -6.01 -20.40 10.16
CA GLY B 103 -6.15 -20.45 10.01
C GLY B 103 -6.80 -20.95 11.32
C GLY B 103 -6.82 -20.96 11.28
N SER B 104 -7.83 -20.25 11.75
CA SER B 104 -8.56 -20.62 12.97
C SER B 104 -9.47 -21.80 12.73
N PRO B 105 -9.79 -22.54 13.82
CA PRO B 105 -10.61 -23.76 13.62
C PRO B 105 -12.06 -23.46 13.17
N GLU B 106 -12.61 -24.39 12.42
CA GLU B 106 -14.02 -24.30 11.93
C GLU B 106 -15.02 -25.01 12.88
N THR B 107 -14.53 -25.40 14.07
CA THR B 107 -15.34 -26.02 15.13
C THR B 107 -15.79 -25.01 16.24
N LEU B 108 -15.52 -23.71 16.07
CA LEU B 108 -15.84 -22.68 17.07
C LEU B 108 -17.30 -22.19 16.90
N ARG B 109 -17.89 -21.76 18.01
CA ARG B 109 -19.18 -21.13 17.96
C ARG B 109 -19.09 -19.77 17.21
N ASP B 110 -20.05 -19.52 16.31
CA ASP B 110 -20.04 -18.30 15.44
C ASP B 110 -21.22 -18.45 14.49
N PRO B 111 -21.81 -17.34 14.04
CA PRO B 111 -22.52 -17.41 12.79
C PRO B 111 -21.63 -17.88 11.69
N ARG B 112 -22.25 -18.39 10.63
CA ARG B 112 -21.51 -18.73 9.43
C ARG B 112 -21.94 -17.78 8.31
N GLY B 113 -20.96 -17.25 7.60
CA GLY B 113 -21.20 -16.53 6.36
C GLY B 113 -21.62 -17.38 5.19
N PHE B 114 -22.51 -16.80 4.35
CA PHE B 114 -23.14 -17.48 3.27
C PHE B 114 -23.28 -16.46 2.17
N ALA B 115 -22.19 -16.19 1.47
CA ALA B 115 -22.14 -15.07 0.51
C ALA B 115 -22.27 -15.61 -0.91
N VAL B 116 -23.31 -15.17 -1.64
CA VAL B 116 -23.58 -15.64 -3.03
C VAL B 116 -23.42 -14.50 -4.03
N LYS B 117 -22.54 -14.67 -5.02
CA LYS B 117 -22.36 -13.76 -6.14
C LYS B 117 -23.02 -14.40 -7.37
N PHE B 118 -24.08 -13.77 -7.87
CA PHE B 118 -24.79 -14.18 -9.09
C PHE B 118 -24.28 -13.35 -10.29
N TYR B 119 -23.77 -14.01 -11.33
CA TYR B 119 -23.24 -13.28 -12.50
C TYR B 119 -24.34 -13.01 -13.54
N THR B 120 -25.18 -11.99 -13.32
CA THR B 120 -26.38 -11.85 -14.12
C THR B 120 -26.13 -11.02 -15.35
N GLU B 121 -27.11 -11.09 -16.27
CA GLU B 121 -26.99 -10.37 -17.54
C GLU B 121 -27.13 -8.85 -17.32
N GLU B 122 -27.64 -8.40 -16.16
CA GLU B 122 -27.73 -6.96 -15.85
C GLU B 122 -26.74 -6.51 -14.74
N GLY B 123 -25.70 -7.32 -14.52
CA GLY B 123 -24.68 -7.01 -13.53
C GLY B 123 -24.56 -8.10 -12.47
N ASN B 124 -23.51 -8.04 -11.67
CA ASN B 124 -23.35 -8.93 -10.54
C ASN B 124 -24.24 -8.54 -9.40
N TYR B 125 -24.90 -9.54 -8.84
CA TYR B 125 -25.78 -9.38 -7.70
C TYR B 125 -25.21 -10.19 -6.55
N ASP B 126 -24.87 -9.54 -5.45
CA ASP B 126 -24.30 -10.21 -4.28
C ASP B 126 -25.30 -10.26 -3.18
N LEU B 127 -25.62 -11.45 -2.75
CA LEU B 127 -26.44 -11.62 -1.59
C LEU B 127 -25.55 -12.15 -0.48
N VAL B 128 -25.20 -11.23 0.40
CA VAL B 128 -24.19 -11.48 1.41
C VAL B 128 -24.86 -11.84 2.72
N GLY B 129 -25.09 -13.14 2.88
CA GLY B 129 -25.96 -13.67 3.96
C GLY B 129 -25.15 -14.32 5.06
N ASN B 130 -25.84 -14.77 6.11
CA ASN B 130 -25.31 -15.65 7.15
C ASN B 130 -26.24 -16.86 7.30
N ASN B 131 -25.83 -17.93 7.97
CA ASN B 131 -26.80 -19.02 8.28
C ASN B 131 -28.00 -18.57 9.14
N LEU B 132 -27.73 -17.88 10.22
CA LEU B 132 -28.77 -17.41 11.13
C LEU B 132 -29.54 -16.19 10.56
N PRO B 133 -30.87 -16.11 10.77
CA PRO B 133 -31.71 -15.17 10.05
C PRO B 133 -31.81 -13.75 10.65
N ILE B 134 -31.17 -13.50 11.80
CA ILE B 134 -31.23 -12.17 12.46
CA ILE B 134 -31.24 -12.18 12.47
C ILE B 134 -29.84 -11.76 12.88
N PHE B 135 -29.70 -10.63 13.53
CA PHE B 135 -28.38 -10.18 13.93
C PHE B 135 -28.41 -9.61 15.35
N PHE B 136 -27.21 -9.39 15.90
CA PHE B 136 -27.01 -8.90 17.25
C PHE B 136 -27.49 -7.45 17.44
N ILE B 137 -27.37 -6.63 16.41
CA ILE B 137 -27.52 -5.15 16.49
C ILE B 137 -28.35 -4.68 15.32
N ARG B 138 -28.82 -3.43 15.37
CA ARG B 138 -29.71 -2.87 14.39
C ARG B 138 -29.19 -1.57 13.73
N ASP B 139 -27.96 -1.16 14.08
CA ASP B 139 -27.36 0.06 13.53
C ASP B 139 -25.85 -0.14 13.31
N ALA B 140 -25.36 0.22 12.12
CA ALA B 140 -23.99 -0.04 11.70
C ALA B 140 -22.98 0.70 12.52
N LEU B 141 -23.37 1.82 13.14
CA LEU B 141 -22.49 2.56 14.04
C LEU B 141 -21.96 1.69 15.18
N LYS B 142 -22.71 0.63 15.54
CA LYS B 142 -22.28 -0.27 16.63
C LYS B 142 -21.38 -1.42 16.18
N PHE B 143 -21.20 -1.63 14.87
CA PHE B 143 -20.53 -2.84 14.41
C PHE B 143 -19.08 -2.94 14.87
N PRO B 144 -18.31 -1.86 14.78
CA PRO B 144 -16.93 -2.01 15.29
C PRO B 144 -16.84 -2.29 16.80
N ASP B 145 -17.77 -1.77 17.57
CA ASP B 145 -17.84 -2.04 19.00
C ASP B 145 -18.12 -3.51 19.25
N MET B 146 -19.14 -4.04 18.55
CA MET B 146 -19.61 -5.42 18.72
C MET B 146 -18.45 -6.39 18.42
N VAL B 147 -17.83 -6.12 17.29
CA VAL B 147 -16.70 -6.90 16.80
C VAL B 147 -15.51 -6.83 17.76
N HIS B 148 -15.15 -5.64 18.18
CA HIS B 148 -14.06 -5.46 19.13
C HIS B 148 -14.28 -6.30 20.40
N SER B 149 -15.52 -6.36 20.87
CA SER B 149 -15.87 -7.04 22.08
C SER B 149 -15.75 -8.54 21.90
N LEU B 150 -16.05 -9.02 20.71
CA LEU B 150 -16.07 -10.44 20.38
C LEU B 150 -14.67 -10.97 20.05
N LYS B 151 -13.86 -10.13 19.45
CA LYS B 151 -12.52 -10.54 18.99
C LYS B 151 -11.59 -10.85 20.15
N PRO B 152 -10.49 -11.58 19.90
CA PRO B 152 -9.49 -11.66 20.95
C PRO B 152 -9.11 -10.35 21.60
N ASP B 153 -9.01 -10.37 22.93
CA ASP B 153 -8.62 -9.22 23.77
C ASP B 153 -7.39 -8.55 23.17
N PRO B 154 -7.37 -7.21 23.09
CA PRO B 154 -6.24 -6.51 22.44
C PRO B 154 -4.93 -6.57 23.15
N VAL B 155 -4.93 -7.09 24.38
CA VAL B 155 -3.71 -7.32 25.13
C VAL B 155 -3.26 -8.78 25.08
N THR B 156 -4.18 -9.70 25.35
CA THR B 156 -3.81 -11.07 25.51
C THR B 156 -3.90 -11.88 24.26
N ASN B 157 -4.67 -11.42 23.28
CA ASN B 157 -4.90 -12.15 22.02
C ASN B 157 -5.70 -13.42 22.21
N ILE B 158 -6.55 -13.41 23.22
CA ILE B 158 -7.45 -14.51 23.49
C ILE B 158 -8.89 -13.92 23.67
N GLN B 159 -9.85 -14.54 23.02
CA GLN B 159 -11.26 -14.15 23.23
C GLN B 159 -11.68 -14.29 24.68
N ASP B 160 -12.48 -13.35 25.17
CA ASP B 160 -12.83 -13.32 26.56
C ASP B 160 -14.32 -13.11 26.67
N PRO B 161 -15.06 -14.12 27.21
CA PRO B 161 -16.53 -13.96 27.33
C PRO B 161 -16.96 -12.76 28.18
N ASP B 162 -16.14 -12.40 29.14
CA ASP B 162 -16.42 -11.23 29.95
C ASP B 162 -16.52 -9.96 29.11
N ARG B 163 -15.74 -9.87 28.06
CA ARG B 163 -15.78 -8.71 27.18
C ARG B 163 -17.04 -8.65 26.29
N TYR B 164 -17.34 -9.70 25.54
CA TYR B 164 -18.47 -9.65 24.67
C TYR B 164 -19.77 -9.68 25.41
N TRP B 165 -19.84 -10.42 26.53
CA TRP B 165 -21.06 -10.36 27.36
C TRP B 165 -21.31 -8.95 27.95
N ASP B 166 -20.27 -8.20 28.26
CA ASP B 166 -20.42 -6.81 28.75
C ASP B 166 -21.12 -5.94 27.69
N PHE B 167 -20.60 -5.94 26.47
CA PHE B 167 -21.26 -5.35 25.31
C PHE B 167 -22.69 -5.88 25.09
N MET B 168 -22.86 -7.19 24.99
CA MET B 168 -24.16 -7.75 24.59
C MET B 168 -25.25 -7.46 25.65
N THR B 169 -24.91 -7.59 26.93
CA THR B 169 -25.89 -7.32 27.99
C THR B 169 -26.35 -5.85 28.00
N LEU B 170 -25.47 -4.93 27.62
CA LEU B 170 -25.78 -3.52 27.55
C LEU B 170 -26.33 -3.15 26.18
N THR B 171 -26.57 -4.16 25.36
CA THR B 171 -27.12 -4.01 24.01
C THR B 171 -28.26 -5.02 23.88
N PRO B 172 -29.35 -4.78 24.65
CA PRO B 172 -30.32 -5.84 24.86
C PRO B 172 -31.03 -6.27 23.56
N GLU B 173 -30.95 -5.47 22.51
CA GLU B 173 -31.46 -5.94 21.21
C GLU B 173 -30.81 -7.24 20.73
N SER B 174 -29.70 -7.62 21.36
CA SER B 174 -28.95 -8.85 21.04
C SER B 174 -29.61 -10.13 21.51
N THR B 175 -30.70 -10.00 22.26
CA THR B 175 -31.26 -11.11 23.04
C THR B 175 -31.80 -12.20 22.08
N HIS B 176 -32.48 -11.80 21.01
CA HIS B 176 -33.00 -12.77 20.04
C HIS B 176 -31.82 -13.52 19.39
N MET B 177 -30.84 -12.79 18.87
CA MET B 177 -29.68 -13.43 18.24
C MET B 177 -29.03 -14.48 19.16
N LEU B 178 -28.80 -14.13 20.42
CA LEU B 178 -28.07 -14.98 21.36
C LEU B 178 -28.84 -16.27 21.66
N THR B 179 -30.15 -16.16 21.61
CA THR B 179 -31.06 -17.31 21.73
C THR B 179 -30.96 -18.31 20.56
N TRP B 180 -30.59 -17.84 19.37
CA TRP B 180 -30.24 -18.75 18.28
C TRP B 180 -28.82 -19.24 18.38
N LEU B 181 -27.90 -18.33 18.63
CA LEU B 181 -26.47 -18.62 18.54
C LEU B 181 -26.03 -19.64 19.59
N PHE B 182 -26.70 -19.65 20.74
CA PHE B 182 -26.34 -20.61 21.82
C PHE B 182 -27.19 -21.84 21.88
N SER B 183 -28.10 -22.00 20.91
CA SER B 183 -28.53 -23.35 20.52
C SER B 183 -27.37 -24.06 19.88
N ASP B 184 -27.51 -25.33 19.58
CA ASP B 184 -26.38 -26.01 18.92
C ASP B 184 -26.20 -25.53 17.45
N GLU B 185 -27.14 -24.73 16.90
CA GLU B 185 -26.94 -24.19 15.56
C GLU B 185 -25.79 -23.17 15.53
N GLY B 186 -25.31 -22.75 16.69
CA GLY B 186 -24.11 -21.93 16.76
C GLY B 186 -22.81 -22.62 16.30
N ILE B 187 -22.86 -23.96 16.12
CA ILE B 187 -21.79 -24.72 15.52
C ILE B 187 -22.40 -25.69 14.50
N PRO B 188 -22.59 -25.21 13.25
CA PRO B 188 -22.94 -26.12 12.17
C PRO B 188 -21.92 -27.21 11.94
N ALA B 189 -22.41 -28.39 11.53
CA ALA B 189 -21.54 -29.58 11.37
C ALA B 189 -20.58 -29.37 10.24
N ASN B 190 -21.02 -28.60 9.25
CA ASN B 190 -20.15 -28.23 8.14
C ASN B 190 -20.92 -27.17 7.31
N TYR B 191 -20.32 -26.73 6.22
CA TYR B 191 -20.94 -25.69 5.40
C TYR B 191 -22.11 -26.16 4.53
N ALA B 192 -22.20 -27.46 4.24
CA ALA B 192 -23.30 -28.01 3.42
C ALA B 192 -24.60 -28.18 4.22
N GLU B 193 -24.48 -28.63 5.46
CA GLU B 193 -25.65 -29.05 6.23
C GLU B 193 -26.08 -27.87 7.11
N MET B 194 -26.46 -26.80 6.46
CA MET B 194 -26.45 -25.48 7.08
C MET B 194 -27.53 -24.62 6.40
N ARG B 195 -28.24 -23.85 7.18
CA ARG B 195 -29.23 -22.86 6.72
C ARG B 195 -28.53 -21.69 6.03
N GLY B 196 -29.25 -20.95 5.15
CA GLY B 196 -28.78 -19.61 4.71
C GLY B 196 -29.90 -18.60 4.80
N SER B 197 -29.57 -17.33 5.00
CA SER B 197 -30.54 -16.24 5.20
C SER B 197 -29.97 -14.92 4.65
N GLY B 198 -30.82 -14.10 4.07
CA GLY B 198 -30.45 -12.74 3.67
C GLY B 198 -30.34 -11.82 4.87
N VAL B 199 -31.00 -12.20 5.96
CA VAL B 199 -31.10 -11.44 7.22
C VAL B 199 -31.96 -10.17 7.05
N HIS B 200 -31.53 -9.21 6.24
CA HIS B 200 -32.24 -7.99 6.09
C HIS B 200 -33.48 -8.18 5.26
N THR B 201 -34.42 -7.30 5.50
CA THR B 201 -35.45 -6.96 4.55
C THR B 201 -34.85 -6.16 3.43
N PHE B 202 -35.19 -6.52 2.20
CA PHE B 202 -34.82 -5.75 1.01
C PHE B 202 -36.15 -5.33 0.33
N ARG B 203 -36.03 -4.55 -0.75
CA ARG B 203 -37.17 -4.10 -1.50
C ARG B 203 -37.09 -4.77 -2.87
N TRP B 204 -38.19 -5.41 -3.28
CA TRP B 204 -38.35 -5.88 -4.66
C TRP B 204 -39.28 -4.96 -5.45
N VAL B 205 -38.86 -4.56 -6.65
CA VAL B 205 -39.59 -3.57 -7.45
C VAL B 205 -39.85 -4.17 -8.83
N ASN B 206 -41.11 -4.17 -9.25
CA ASN B 206 -41.47 -4.81 -10.49
C ASN B 206 -41.44 -3.79 -11.64
N LYS B 207 -41.79 -4.22 -12.85
CA LYS B 207 -41.69 -3.32 -14.01
C LYS B 207 -42.67 -2.12 -14.00
N TYR B 208 -43.70 -2.21 -13.17
CA TYR B 208 -44.67 -1.12 -13.03
C TYR B 208 -44.26 -0.14 -11.94
N GLY B 209 -43.12 -0.39 -11.28
CA GLY B 209 -42.68 0.45 -10.16
C GLY B 209 -43.26 0.09 -8.82
N GLU B 210 -43.98 -1.02 -8.72
CA GLU B 210 -44.59 -1.40 -7.43
C GLU B 210 -43.58 -2.12 -6.56
N THR B 211 -43.54 -1.77 -5.28
CA THR B 211 -42.55 -2.27 -4.32
C THR B 211 -43.16 -3.22 -3.28
N LYS B 212 -42.43 -4.29 -2.97
CA LYS B 212 -42.71 -5.15 -1.77
C LYS B 212 -41.47 -5.30 -0.95
N TYR B 213 -41.65 -5.49 0.34
CA TYR B 213 -40.56 -5.99 1.19
C TYR B 213 -40.34 -7.46 0.92
N VAL B 214 -39.07 -7.87 0.94
CA VAL B 214 -38.69 -9.29 0.73
C VAL B 214 -37.64 -9.75 1.74
N LYS B 215 -37.78 -11.00 2.16
CA LYS B 215 -36.75 -11.73 2.87
C LYS B 215 -36.37 -12.97 2.10
N TYR B 216 -35.07 -13.32 2.17
CA TYR B 216 -34.51 -14.52 1.53
C TYR B 216 -34.13 -15.65 2.54
N HIS B 217 -34.37 -16.90 2.10
CA HIS B 217 -34.03 -18.10 2.88
C HIS B 217 -33.44 -19.19 1.97
N TRP B 218 -32.34 -19.80 2.38
CA TRP B 218 -31.73 -20.91 1.64
C TRP B 218 -32.00 -22.16 2.52
N ARG B 219 -32.60 -23.20 1.94
CA ARG B 219 -32.79 -24.47 2.65
C ARG B 219 -31.93 -25.60 2.06
N PRO B 220 -31.05 -26.21 2.87
CA PRO B 220 -30.08 -27.16 2.35
C PRO B 220 -30.72 -28.49 1.95
N SER B 221 -30.39 -28.99 0.76
CA SER B 221 -30.83 -30.33 0.32
C SER B 221 -30.28 -31.37 1.25
N GLU B 222 -29.09 -31.16 1.79
CA GLU B 222 -28.51 -32.07 2.75
C GLU B 222 -29.12 -32.00 4.16
N GLY B 223 -30.08 -31.10 4.42
CA GLY B 223 -30.65 -30.93 5.78
C GLY B 223 -29.74 -30.11 6.68
N ILE B 224 -30.27 -29.68 7.81
CA ILE B 224 -29.49 -28.93 8.78
C ILE B 224 -28.96 -29.90 9.81
N ARG B 225 -27.68 -29.83 10.11
CA ARG B 225 -27.13 -30.61 11.22
C ARG B 225 -26.08 -29.79 11.99
N ASN B 226 -26.07 -29.94 13.31
CA ASN B 226 -25.31 -29.14 14.24
C ASN B 226 -24.40 -30.02 15.12
N LEU B 227 -23.45 -29.37 15.81
CA LEU B 227 -22.55 -30.02 16.74
C LEU B 227 -22.79 -29.50 18.14
N SER B 228 -22.91 -30.42 19.10
CA SER B 228 -22.78 -30.11 20.54
C SER B 228 -21.37 -29.63 20.83
N MET B 229 -21.16 -29.00 21.99
CA MET B 229 -19.83 -28.54 22.37
CA MET B 229 -19.82 -28.55 22.37
C MET B 229 -18.89 -29.75 22.37
N GLU B 230 -19.40 -30.89 22.81
CA GLU B 230 -18.57 -32.05 22.95
C GLU B 230 -18.22 -32.66 21.59
N GLU B 231 -19.17 -32.69 20.66
CA GLU B 231 -18.88 -33.18 19.32
C GLU B 231 -17.88 -32.26 18.61
N ALA B 232 -18.05 -30.93 18.80
CA ALA B 232 -17.11 -29.95 18.22
C ALA B 232 -15.67 -30.17 18.72
N ALA B 233 -15.52 -30.41 20.03
CA ALA B 233 -14.19 -30.66 20.61
C ALA B 233 -13.51 -31.87 19.97
N GLU B 234 -14.27 -32.94 19.75
CA GLU B 234 -13.74 -34.21 19.24
C GLU B 234 -13.25 -34.07 17.78
N ILE B 235 -14.00 -33.35 16.99
CA ILE B 235 -13.50 -32.94 15.67
C ILE B 235 -12.26 -32.04 15.81
N GLN B 236 -12.34 -31.03 16.69
CA GLN B 236 -11.26 -30.01 16.76
C GLN B 236 -9.92 -30.67 17.04
N ALA B 237 -9.95 -31.73 17.85
CA ALA B 237 -8.78 -32.46 18.26
C ALA B 237 -7.94 -32.97 17.08
N ASN B 238 -8.61 -33.33 15.99
CA ASN B 238 -7.99 -33.94 14.84
C ASN B 238 -7.99 -33.10 13.58
N ASP B 239 -8.89 -32.13 13.46
CA ASP B 239 -8.96 -31.33 12.24
C ASP B 239 -9.44 -29.93 12.54
N PHE B 240 -8.56 -28.98 12.35
CA PHE B 240 -8.96 -27.55 12.49
C PHE B 240 -9.48 -26.92 11.18
N GLN B 241 -9.64 -27.73 10.12
CA GLN B 241 -10.28 -27.22 8.91
C GLN B 241 -11.31 -28.18 8.31
N HIS B 242 -12.11 -28.83 9.14
CA HIS B 242 -12.95 -29.93 8.69
C HIS B 242 -14.01 -29.47 7.67
N ALA B 243 -14.51 -28.25 7.81
CA ALA B 243 -15.60 -27.75 6.96
C ALA B 243 -15.07 -27.33 5.60
N THR B 244 -13.88 -26.73 5.58
CA THR B 244 -13.15 -26.51 4.30
C THR B 244 -12.89 -27.86 3.60
N ARG B 245 -12.44 -28.84 4.35
CA ARG B 245 -12.15 -30.14 3.77
C ARG B 245 -13.44 -30.76 3.20
N ASP B 246 -14.47 -30.78 4.00
CA ASP B 246 -15.77 -31.37 3.63
C ASP B 246 -16.34 -30.80 2.34
N LEU B 247 -16.29 -29.47 2.20
CA LEU B 247 -16.86 -28.83 1.02
C LEU B 247 -16.10 -29.22 -0.24
N TYR B 248 -14.78 -29.08 -0.20
CA TYR B 248 -13.94 -29.52 -1.33
C TYR B 248 -14.23 -30.99 -1.72
N ASP B 249 -14.27 -31.87 -0.71
CA ASP B 249 -14.33 -33.32 -0.94
C ASP B 249 -15.69 -33.75 -1.53
N ARG B 250 -16.77 -33.16 -1.01
CA ARG B 250 -18.10 -33.36 -1.59
C ARG B 250 -18.07 -33.09 -3.08
N ILE B 251 -17.50 -31.94 -3.45
CA ILE B 251 -17.51 -31.48 -4.83
C ILE B 251 -16.56 -32.33 -5.68
N GLU B 252 -15.37 -32.61 -5.17
CA GLU B 252 -14.47 -33.52 -5.91
C GLU B 252 -15.11 -34.88 -6.23
N LYS B 253 -15.91 -35.42 -5.30
CA LYS B 253 -16.44 -36.78 -5.47
C LYS B 253 -17.82 -36.77 -6.11
N GLY B 254 -18.26 -35.60 -6.58
CA GLY B 254 -19.47 -35.48 -7.37
C GLY B 254 -20.72 -35.37 -6.53
N ASN B 255 -20.58 -35.28 -5.20
CA ASN B 255 -21.73 -35.19 -4.32
C ASN B 255 -22.08 -33.73 -4.04
N TYR B 256 -22.66 -33.08 -5.04
CA TYR B 256 -22.75 -31.65 -5.07
C TYR B 256 -23.79 -31.15 -4.05
N PRO B 257 -23.41 -30.26 -3.12
CA PRO B 257 -24.42 -29.71 -2.24
C PRO B 257 -25.32 -28.65 -2.89
N ALA B 258 -26.56 -28.55 -2.42
CA ALA B 258 -27.53 -27.65 -3.01
C ALA B 258 -28.46 -27.08 -1.96
N TRP B 259 -29.04 -25.95 -2.31
CA TRP B 259 -29.94 -25.23 -1.45
C TRP B 259 -31.08 -24.70 -2.28
N ASP B 260 -32.31 -24.82 -1.77
CA ASP B 260 -33.41 -24.18 -2.43
C ASP B 260 -33.59 -22.78 -1.91
N LEU B 261 -33.89 -21.84 -2.80
CA LEU B 261 -34.16 -20.45 -2.42
C LEU B 261 -35.65 -20.23 -2.23
N TYR B 262 -36.05 -19.76 -1.06
CA TYR B 262 -37.42 -19.24 -0.84
C TYR B 262 -37.41 -17.75 -0.50
N VAL B 263 -38.52 -17.08 -0.79
CA VAL B 263 -38.78 -15.73 -0.25
C VAL B 263 -40.07 -15.65 0.57
N GLN B 264 -40.09 -14.67 1.47
CA GLN B 264 -41.32 -14.11 2.02
C GLN B 264 -41.51 -12.72 1.45
N LEU B 265 -42.77 -12.33 1.20
CA LEU B 265 -43.11 -11.00 0.71
C LEU B 265 -44.13 -10.32 1.61
N MET B 266 -43.96 -9.03 1.82
CA MET B 266 -44.77 -8.23 2.75
C MET B 266 -45.02 -6.88 2.08
N PRO B 267 -46.31 -6.48 1.97
CA PRO B 267 -46.61 -5.11 1.58
C PRO B 267 -45.98 -4.06 2.51
N LEU B 268 -45.56 -2.94 1.95
CA LEU B 268 -45.06 -1.82 2.76
C LEU B 268 -46.06 -1.34 3.83
N SER B 269 -47.35 -1.41 3.50
CA SER B 269 -48.38 -0.90 4.40
C SER B 269 -48.55 -1.77 5.65
N ASP B 270 -47.90 -2.94 5.73
CA ASP B 270 -48.01 -3.77 6.94
C ASP B 270 -47.27 -3.21 8.16
N TYR B 271 -46.52 -2.14 7.97
CA TYR B 271 -45.73 -1.54 9.05
C TYR B 271 -46.60 -1.27 10.26
N ASP B 272 -47.76 -0.65 10.07
CA ASP B 272 -48.62 -0.26 11.19
C ASP B 272 -49.37 -1.46 11.74
N GLU B 273 -49.47 -2.51 10.95
CA GLU B 273 -50.17 -3.70 11.42
C GLU B 273 -49.36 -4.48 12.45
N LEU B 274 -48.04 -4.22 12.57
CA LEU B 274 -47.12 -5.04 13.38
C LEU B 274 -46.63 -4.40 14.70
N ASP B 275 -46.36 -5.22 15.69
CA ASP B 275 -45.78 -4.71 16.94
C ASP B 275 -44.21 -4.64 16.95
N TYR B 276 -43.60 -4.79 15.78
CA TYR B 276 -42.17 -4.56 15.61
C TYR B 276 -41.98 -3.91 14.25
N ASP B 277 -40.76 -3.40 14.03
CA ASP B 277 -40.39 -2.75 12.76
C ASP B 277 -39.96 -3.83 11.79
N PRO B 278 -40.65 -3.93 10.63
CA PRO B 278 -40.27 -5.03 9.68
C PRO B 278 -38.88 -4.91 9.06
N CYS B 279 -38.26 -3.72 9.15
CA CYS B 279 -36.82 -3.52 8.76
C CYS B 279 -35.80 -3.51 9.95
N ASP B 280 -36.21 -4.05 11.10
CA ASP B 280 -35.31 -4.24 12.22
C ASP B 280 -34.68 -5.62 12.02
N PRO B 281 -33.34 -5.70 11.78
CA PRO B 281 -32.69 -7.02 11.55
C PRO B 281 -32.50 -7.91 12.78
N THR B 282 -33.03 -7.49 13.94
CA THR B 282 -33.17 -8.36 15.13
C THR B 282 -34.48 -9.16 15.10
N LYS B 283 -35.29 -8.95 14.06
CA LYS B 283 -36.62 -9.55 13.94
C LYS B 283 -36.73 -10.49 12.76
N THR B 284 -37.42 -11.61 12.92
CA THR B 284 -37.98 -12.38 11.79
C THR B 284 -39.41 -11.97 11.48
N TRP B 285 -39.89 -12.39 10.30
CA TRP B 285 -41.33 -12.40 9.94
C TRP B 285 -41.95 -13.80 10.12
N SER B 286 -43.12 -13.85 10.77
CA SER B 286 -43.89 -15.11 10.90
C SER B 286 -44.08 -15.83 9.54
N GLU B 287 -43.71 -17.10 9.49
CA GLU B 287 -43.93 -17.92 8.30
C GLU B 287 -45.39 -18.28 8.09
N GLU B 288 -46.17 -18.17 9.15
CA GLU B 288 -47.60 -18.40 9.03
C GLU B 288 -48.23 -17.23 8.31
N ASP B 289 -47.94 -16.01 8.78
CA ASP B 289 -48.49 -14.79 8.19
C ASP B 289 -47.89 -14.41 6.85
N TYR B 290 -46.63 -14.79 6.64
CA TYR B 290 -45.92 -14.46 5.41
C TYR B 290 -45.22 -15.72 4.89
N PRO B 291 -45.94 -16.59 4.15
CA PRO B 291 -45.42 -17.94 3.86
C PRO B 291 -44.24 -17.95 2.90
N LEU B 292 -43.41 -18.97 3.05
CA LEU B 292 -42.25 -19.16 2.19
C LEU B 292 -42.72 -19.48 0.77
N GLN B 293 -42.18 -18.80 -0.22
CA GLN B 293 -42.51 -19.11 -1.62
C GLN B 293 -41.25 -19.54 -2.38
N LYS B 294 -41.34 -20.67 -3.07
CA LYS B 294 -40.15 -21.22 -3.69
C LYS B 294 -39.78 -20.46 -4.94
N VAL B 295 -38.49 -20.16 -5.10
CA VAL B 295 -38.01 -19.47 -6.28
C VAL B 295 -37.20 -20.41 -7.17
N GLY B 296 -36.25 -21.15 -6.59
CA GLY B 296 -35.30 -21.92 -7.38
C GLY B 296 -34.28 -22.67 -6.55
N ARG B 297 -33.23 -23.18 -7.20
CA ARG B 297 -32.24 -24.09 -6.57
C ARG B 297 -30.85 -23.68 -7.02
N MET B 298 -29.92 -23.68 -6.06
CA MET B 298 -28.51 -23.42 -6.32
C MET B 298 -27.75 -24.69 -6.02
N THR B 299 -26.93 -25.11 -6.96
CA THR B 299 -26.11 -26.32 -6.78
C THR B 299 -24.66 -25.91 -6.95
N LEU B 300 -23.84 -26.28 -5.99
CA LEU B 300 -22.39 -26.08 -6.07
C LEU B 300 -21.62 -27.29 -6.62
N ASN B 301 -20.91 -27.08 -7.72
CA ASN B 301 -20.36 -28.21 -8.51
C ASN B 301 -18.93 -28.08 -9.04
N ARG B 302 -18.20 -27.04 -8.62
CA ARG B 302 -16.86 -26.81 -9.13
C ARG B 302 -15.98 -26.08 -8.09
N ASN B 303 -14.87 -26.74 -7.76
CA ASN B 303 -13.88 -26.15 -6.85
C ASN B 303 -13.10 -25.08 -7.64
N PRO B 304 -12.55 -24.07 -6.95
CA PRO B 304 -11.71 -23.09 -7.66
C PRO B 304 -10.40 -23.72 -8.08
N GLU B 305 -9.73 -23.10 -9.03
CA GLU B 305 -8.39 -23.57 -9.44
C GLU B 305 -7.28 -23.12 -8.50
N ASN B 306 -7.44 -21.95 -7.88
CA ASN B 306 -6.41 -21.39 -6.95
C ASN B 306 -7.11 -20.70 -5.82
N PHE B 307 -6.84 -21.15 -4.60
CA PHE B 307 -7.53 -20.62 -3.43
C PHE B 307 -7.23 -19.15 -3.23
N PHE B 308 -5.96 -18.73 -3.25
CA PHE B 308 -5.65 -17.30 -3.07
C PHE B 308 -6.36 -16.44 -4.14
N ALA B 309 -6.16 -16.77 -5.42
CA ALA B 309 -6.59 -15.87 -6.54
C ALA B 309 -8.09 -15.70 -6.59
N GLU B 310 -8.81 -16.74 -6.20
CA GLU B 310 -10.23 -16.81 -6.31
C GLU B 310 -10.96 -16.66 -4.97
N THR B 311 -10.73 -17.54 -4.00
CA THR B 311 -11.45 -17.45 -2.71
C THR B 311 -10.92 -16.32 -1.83
N GLU B 312 -9.60 -16.22 -1.68
CA GLU B 312 -9.05 -15.20 -0.80
C GLU B 312 -9.34 -13.80 -1.33
N GLN B 313 -9.23 -13.62 -2.64
CA GLN B 313 -9.40 -12.30 -3.26
C GLN B 313 -10.87 -11.98 -3.63
N ALA B 314 -11.81 -12.89 -3.39
CA ALA B 314 -13.24 -12.66 -3.70
C ALA B 314 -13.78 -11.51 -2.89
N ALA B 315 -14.62 -10.70 -3.53
CA ALA B 315 -15.17 -9.49 -2.90
C ALA B 315 -16.67 -9.43 -3.10
N PHE B 316 -17.45 -9.41 -1.98
CA PHE B 316 -18.88 -9.37 -2.05
C PHE B 316 -19.30 -8.05 -1.42
N THR B 317 -20.41 -7.44 -1.87
CA THR B 317 -21.00 -6.33 -1.15
C THR B 317 -22.53 -6.31 -1.23
N PRO B 318 -23.22 -6.01 -0.10
CA PRO B 318 -24.68 -5.95 -0.16
C PRO B 318 -25.18 -4.83 -1.09
N SER B 319 -24.32 -3.85 -1.35
CA SER B 319 -24.59 -2.80 -2.29
C SER B 319 -24.47 -3.20 -3.78
N ALA B 320 -24.03 -4.40 -4.09
CA ALA B 320 -24.01 -4.86 -5.49
C ALA B 320 -25.41 -5.38 -5.82
N LEU B 321 -26.27 -4.43 -6.14
CA LEU B 321 -27.69 -4.71 -6.34
C LEU B 321 -27.98 -4.58 -7.83
N VAL B 322 -29.04 -5.21 -8.30
CA VAL B 322 -29.38 -5.22 -9.73
C VAL B 322 -30.81 -4.63 -9.87
N PRO B 323 -31.17 -4.16 -11.09
CA PRO B 323 -32.51 -3.58 -11.27
C PRO B 323 -33.60 -4.53 -10.84
N GLY B 324 -34.55 -4.02 -10.04
CA GLY B 324 -35.59 -4.87 -9.42
C GLY B 324 -35.36 -5.23 -7.95
N ILE B 325 -34.11 -5.07 -7.49
CA ILE B 325 -33.71 -5.41 -6.11
C ILE B 325 -32.96 -4.25 -5.49
N GLU B 326 -33.47 -3.78 -4.35
CA GLU B 326 -32.98 -2.54 -3.74
C GLU B 326 -32.82 -2.70 -2.22
N ALA B 327 -32.07 -1.81 -1.62
CA ALA B 327 -31.93 -1.80 -0.16
C ALA B 327 -33.26 -1.45 0.46
N SER B 328 -33.50 -1.96 1.66
CA SER B 328 -34.42 -1.30 2.59
C SER B 328 -33.74 -0.23 3.46
N GLU B 329 -34.58 0.45 4.21
CA GLU B 329 -34.20 1.44 5.18
C GLU B 329 -33.47 0.89 6.40
N ASP B 330 -33.31 -0.43 6.48
CA ASP B 330 -32.62 -1.08 7.62
C ASP B 330 -31.26 -0.41 7.89
N LYS B 331 -31.07 0.17 9.09
CA LYS B 331 -29.91 1.02 9.33
C LYS B 331 -28.59 0.20 9.41
N LEU B 332 -28.71 -1.07 9.73
CA LEU B 332 -27.59 -1.97 9.74
C LEU B 332 -27.18 -2.17 8.29
N LEU B 333 -28.16 -2.50 7.45
CA LEU B 333 -27.88 -2.61 6.01
C LEU B 333 -27.27 -1.36 5.41
N GLN B 334 -27.78 -0.19 5.78
CA GLN B 334 -27.33 1.05 5.16
C GLN B 334 -25.81 1.27 5.33
N GLY B 335 -25.29 0.96 6.51
CA GLY B 335 -23.84 1.00 6.75
C GLY B 335 -23.02 0.00 5.93
N ARG B 336 -23.56 -1.21 5.81
CA ARG B 336 -22.92 -2.26 5.00
C ARG B 336 -22.73 -1.82 3.54
N LEU B 337 -23.68 -1.05 3.00
CA LEU B 337 -23.57 -0.56 1.59
C LEU B 337 -22.25 0.16 1.31
N PHE B 338 -21.78 0.92 2.29
CA PHE B 338 -20.48 1.57 2.29
C PHE B 338 -19.28 0.72 2.65
N SER B 339 -19.38 0.01 3.78
CA SER B 339 -18.22 -0.69 4.40
C SER B 339 -17.53 -1.73 3.52
N TYR B 340 -18.31 -2.50 2.73
CA TYR B 340 -17.72 -3.61 2.00
C TYR B 340 -16.79 -3.12 0.87
N PRO B 341 -17.28 -2.26 -0.07
CA PRO B 341 -16.34 -1.77 -1.09
C PRO B 341 -15.19 -0.95 -0.48
N ASP B 342 -15.50 -0.21 0.58
CA ASP B 342 -14.51 0.53 1.29
C ASP B 342 -13.35 -0.34 1.80
N THR B 343 -13.66 -1.41 2.54
CA THR B 343 -12.60 -2.33 3.04
C THR B 343 -11.86 -3.03 1.90
N GLN B 344 -12.57 -3.35 0.83
CA GLN B 344 -12.04 -4.09 -0.29
C GLN B 344 -11.02 -3.29 -1.11
N ARG B 345 -11.24 -1.99 -1.20
CA ARG B 345 -10.28 -1.13 -1.84
C ARG B 345 -8.96 -1.11 -1.10
N HIS B 346 -9.02 -1.15 0.23
CA HIS B 346 -7.81 -1.33 1.05
C HIS B 346 -7.26 -2.76 0.95
N ARG B 347 -8.12 -3.76 1.17
CA ARG B 347 -7.66 -5.17 1.28
C ARG B 347 -7.06 -5.66 -0.08
N LEU B 348 -7.60 -5.18 -1.19
CA LEU B 348 -7.36 -5.79 -2.55
C LEU B 348 -6.81 -4.81 -3.59
N GLY B 349 -6.97 -3.49 -3.39
CA GLY B 349 -6.60 -2.45 -4.34
C GLY B 349 -7.79 -1.69 -4.93
N ALA B 350 -7.54 -0.44 -5.35
CA ALA B 350 -8.50 0.35 -6.05
C ALA B 350 -9.17 -0.40 -7.22
N ASN B 351 -8.40 -1.23 -7.90
CA ASN B 351 -8.92 -2.01 -9.06
C ASN B 351 -9.35 -3.47 -8.80
N TYR B 352 -9.80 -3.73 -7.57
CA TYR B 352 -10.17 -5.10 -7.14
C TYR B 352 -11.28 -5.71 -8.03
N MET B 353 -12.10 -4.85 -8.63
CA MET B 353 -13.22 -5.28 -9.47
C MET B 353 -12.76 -5.87 -10.81
N ARG B 354 -11.47 -5.78 -11.13
CA ARG B 354 -10.90 -6.42 -12.29
C ARG B 354 -10.27 -7.77 -11.99
N ILE B 355 -10.18 -8.16 -10.71
CA ILE B 355 -9.66 -9.47 -10.36
C ILE B 355 -10.68 -10.49 -10.95
N PRO B 356 -10.23 -11.55 -11.57
CA PRO B 356 -11.20 -12.37 -12.37
C PRO B 356 -12.49 -12.82 -11.66
N VAL B 357 -12.41 -13.36 -10.44
CA VAL B 357 -13.59 -13.82 -9.73
C VAL B 357 -14.59 -12.67 -9.52
N ASN B 358 -14.09 -11.44 -9.45
CA ASN B 358 -14.97 -10.31 -9.16
C ASN B 358 -15.59 -9.67 -10.39
N CYS B 359 -15.03 -9.95 -11.55
CA CYS B 359 -15.53 -9.41 -12.85
C CYS B 359 -16.96 -9.87 -13.19
N PRO B 360 -17.79 -8.95 -13.69
CA PRO B 360 -19.12 -9.31 -14.16
C PRO B 360 -19.04 -10.01 -15.49
N TYR B 361 -20.08 -10.79 -15.82
CA TYR B 361 -20.28 -11.28 -17.20
C TYR B 361 -20.83 -10.16 -18.09
N ALA B 362 -21.75 -9.34 -17.57
CA ALA B 362 -22.22 -8.15 -18.25
C ALA B 362 -21.08 -7.16 -18.61
N PRO B 363 -21.25 -6.40 -19.71
CA PRO B 363 -20.26 -5.45 -20.16
C PRO B 363 -20.01 -4.34 -19.13
N VAL B 364 -18.76 -3.90 -18.99
CA VAL B 364 -18.43 -2.75 -18.18
C VAL B 364 -17.85 -1.65 -19.05
N HIS B 365 -18.44 -0.45 -18.97
CA HIS B 365 -17.94 0.71 -19.71
C HIS B 365 -18.15 1.93 -18.88
N ASN B 366 -17.10 2.64 -18.55
CA ASN B 366 -17.28 3.90 -17.87
C ASN B 366 -16.04 4.75 -17.97
N ASN B 367 -16.03 5.87 -17.26
CA ASN B 367 -15.01 6.87 -17.43
C ASN B 367 -14.00 6.88 -16.27
N GLN B 368 -14.00 5.82 -15.44
CA GLN B 368 -13.06 5.69 -14.35
C GLN B 368 -11.72 5.36 -15.01
N GLN B 369 -10.62 5.66 -14.35
CA GLN B 369 -9.30 5.33 -14.92
C GLN B 369 -8.22 5.15 -13.86
N ASP B 370 -7.14 4.51 -14.29
CA ASP B 370 -5.82 4.44 -13.58
C ASP B 370 -5.95 3.64 -12.28
N GLY B 371 -5.20 4.03 -11.25
CA GLY B 371 -5.13 3.29 -10.01
C GLY B 371 -4.02 2.24 -10.08
N PHE B 372 -3.58 1.81 -8.89
CA PHE B 372 -2.57 0.77 -8.73
CA PHE B 372 -2.61 0.78 -8.70
C PHE B 372 -2.94 -0.45 -9.57
N MET B 373 -1.96 -0.99 -10.26
CA MET B 373 -2.11 -2.22 -11.05
C MET B 373 -3.20 -2.13 -12.13
N THR B 374 -3.04 -1.18 -13.04
CA THR B 374 -3.91 -1.03 -14.20
C THR B 374 -3.45 -2.02 -15.28
N THR B 375 -4.24 -3.09 -15.45
CA THR B 375 -3.86 -4.24 -16.32
C THR B 375 -4.76 -4.37 -17.54
N THR B 376 -5.73 -3.47 -17.69
CA THR B 376 -6.83 -3.66 -18.62
C THR B 376 -6.63 -3.00 -20.01
N ARG B 377 -5.44 -2.56 -20.33
CA ARG B 377 -5.18 -1.95 -21.65
C ARG B 377 -6.25 -0.91 -22.05
N PRO B 378 -6.39 0.17 -21.29
CA PRO B 378 -7.30 1.25 -21.69
C PRO B 378 -6.83 2.02 -22.94
N SER B 379 -7.76 2.63 -23.64
CA SER B 379 -7.49 3.41 -24.86
C SER B 379 -8.56 4.50 -25.00
N GLY B 380 -8.36 5.45 -25.92
CA GLY B 380 -9.30 6.53 -26.10
C GLY B 380 -8.90 7.85 -25.42
N HIS B 381 -9.33 8.94 -26.05
CA HIS B 381 -9.09 10.31 -25.57
C HIS B 381 -10.18 10.82 -24.59
N ILE B 382 -11.34 10.12 -24.53
CA ILE B 382 -12.55 10.65 -23.86
C ILE B 382 -12.88 9.88 -22.56
N ASN B 383 -12.67 10.53 -21.42
CA ASN B 383 -12.80 9.94 -20.11
C ASN B 383 -13.65 10.83 -19.22
N TYR B 384 -14.55 11.58 -19.87
CA TYR B 384 -15.48 12.51 -19.22
C TYR B 384 -16.85 12.41 -19.95
N GLU B 385 -17.91 12.72 -19.22
CA GLU B 385 -19.28 12.79 -19.74
C GLU B 385 -19.97 13.93 -18.93
N PRO B 386 -20.75 14.80 -19.58
CA PRO B 386 -21.17 14.78 -20.96
C PRO B 386 -20.06 15.10 -21.92
N ASN B 387 -20.21 14.58 -23.14
CA ASN B 387 -19.28 14.86 -24.21
C ASN B 387 -20.06 14.87 -25.51
N ARG B 388 -19.44 15.34 -26.58
CA ARG B 388 -20.13 15.50 -27.87
C ARG B 388 -20.19 14.22 -28.73
N TYR B 389 -19.71 13.09 -28.22
CA TYR B 389 -19.54 11.90 -29.06
C TYR B 389 -20.62 10.86 -28.82
N ASP B 390 -21.39 10.55 -29.86
CA ASP B 390 -22.56 9.65 -29.73
C ASP B 390 -22.18 8.19 -29.43
N ASP B 391 -20.98 7.80 -29.83
CA ASP B 391 -20.51 6.41 -29.66
C ASP B 391 -19.95 6.15 -28.26
N GLN B 392 -19.71 7.19 -27.45
CA GLN B 392 -19.20 7.02 -26.08
C GLN B 392 -20.33 6.65 -25.10
N PRO B 393 -19.98 6.00 -23.95
CA PRO B 393 -21.04 5.48 -23.09
C PRO B 393 -21.91 6.58 -22.54
N LYS B 394 -23.21 6.31 -22.50
CA LYS B 394 -24.21 7.27 -22.00
C LYS B 394 -25.09 6.63 -20.93
N GLU B 395 -25.62 7.46 -20.05
CA GLU B 395 -26.62 6.97 -19.10
C GLU B 395 -27.83 6.43 -19.85
N ASN B 396 -28.56 5.55 -19.18
CA ASN B 396 -29.72 4.90 -19.76
C ASN B 396 -30.92 4.96 -18.79
N PRO B 397 -31.87 5.85 -19.09
CA PRO B 397 -32.95 6.11 -18.12
C PRO B 397 -33.94 4.95 -17.91
N HIS B 398 -33.92 3.93 -18.76
CA HIS B 398 -34.66 2.71 -18.46
C HIS B 398 -34.17 1.91 -17.20
N TYR B 399 -32.96 2.22 -16.71
CA TYR B 399 -32.41 1.61 -15.48
C TYR B 399 -32.26 2.66 -14.38
N LYS B 400 -33.38 3.11 -13.80
CA LYS B 400 -33.34 3.96 -12.63
C LYS B 400 -33.87 3.16 -11.46
N GLU B 401 -33.32 3.38 -10.26
CA GLU B 401 -33.88 2.82 -9.07
C GLU B 401 -35.20 3.51 -8.70
N SER B 402 -35.99 2.86 -7.86
CA SER B 402 -37.20 3.48 -7.32
C SER B 402 -36.88 4.75 -6.51
N GLU B 403 -37.94 5.44 -6.11
CA GLU B 403 -37.80 6.63 -5.27
C GLU B 403 -38.55 6.45 -3.96
N PRO B 404 -37.99 5.70 -3.00
CA PRO B 404 -38.74 5.41 -1.76
C PRO B 404 -39.23 6.68 -1.09
N VAL B 405 -40.43 6.59 -0.51
CA VAL B 405 -40.99 7.68 0.27
C VAL B 405 -40.30 7.82 1.61
N LEU B 406 -40.01 9.07 1.99
CA LEU B 406 -39.44 9.42 3.31
C LEU B 406 -40.53 9.93 4.24
N HIS B 407 -40.73 9.27 5.36
CA HIS B 407 -41.75 9.70 6.31
C HIS B 407 -41.25 10.78 7.28
N GLY B 408 -39.95 10.76 7.59
CA GLY B 408 -39.35 11.79 8.45
C GLY B 408 -38.98 13.09 7.76
N ASP B 409 -38.96 14.18 8.52
CA ASP B 409 -38.83 15.54 7.98
C ASP B 409 -37.61 16.30 8.57
N ARG B 410 -36.85 15.63 9.45
CA ARG B 410 -35.58 16.15 9.96
C ARG B 410 -34.47 15.09 9.87
N MET B 411 -33.24 15.58 9.74
CA MET B 411 -32.05 14.74 9.92
C MET B 411 -31.86 14.48 11.42
N VAL B 412 -31.97 13.20 11.82
CA VAL B 412 -31.96 12.85 13.26
C VAL B 412 -31.02 11.68 13.53
N ARG B 413 -30.60 11.58 14.79
CA ARG B 413 -29.98 10.39 15.30
C ARG B 413 -30.82 9.87 16.47
N GLN B 414 -31.56 8.80 16.21
CA GLN B 414 -32.61 8.38 17.06
C GLN B 414 -32.93 6.91 16.86
N LYS B 415 -33.09 6.15 17.95
CA LYS B 415 -33.50 4.74 17.84
C LYS B 415 -34.87 4.60 17.16
N ILE B 416 -35.03 3.55 16.35
CA ILE B 416 -36.35 3.21 15.85
C ILE B 416 -37.40 3.16 16.96
N GLU B 417 -38.64 3.51 16.62
CA GLU B 417 -39.81 3.17 17.44
C GLU B 417 -40.04 1.63 17.44
N LYS B 418 -40.80 1.16 18.43
CA LYS B 418 -41.07 -0.28 18.69
C LYS B 418 -39.84 -1.20 18.54
N PRO B 419 -38.80 -0.92 19.31
CA PRO B 419 -37.67 -1.81 19.33
C PRO B 419 -38.04 -3.21 19.76
N ASN B 420 -38.97 -3.35 20.72
CA ASN B 420 -39.48 -4.67 21.14
C ASN B 420 -38.34 -5.73 21.30
N ASP B 421 -37.42 -5.50 22.23
CA ASP B 421 -36.13 -6.25 22.24
C ASP B 421 -36.27 -7.73 22.69
N PHE B 422 -37.35 -8.09 23.41
CA PHE B 422 -37.42 -9.40 24.07
C PHE B 422 -38.46 -10.39 23.56
N LYS B 423 -39.47 -9.90 22.84
CA LYS B 423 -40.64 -10.74 22.55
C LYS B 423 -40.27 -11.92 21.65
N GLN B 424 -39.62 -11.65 20.51
CA GLN B 424 -39.31 -12.73 19.58
C GLN B 424 -38.31 -13.69 20.23
N ALA B 425 -37.49 -13.20 21.14
CA ALA B 425 -36.54 -14.11 21.84
C ALA B 425 -37.31 -15.15 22.66
N GLY B 426 -38.37 -14.70 23.32
CA GLY B 426 -39.27 -15.62 24.05
C GLY B 426 -40.00 -16.58 23.10
N GLU B 427 -40.47 -16.07 21.99
CA GLU B 427 -41.15 -16.91 21.01
C GLU B 427 -40.17 -17.97 20.50
N LYS B 428 -38.93 -17.60 20.23
CA LYS B 428 -37.97 -18.62 19.79
C LYS B 428 -37.75 -19.67 20.89
N TYR B 429 -37.51 -19.21 22.11
CA TYR B 429 -37.23 -20.10 23.22
C TYR B 429 -38.31 -21.15 23.29
N ARG B 430 -39.55 -20.70 23.31
CA ARG B 430 -40.68 -21.60 23.46
C ARG B 430 -40.84 -22.54 22.27
N SER B 431 -40.32 -22.16 21.11
CA SER B 431 -40.42 -23.02 19.92
C SER B 431 -39.43 -24.18 20.00
N TYR B 432 -38.43 -24.08 20.87
CA TYR B 432 -37.47 -25.19 21.05
C TYR B 432 -38.08 -26.41 21.72
N SER B 433 -37.66 -27.59 21.31
CA SER B 433 -37.96 -28.84 22.00
C SER B 433 -37.25 -28.80 23.35
N GLU B 434 -37.67 -29.69 24.26
CA GLU B 434 -37.10 -29.74 25.61
C GLU B 434 -35.60 -30.00 25.54
N GLU B 435 -35.18 -30.90 24.64
CA GLU B 435 -33.79 -31.20 24.43
C GLU B 435 -33.00 -29.98 23.94
N GLU B 436 -33.58 -29.25 23.00
CA GLU B 436 -32.95 -28.00 22.51
C GLU B 436 -32.85 -26.93 23.61
N LYS B 437 -33.88 -26.82 24.45
CA LYS B 437 -33.84 -25.89 25.57
C LYS B 437 -32.71 -26.25 26.52
N GLN B 438 -32.56 -27.52 26.83
CA GLN B 438 -31.46 -27.93 27.69
C GLN B 438 -30.10 -27.64 27.07
N ALA B 439 -29.94 -27.89 25.77
CA ALA B 439 -28.63 -27.56 25.15
C ALA B 439 -28.33 -26.05 25.23
N LEU B 440 -29.35 -25.23 24.99
CA LEU B 440 -29.25 -23.76 25.05
C LEU B 440 -28.77 -23.34 26.43
N ILE B 441 -29.39 -23.87 27.47
CA ILE B 441 -29.06 -23.47 28.84
C ILE B 441 -27.65 -23.94 29.18
N LYS B 442 -27.33 -25.15 28.77
CA LYS B 442 -26.00 -25.75 28.96
C LYS B 442 -24.94 -24.88 28.32
N ASN B 443 -25.16 -24.52 27.06
CA ASN B 443 -24.20 -23.73 26.28
C ASN B 443 -24.07 -22.37 26.91
N LEU B 444 -25.19 -21.76 27.29
CA LEU B 444 -25.14 -20.45 27.89
C LEU B 444 -24.43 -20.44 29.24
N THR B 445 -24.66 -21.50 30.00
CA THR B 445 -24.10 -21.62 31.32
C THR B 445 -22.58 -21.76 31.23
N ALA B 446 -22.10 -22.63 30.33
CA ALA B 446 -20.65 -22.78 30.17
C ALA B 446 -19.95 -21.47 29.75
N ASP B 447 -20.64 -20.60 29.01
CA ASP B 447 -20.08 -19.36 28.54
C ASP B 447 -20.16 -18.28 29.60
N LEU B 448 -21.19 -18.33 30.46
CA LEU B 448 -21.46 -17.24 31.40
C LEU B 448 -20.83 -17.46 32.79
N LYS B 449 -20.51 -18.70 33.13
CA LYS B 449 -20.16 -19.04 34.52
C LYS B 449 -18.97 -18.24 35.06
N GLY B 450 -18.03 -17.85 34.20
CA GLY B 450 -16.89 -17.06 34.66
C GLY B 450 -16.91 -15.55 34.50
N VAL B 451 -18.01 -14.98 34.02
CA VAL B 451 -18.02 -13.55 33.70
C VAL B 451 -18.33 -12.82 34.99
N ASN B 452 -18.10 -11.51 34.96
CA ASN B 452 -18.30 -10.67 36.13
C ASN B 452 -19.78 -10.71 36.61
N GLU B 453 -19.98 -10.73 37.92
CA GLU B 453 -21.29 -10.99 38.55
C GLU B 453 -22.44 -10.06 38.16
N LYS B 454 -22.17 -8.77 38.08
CA LYS B 454 -23.15 -7.81 37.62
C LYS B 454 -23.62 -8.09 36.17
N THR B 455 -22.67 -8.44 35.31
CA THR B 455 -22.94 -8.65 33.89
C THR B 455 -23.73 -9.96 33.73
N LYS B 456 -23.33 -10.95 34.53
CA LYS B 456 -24.01 -12.23 34.61
C LYS B 456 -25.48 -12.04 34.97
N LEU B 457 -25.74 -11.21 35.97
CA LEU B 457 -27.12 -10.93 36.38
C LEU B 457 -27.91 -10.24 35.27
N LEU B 458 -27.30 -9.28 34.58
CA LEU B 458 -28.03 -8.52 33.58
C LEU B 458 -28.36 -9.44 32.41
N ALA B 459 -27.50 -10.40 32.13
CA ALA B 459 -27.80 -11.38 31.06
C ALA B 459 -29.04 -12.18 31.43
N ILE B 460 -29.03 -12.68 32.67
CA ILE B 460 -30.16 -13.44 33.18
C ILE B 460 -31.46 -12.64 33.09
N CYS B 461 -31.41 -11.39 33.52
CA CYS B 461 -32.59 -10.52 33.40
C CYS B 461 -33.08 -10.31 31.96
N ASN B 462 -32.17 -10.14 31.01
CA ASN B 462 -32.55 -9.97 29.61
C ASN B 462 -33.29 -11.24 29.12
N PHE B 463 -32.73 -12.41 29.43
CA PHE B 463 -33.36 -13.69 29.04
C PHE B 463 -34.68 -13.93 29.83
N TYR B 464 -34.73 -13.47 31.06
CA TYR B 464 -35.95 -13.53 31.85
C TYR B 464 -37.07 -12.70 31.20
N ARG B 465 -36.74 -11.47 30.77
CA ARG B 465 -37.68 -10.61 30.05
C ARG B 465 -38.19 -11.25 28.78
N ALA B 466 -37.36 -12.06 28.15
CA ALA B 466 -37.77 -12.83 26.99
C ALA B 466 -38.80 -13.87 27.38
N ASP B 467 -38.44 -14.70 28.36
CA ASP B 467 -39.34 -15.74 28.87
C ASP B 467 -38.95 -16.08 30.30
N GLU B 468 -39.93 -16.12 31.21
CA GLU B 468 -39.63 -16.34 32.64
C GLU B 468 -38.99 -17.68 32.95
N ASP B 469 -39.41 -18.73 32.25
CA ASP B 469 -38.83 -20.06 32.36
C ASP B 469 -37.39 -20.11 31.84
N TYR B 470 -37.17 -19.48 30.70
CA TYR B 470 -35.83 -19.34 30.08
C TYR B 470 -34.88 -18.75 31.13
N GLY B 471 -35.27 -17.63 31.70
CA GLY B 471 -34.45 -16.93 32.64
C GLY B 471 -34.27 -17.65 33.95
N GLN B 472 -35.34 -18.25 34.45
CA GLN B 472 -35.27 -19.00 35.70
C GLN B 472 -34.32 -20.19 35.57
N ARG B 473 -34.43 -20.94 34.47
CA ARG B 473 -33.58 -22.08 34.25
C ARG B 473 -32.10 -21.68 34.23
N LEU B 474 -31.81 -20.57 33.55
CA LEU B 474 -30.45 -20.12 33.40
C LEU B 474 -29.91 -19.69 34.74
N ALA B 475 -30.74 -18.96 35.49
CA ALA B 475 -30.38 -18.55 36.86
C ALA B 475 -30.07 -19.76 37.80
N ASP B 476 -30.98 -20.72 37.83
CA ASP B 476 -30.79 -21.95 38.62
C ASP B 476 -29.47 -22.64 38.24
N SER B 477 -29.26 -22.82 36.93
CA SER B 477 -28.09 -23.50 36.39
C SER B 477 -26.80 -22.75 36.77
N LEU B 478 -26.88 -21.42 36.88
CA LEU B 478 -25.70 -20.61 37.24
C LEU B 478 -25.57 -20.32 38.73
N GLY B 479 -26.50 -20.83 39.52
CA GLY B 479 -26.45 -20.58 40.97
C GLY B 479 -26.71 -19.13 41.33
N VAL B 480 -27.53 -18.44 40.55
CA VAL B 480 -27.85 -17.03 40.82
C VAL B 480 -29.29 -16.89 41.33
N ASP B 481 -29.45 -16.23 42.49
CA ASP B 481 -30.75 -16.12 43.15
C ASP B 481 -31.40 -14.84 42.69
N ILE B 482 -32.49 -14.97 41.95
CA ILE B 482 -33.09 -13.80 41.34
C ILE B 482 -34.45 -13.47 42.01
N ARG B 483 -34.70 -14.05 43.19
CA ARG B 483 -35.92 -13.79 43.98
C ARG B 483 -36.23 -12.32 44.34
N SER B 484 -35.22 -11.52 44.62
CA SER B 484 -35.49 -10.10 44.88
C SER B 484 -36.13 -9.38 43.65
N TYR B 485 -35.84 -9.86 42.43
CA TYR B 485 -36.46 -9.36 41.18
C TYR B 485 -37.49 -10.32 40.62
N HIS C 6 -12.99 10.42 33.87
CA HIS C 6 -14.20 10.71 33.03
C HIS C 6 -13.87 11.52 31.75
N LYS C 7 -14.08 10.90 30.59
CA LYS C 7 -13.51 11.37 29.31
C LYS C 7 -14.56 11.34 28.22
N ASN C 8 -14.42 12.24 27.25
CA ASN C 8 -15.28 12.22 26.04
C ASN C 8 -14.76 11.26 25.02
N LEU C 9 -15.69 10.51 24.44
CA LEU C 9 -15.50 9.94 23.12
CA LEU C 9 -15.49 9.95 23.11
C LEU C 9 -15.35 11.10 22.11
N THR C 10 -14.37 11.03 21.21
CA THR C 10 -14.17 12.07 20.20
C THR C 10 -13.96 11.43 18.87
N THR C 11 -14.13 12.20 17.81
CA THR C 11 -13.59 11.87 16.48
C THR C 11 -12.06 11.98 16.46
N ASN C 12 -11.43 11.53 15.37
CA ASN C 12 -9.99 11.76 15.21
C ASN C 12 -9.59 13.22 15.02
N GLN C 13 -10.58 14.08 14.80
CA GLN C 13 -10.35 15.50 14.72
C GLN C 13 -10.37 16.18 16.09
N GLY C 14 -10.63 15.40 17.14
CA GLY C 14 -10.83 15.92 18.51
C GLY C 14 -12.22 16.51 18.85
N VAL C 15 -13.24 16.27 18.02
CA VAL C 15 -14.60 16.78 18.30
C VAL C 15 -15.34 15.77 19.15
N PRO C 16 -15.88 16.20 20.30
CA PRO C 16 -16.64 15.24 21.11
C PRO C 16 -17.84 14.66 20.38
N VAL C 17 -18.13 13.39 20.62
CA VAL C 17 -19.17 12.64 19.90
C VAL C 17 -20.47 12.68 20.67
N GLY C 18 -21.51 13.16 20.01
CA GLY C 18 -22.83 13.37 20.68
C GLY C 18 -23.64 12.09 20.86
N ASP C 19 -23.49 11.18 19.90
CA ASP C 19 -24.30 9.96 19.88
C ASP C 19 -23.43 8.89 19.26
N ASN C 20 -23.02 7.92 20.08
CA ASN C 20 -22.26 6.80 19.57
C ASN C 20 -23.12 5.55 19.34
N GLN C 21 -24.45 5.72 19.33
CA GLN C 21 -25.40 4.59 19.15
C GLN C 21 -26.15 4.61 17.81
N ASN C 22 -26.54 5.81 17.35
CA ASN C 22 -27.42 5.92 16.19
C ASN C 22 -26.72 6.62 15.01
N SER C 23 -26.87 6.02 13.85
CA SER C 23 -26.56 6.68 12.57
C SER C 23 -27.50 7.85 12.31
N ARG C 24 -27.11 8.70 11.38
CA ARG C 24 -27.89 9.88 11.06
C ARG C 24 -28.80 9.56 9.89
N THR C 25 -30.10 9.77 10.07
CA THR C 25 -31.11 9.22 9.17
C THR C 25 -32.23 10.22 8.89
N ALA C 26 -32.99 9.93 7.84
CA ALA C 26 -34.23 10.64 7.55
C ALA C 26 -35.39 10.23 8.46
N GLY C 27 -35.53 10.91 9.59
CA GLY C 27 -36.45 10.44 10.63
C GLY C 27 -35.94 9.20 11.34
N HIS C 28 -36.70 8.77 12.34
CA HIS C 28 -36.30 7.71 13.23
C HIS C 28 -36.08 6.36 12.53
N ARG C 29 -36.72 6.12 11.40
CA ARG C 29 -36.52 4.84 10.72
C ARG C 29 -36.17 4.95 9.24
N GLY C 30 -35.67 6.10 8.80
CA GLY C 30 -35.44 6.30 7.36
C GLY C 30 -34.04 5.83 6.97
N PRO C 31 -33.70 5.93 5.66
CA PRO C 31 -32.36 5.69 5.17
C PRO C 31 -31.33 6.72 5.67
N SER C 32 -30.06 6.36 5.52
CA SER C 32 -28.96 7.00 6.24
C SER C 32 -28.33 8.13 5.38
N PHE C 33 -27.90 9.20 6.04
CA PHE C 33 -27.29 10.29 5.32
C PHE C 33 -25.78 10.14 5.20
N LEU C 34 -25.27 10.66 4.08
CA LEU C 34 -23.83 10.71 3.83
C LEU C 34 -23.09 11.65 4.81
N ASP C 35 -23.72 12.78 5.16
CA ASP C 35 -23.19 13.71 6.15
C ASP C 35 -23.33 13.11 7.57
N ASP C 36 -22.51 12.11 7.84
CA ASP C 36 -22.35 11.54 9.18
C ASP C 36 -20.86 11.22 9.33
N TYR C 37 -20.07 12.24 9.67
CA TYR C 37 -18.63 12.11 9.66
C TYR C 37 -18.20 11.04 10.68
N HIS C 38 -18.85 11.00 11.84
CA HIS C 38 -18.51 10.02 12.88
C HIS C 38 -18.71 8.59 12.41
N LEU C 39 -19.85 8.27 11.77
CA LEU C 39 -20.09 6.95 11.17
C LEU C 39 -19.00 6.58 10.14
N ILE C 40 -18.74 7.48 9.18
CA ILE C 40 -17.85 7.16 8.09
C ILE C 40 -16.42 7.04 8.59
N GLU C 41 -16.00 7.93 9.50
CA GLU C 41 -14.64 7.84 10.06
C GLU C 41 -14.44 6.53 10.84
N LYS C 42 -15.45 6.17 11.63
CA LYS C 42 -15.39 5.01 12.51
C LYS C 42 -15.39 3.71 11.69
N LEU C 43 -16.24 3.63 10.69
CA LEU C 43 -16.27 2.47 9.80
C LEU C 43 -14.97 2.37 8.94
N ALA C 44 -14.54 3.51 8.38
CA ALA C 44 -13.42 3.52 7.48
C ALA C 44 -12.18 3.07 8.18
N HIS C 45 -12.01 3.50 9.43
CA HIS C 45 -10.85 2.97 10.16
C HIS C 45 -10.98 1.48 10.54
N PHE C 46 -12.13 1.07 11.04
CA PHE C 46 -12.42 -0.36 11.20
C PHE C 46 -12.07 -1.16 9.97
N ASP C 47 -12.45 -0.62 8.81
CA ASP C 47 -12.22 -1.27 7.51
C ASP C 47 -10.75 -1.45 7.14
N ARG C 48 -9.88 -0.73 7.86
CA ARG C 48 -8.45 -0.71 7.60
C ARG C 48 -7.58 -1.22 8.74
N GLU C 49 -8.20 -1.96 9.71
CA GLU C 49 -7.45 -2.41 10.87
C GLU C 49 -6.32 -3.39 10.53
N ARG C 50 -6.52 -4.25 9.53
CA ARG C 50 -5.68 -5.41 9.32
C ARG C 50 -4.53 -5.07 8.38
N ILE C 51 -3.37 -5.63 8.67
CA ILE C 51 -2.21 -5.59 7.80
C ILE C 51 -1.81 -7.03 7.46
N PRO C 52 -0.93 -7.21 6.47
CA PRO C 52 -0.54 -8.59 6.11
C PRO C 52 0.15 -9.32 7.25
N GLU C 53 -0.17 -10.60 7.44
CA GLU C 53 0.51 -11.41 8.42
C GLU C 53 1.91 -11.72 7.85
N ARG C 54 2.82 -12.08 8.75
CA ARG C 54 4.15 -12.57 8.36
C ARG C 54 4.02 -13.76 7.38
N VAL C 55 4.89 -13.79 6.38
CA VAL C 55 4.80 -14.81 5.32
C VAL C 55 5.11 -16.23 5.88
N VAL C 56 5.95 -16.28 6.90
CA VAL C 56 6.10 -17.42 7.77
C VAL C 56 6.14 -16.95 9.20
N HIS C 57 5.92 -17.87 10.13
CA HIS C 57 5.86 -17.53 11.57
C HIS C 57 4.72 -16.55 11.95
N ALA C 58 3.59 -16.63 11.22
CA ALA C 58 2.45 -15.69 11.38
C ALA C 58 1.81 -15.78 12.75
N ARG C 59 1.74 -17.01 13.29
CA ARG C 59 1.24 -17.25 14.65
C ARG C 59 2.33 -17.13 15.72
N GLY C 60 2.13 -16.25 16.68
CA GLY C 60 3.17 -16.05 17.69
C GLY C 60 2.72 -15.22 18.88
N ALA C 61 3.64 -15.07 19.84
CA ALA C 61 3.42 -14.27 21.02
C ALA C 61 4.73 -13.65 21.53
N GLY C 62 4.59 -12.50 22.17
CA GLY C 62 5.75 -11.69 22.56
C GLY C 62 5.78 -11.32 24.04
N ALA C 63 6.97 -11.01 24.54
CA ALA C 63 7.15 -10.50 25.90
C ALA C 63 8.47 -9.71 26.00
N TYR C 64 8.54 -8.79 26.96
CA TYR C 64 9.80 -8.07 27.21
C TYR C 64 10.51 -8.70 28.40
N GLY C 65 11.80 -8.40 28.53
CA GLY C 65 12.55 -8.82 29.72
C GLY C 65 13.92 -8.24 29.73
N VAL C 66 14.85 -8.94 30.36
CA VAL C 66 16.23 -8.41 30.55
C VAL C 66 17.23 -9.54 30.34
N PHE C 67 18.35 -9.26 29.68
CA PHE C 67 19.49 -10.17 29.60
C PHE C 67 20.60 -9.68 30.52
N GLU C 68 21.14 -10.59 31.31
CA GLU C 68 22.27 -10.26 32.21
C GLU C 68 23.50 -11.11 31.93
N VAL C 69 24.63 -10.45 31.73
CA VAL C 69 25.92 -11.14 31.55
C VAL C 69 26.42 -11.78 32.83
N GLU C 70 26.75 -13.07 32.76
CA GLU C 70 27.45 -13.71 33.89
C GLU C 70 28.97 -13.75 33.63
N ASN C 71 29.37 -14.07 32.40
CA ASN C 71 30.80 -14.11 32.01
C ASN C 71 31.08 -13.19 30.85
N SER C 72 31.94 -12.18 31.06
CA SER C 72 32.26 -11.26 29.93
C SER C 72 32.89 -12.06 28.80
N MET C 73 32.58 -11.66 27.59
CA MET C 73 33.07 -12.36 26.42
C MET C 73 34.15 -11.59 25.67
N GLU C 74 34.77 -10.56 26.31
CA GLU C 74 35.72 -9.67 25.65
C GLU C 74 36.99 -10.33 25.04
N LYS C 75 37.35 -11.52 25.50
CA LYS C 75 38.41 -12.29 24.85
C LYS C 75 38.07 -12.69 23.42
N HIS C 76 36.77 -12.87 23.14
CA HIS C 76 36.33 -13.40 21.87
C HIS C 76 35.52 -12.42 20.99
N THR C 77 34.86 -11.46 21.61
CA THR C 77 34.07 -10.46 20.84
C THR C 77 34.13 -9.13 21.57
N ARG C 78 34.18 -8.08 20.77
CA ARG C 78 34.07 -6.72 21.28
CA ARG C 78 34.07 -6.71 21.27
C ARG C 78 32.63 -6.25 21.47
N ALA C 79 31.65 -7.13 21.28
CA ALA C 79 30.27 -6.70 21.42
C ALA C 79 30.08 -5.97 22.76
N ALA C 80 29.46 -4.82 22.73
CA ALA C 80 29.33 -4.01 23.92
C ALA C 80 28.44 -4.62 24.97
N PHE C 81 27.30 -5.21 24.57
CA PHE C 81 26.34 -5.81 25.54
C PHE C 81 26.85 -7.04 26.25
N LEU C 82 27.98 -7.57 25.80
CA LEU C 82 28.62 -8.73 26.42
C LEU C 82 29.97 -8.42 27.15
N SER C 83 30.29 -7.13 27.32
CA SER C 83 31.63 -6.72 27.70
C SER C 83 31.95 -6.91 29.18
N GLU C 84 30.94 -6.95 30.05
CA GLU C 84 31.23 -6.91 31.52
C GLU C 84 30.28 -7.81 32.27
N GLU C 85 30.80 -8.48 33.30
CA GLU C 85 29.95 -9.18 34.29
C GLU C 85 28.87 -8.24 34.86
N GLY C 86 27.66 -8.77 34.94
CA GLY C 86 26.53 -8.04 35.51
C GLY C 86 25.85 -7.06 34.58
N LYS C 87 26.40 -6.84 33.39
CA LYS C 87 25.77 -5.89 32.45
C LYS C 87 24.40 -6.35 31.95
N GLN C 88 23.41 -5.45 32.06
CA GLN C 88 22.03 -5.76 31.78
C GLN C 88 21.54 -5.04 30.55
N THR C 89 20.83 -5.77 29.69
CA THR C 89 20.32 -5.25 28.44
C THR C 89 18.86 -5.65 28.32
N ASP C 90 18.01 -4.66 27.99
CA ASP C 90 16.58 -4.92 27.75
C ASP C 90 16.40 -5.71 26.48
N VAL C 91 15.42 -6.61 26.47
CA VAL C 91 15.12 -7.42 25.31
C VAL C 91 13.65 -7.35 25.00
N PHE C 92 13.29 -7.53 23.73
CA PHE C 92 11.96 -8.01 23.35
C PHE C 92 12.08 -9.32 22.61
N VAL C 93 11.18 -10.27 22.91
CA VAL C 93 11.22 -11.60 22.35
C VAL C 93 9.87 -11.96 21.74
N ARG C 94 9.87 -12.54 20.54
CA ARG C 94 8.70 -13.20 19.99
C ARG C 94 8.95 -14.68 19.73
N PHE C 95 8.01 -15.49 20.18
CA PHE C 95 7.95 -16.91 19.89
C PHE C 95 6.82 -17.18 18.91
N SER C 96 6.94 -18.27 18.15
CA SER C 96 6.04 -18.55 17.04
C SER C 96 6.09 -20.01 16.55
N THR C 97 5.03 -20.42 15.88
CA THR C 97 5.10 -21.57 14.98
C THR C 97 5.64 -21.11 13.64
N VAL C 98 5.51 -21.92 12.59
CA VAL C 98 6.11 -21.55 11.29
C VAL C 98 5.12 -21.47 10.11
N ILE C 99 4.43 -22.58 9.84
CA ILE C 99 3.76 -22.75 8.58
C ILE C 99 2.36 -22.08 8.53
N HIS C 100 1.49 -22.35 9.50
CA HIS C 100 0.07 -22.04 9.32
C HIS C 100 -0.19 -20.55 9.62
N PRO C 101 -1.39 -20.05 9.26
CA PRO C 101 -1.63 -18.62 9.42
C PRO C 101 -1.88 -18.15 10.86
N LYS C 102 -2.09 -16.84 10.99
N LYS C 102 -2.11 -16.85 11.02
CA LYS C 102 -2.45 -16.24 12.23
CA LYS C 102 -2.35 -16.22 12.32
C LYS C 102 -3.72 -17.07 12.61
C LYS C 102 -3.18 -16.85 13.40
N GLY C 103 -3.94 -17.28 13.87
N GLY C 103 -4.37 -17.37 13.10
CA GLY C 103 -5.15 -17.96 14.27
CA GLY C 103 -5.25 -17.97 14.11
C GLY C 103 -5.07 -19.49 14.27
C GLY C 103 -5.11 -19.49 14.20
N SER C 104 -4.02 -20.05 13.67
CA SER C 104 -3.85 -21.47 13.64
C SER C 104 -3.43 -22.04 15.00
N PRO C 105 -3.64 -23.34 15.21
CA PRO C 105 -3.32 -23.93 16.50
C PRO C 105 -1.80 -23.99 16.84
N GLU C 106 -1.50 -23.88 18.13
CA GLU C 106 -0.13 -23.99 18.64
C GLU C 106 0.24 -25.45 19.06
N THR C 107 -0.61 -26.41 18.67
CA THR C 107 -0.38 -27.86 18.90
C THR C 107 0.13 -28.66 17.68
N LEU C 108 0.48 -27.97 16.61
CA LEU C 108 0.90 -28.61 15.38
C LEU C 108 2.41 -28.88 15.39
N ARG C 109 2.85 -29.84 14.59
CA ARG C 109 4.27 -30.11 14.42
C ARG C 109 4.93 -29.03 13.60
N ASP C 110 6.04 -28.50 14.08
CA ASP C 110 6.70 -27.32 13.44
C ASP C 110 7.91 -27.01 14.31
N PRO C 111 8.98 -26.46 13.73
CA PRO C 111 9.92 -25.71 14.53
C PRO C 111 9.20 -24.56 15.21
N ARG C 112 9.79 -24.06 16.29
CA ARG C 112 9.31 -22.90 16.96
C ARG C 112 10.32 -21.79 16.83
N GLY C 113 9.82 -20.59 16.42
CA GLY C 113 10.65 -19.42 16.42
C GLY C 113 11.01 -18.89 17.81
N PHE C 114 12.19 -18.28 17.93
CA PHE C 114 12.78 -17.86 19.18
C PHE C 114 13.59 -16.63 18.78
N ALA C 115 12.93 -15.48 18.64
CA ALA C 115 13.55 -14.26 18.10
C ALA C 115 13.79 -13.27 19.22
N VAL C 116 15.05 -12.91 19.42
CA VAL C 116 15.42 -12.01 20.50
C VAL C 116 15.98 -10.71 19.94
N LYS C 117 15.39 -9.57 20.38
CA LYS C 117 15.90 -8.24 20.10
C LYS C 117 16.55 -7.69 21.34
N PHE C 118 17.83 -7.39 21.24
CA PHE C 118 18.62 -6.80 22.36
C PHE C 118 18.81 -5.32 22.11
N TYR C 119 18.35 -4.46 23.00
CA TYR C 119 18.45 -3.03 22.79
C TYR C 119 19.78 -2.49 23.32
N THR C 120 20.86 -2.66 22.56
CA THR C 120 22.23 -2.37 23.11
C THR C 120 22.65 -0.92 22.91
N GLU C 121 23.73 -0.57 23.59
CA GLU C 121 24.22 0.78 23.52
C GLU C 121 24.85 1.07 22.19
N GLU C 122 25.20 0.05 21.40
CA GLU C 122 25.78 0.27 20.09
C GLU C 122 24.79 -0.10 18.96
N GLY C 123 23.49 -0.13 19.27
CA GLY C 123 22.47 -0.49 18.30
C GLY C 123 21.69 -1.73 18.69
N ASN C 124 20.58 -1.96 17.99
CA ASN C 124 19.79 -3.19 18.23
C ASN C 124 20.47 -4.40 17.58
N TYR C 125 20.51 -5.50 18.33
CA TYR C 125 21.07 -6.78 17.87
C TYR C 125 19.97 -7.78 17.90
N ASP C 126 19.58 -8.29 16.75
CA ASP C 126 18.57 -9.29 16.68
C ASP C 126 19.24 -10.70 16.54
N LEU C 127 18.91 -11.61 17.44
CA LEU C 127 19.23 -13.02 17.25
C LEU C 127 17.98 -13.80 16.93
N VAL C 128 17.83 -14.14 15.65
CA VAL C 128 16.56 -14.65 15.13
C VAL C 128 16.67 -16.16 14.98
N GLY C 129 16.34 -16.86 16.08
CA GLY C 129 16.57 -18.27 16.22
C GLY C 129 15.33 -19.12 16.11
N ASN C 130 15.52 -20.45 16.16
CA ASN C 130 14.42 -21.43 16.31
C ASN C 130 14.73 -22.32 17.52
N ASN C 131 13.78 -23.06 18.07
CA ASN C 131 14.12 -24.03 19.06
C ASN C 131 15.19 -25.08 18.55
N LEU C 132 14.98 -25.68 17.38
CA LEU C 132 15.83 -26.73 16.87
C LEU C 132 17.12 -26.13 16.30
N PRO C 133 18.24 -26.85 16.43
CA PRO C 133 19.55 -26.20 16.18
C PRO C 133 20.06 -26.21 14.70
N ILE C 134 19.34 -26.87 13.81
CA ILE C 134 19.74 -27.05 12.39
CA ILE C 134 19.73 -27.04 12.39
C ILE C 134 18.56 -26.68 11.49
N PHE C 135 18.74 -26.76 10.20
CA PHE C 135 17.64 -26.46 9.32
C PHE C 135 17.51 -27.52 8.20
N PHE C 136 16.42 -27.44 7.45
CA PHE C 136 16.09 -28.34 6.34
C PHE C 136 16.98 -28.20 5.13
N ILE C 137 17.46 -26.98 4.90
CA ILE C 137 18.14 -26.60 3.64
C ILE C 137 19.36 -25.76 3.99
N ARG C 138 20.23 -25.52 3.00
CA ARG C 138 21.52 -24.85 3.22
C ARG C 138 21.78 -23.69 2.27
N ASP C 139 20.79 -23.40 1.42
CA ASP C 139 20.82 -22.27 0.46
C ASP C 139 19.48 -21.57 0.38
N ALA C 140 19.50 -20.25 0.58
CA ALA C 140 18.27 -19.45 0.61
C ALA C 140 17.46 -19.49 -0.66
N LEU C 141 18.11 -19.74 -1.81
CA LEU C 141 17.37 -19.88 -3.07
C LEU C 141 16.25 -20.88 -2.91
N LYS C 142 16.41 -21.85 -1.99
CA LYS C 142 15.41 -22.95 -1.85
C LYS C 142 14.30 -22.64 -0.92
N PHE C 143 14.40 -21.55 -0.20
CA PHE C 143 13.45 -21.31 0.86
C PHE C 143 12.00 -21.17 0.36
N PRO C 144 11.75 -20.45 -0.75
CA PRO C 144 10.36 -20.36 -1.15
C PRO C 144 9.79 -21.69 -1.61
N ASP C 145 10.66 -22.53 -2.16
CA ASP C 145 10.27 -23.90 -2.55
C ASP C 145 9.88 -24.73 -1.34
N MET C 146 10.76 -24.71 -0.34
CA MET C 146 10.53 -25.50 0.88
C MET C 146 9.19 -25.09 1.52
N VAL C 147 9.03 -23.77 1.63
CA VAL C 147 7.84 -23.18 2.27
C VAL C 147 6.58 -23.48 1.51
N HIS C 148 6.63 -23.30 0.19
CA HIS C 148 5.52 -23.64 -0.66
C HIS C 148 5.09 -25.13 -0.49
N SER C 149 6.05 -26.02 -0.34
CA SER C 149 5.78 -27.47 -0.20
C SER C 149 5.13 -27.82 1.14
N LEU C 150 5.51 -27.07 2.19
CA LEU C 150 5.01 -27.26 3.52
C LEU C 150 3.67 -26.57 3.78
N LYS C 151 3.46 -25.43 3.11
CA LYS C 151 2.22 -24.66 3.31
C LYS C 151 0.99 -25.45 2.82
N PRO C 152 -0.21 -25.15 3.34
CA PRO C 152 -1.40 -25.67 2.67
C PRO C 152 -1.37 -25.61 1.15
N ASP C 153 -1.80 -26.70 0.54
CA ASP C 153 -1.89 -26.82 -0.91
C ASP C 153 -2.60 -25.61 -1.52
N PRO C 154 -2.09 -25.09 -2.65
CA PRO C 154 -2.61 -23.83 -3.18
C PRO C 154 -4.00 -23.96 -3.81
N VAL C 155 -4.49 -25.21 -3.99
CA VAL C 155 -5.85 -25.45 -4.45
C VAL C 155 -6.79 -25.72 -3.29
N THR C 156 -6.42 -26.63 -2.39
CA THR C 156 -7.32 -27.08 -1.35
C THR C 156 -7.25 -26.29 -0.03
N ASN C 157 -6.16 -25.57 0.21
CA ASN C 157 -5.96 -24.87 1.49
C ASN C 157 -5.84 -25.84 2.67
N ILE C 158 -5.27 -27.01 2.42
CA ILE C 158 -4.97 -27.96 3.44
C ILE C 158 -3.52 -28.46 3.20
N GLN C 159 -2.71 -28.49 4.26
CA GLN C 159 -1.37 -29.07 4.21
C GLN C 159 -1.42 -30.53 3.80
N ASP C 160 -0.46 -30.96 2.99
CA ASP C 160 -0.49 -32.27 2.40
C ASP C 160 0.90 -32.89 2.51
N PRO C 161 1.07 -33.93 3.35
CA PRO C 161 2.36 -34.60 3.49
C PRO C 161 2.97 -35.10 2.19
N ASP C 162 2.14 -35.48 1.22
CA ASP C 162 2.64 -35.90 -0.06
C ASP C 162 3.43 -34.77 -0.75
N ARG C 163 3.04 -33.52 -0.52
CA ARG C 163 3.73 -32.39 -1.13
C ARG C 163 5.09 -32.08 -0.44
N TYR C 164 5.13 -31.96 0.89
CA TYR C 164 6.41 -31.62 1.51
C TYR C 164 7.36 -32.78 1.53
N TRP C 165 6.85 -34.00 1.64
CA TRP C 165 7.75 -35.18 1.54
C TRP C 165 8.34 -35.28 0.16
N ASP C 166 7.63 -34.85 -0.87
CA ASP C 166 8.20 -34.90 -2.25
C ASP C 166 9.41 -34.00 -2.29
N PHE C 167 9.24 -32.74 -1.86
CA PHE C 167 10.37 -31.81 -1.73
C PHE C 167 11.48 -32.34 -0.84
N MET C 168 11.14 -32.75 0.38
CA MET C 168 12.18 -33.14 1.33
C MET C 168 13.00 -34.34 0.87
N THR C 169 12.32 -35.35 0.32
CA THR C 169 13.01 -36.55 -0.17
C THR C 169 13.97 -36.25 -1.30
N LEU C 170 13.65 -35.25 -2.12
CA LEU C 170 14.52 -34.84 -3.23
C LEU C 170 15.54 -33.81 -2.79
N THR C 171 15.56 -33.51 -1.49
CA THR C 171 16.43 -32.49 -0.90
C THR C 171 17.06 -33.16 0.30
N PRO C 172 17.92 -34.15 0.02
CA PRO C 172 18.31 -35.07 1.10
C PRO C 172 19.11 -34.39 2.24
N GLU C 173 19.60 -33.18 2.01
CA GLU C 173 20.20 -32.44 3.10
C GLU C 173 19.23 -32.16 4.26
N SER C 174 17.94 -32.39 4.04
CA SER C 174 16.93 -32.28 5.05
C SER C 174 16.92 -33.37 6.12
N THR C 175 17.70 -34.41 5.91
CA THR C 175 17.57 -35.66 6.66
C THR C 175 17.86 -35.46 8.15
N HIS C 176 18.92 -34.71 8.49
CA HIS C 176 19.23 -34.42 9.87
C HIS C 176 18.06 -33.65 10.54
N MET C 177 17.58 -32.58 9.89
CA MET C 177 16.45 -31.81 10.45
C MET C 177 15.27 -32.68 10.77
N LEU C 178 14.90 -33.53 9.81
CA LEU C 178 13.69 -34.36 9.98
C LEU C 178 13.81 -35.39 11.15
N THR C 179 15.03 -35.83 11.40
CA THR C 179 15.36 -36.67 12.52
C THR C 179 15.19 -35.97 13.90
N TRP C 180 15.33 -34.64 13.95
CA TRP C 180 14.91 -33.88 15.12
C TRP C 180 13.40 -33.60 15.15
N LEU C 181 12.87 -33.11 14.03
CA LEU C 181 11.51 -32.58 13.95
C LEU C 181 10.46 -33.66 14.22
N PHE C 182 10.78 -34.93 13.89
CA PHE C 182 9.85 -36.01 14.11
C PHE C 182 10.09 -36.79 15.40
N SER C 183 11.04 -36.35 16.20
CA SER C 183 11.02 -36.65 17.61
C SER C 183 9.85 -35.90 18.23
N ASP C 184 9.56 -36.13 19.49
CA ASP C 184 8.46 -35.35 20.10
C ASP C 184 8.86 -33.89 20.33
N GLU C 185 10.12 -33.52 20.12
CA GLU C 185 10.48 -32.10 20.22
C GLU C 185 9.96 -31.29 19.04
N GLY C 186 9.46 -31.94 18.01
CA GLY C 186 8.60 -31.26 17.01
C GLY C 186 7.29 -30.60 17.47
N ILE C 187 6.82 -30.94 18.68
CA ILE C 187 5.68 -30.26 19.32
C ILE C 187 6.05 -29.93 20.75
N PRO C 188 6.76 -28.80 20.95
CA PRO C 188 6.98 -28.33 22.30
C PRO C 188 5.68 -28.06 23.05
N ALA C 189 5.72 -28.30 24.37
CA ALA C 189 4.52 -28.20 25.22
C ALA C 189 4.03 -26.77 25.27
N ASN C 190 4.98 -25.85 25.26
CA ASN C 190 4.66 -24.42 25.26
C ASN C 190 5.96 -23.65 24.92
N TYR C 191 5.90 -22.32 24.92
CA TYR C 191 7.07 -21.54 24.58
C TYR C 191 8.16 -21.48 25.69
N ALA C 192 7.81 -21.75 26.95
CA ALA C 192 8.74 -21.62 28.09
C ALA C 192 9.57 -22.87 28.26
N GLU C 193 8.95 -24.02 28.07
CA GLU C 193 9.64 -25.29 28.35
C GLU C 193 10.21 -25.80 27.02
N MET C 194 11.13 -25.01 26.46
CA MET C 194 11.54 -25.13 25.07
C MET C 194 13.00 -24.66 24.91
N ARG C 195 13.73 -25.34 24.07
CA ARG C 195 15.12 -24.97 23.67
C ARG C 195 15.14 -23.68 22.79
N GLY C 196 16.27 -22.98 22.73
CA GLY C 196 16.52 -22.00 21.69
C GLY C 196 17.92 -22.17 21.07
N SER C 197 18.07 -21.77 19.80
CA SER C 197 19.27 -21.98 19.01
C SER C 197 19.46 -20.87 17.97
N GLY C 198 20.70 -20.42 17.77
CA GLY C 198 21.00 -19.48 16.71
C GLY C 198 20.92 -20.12 15.34
N VAL C 199 21.05 -21.44 15.32
CA VAL C 199 21.18 -22.26 14.13
C VAL C 199 22.50 -22.01 13.38
N HIS C 200 22.72 -20.80 12.88
CA HIS C 200 23.89 -20.57 12.02
C HIS C 200 25.08 -20.41 12.86
N THR C 201 26.19 -20.71 12.24
CA THR C 201 27.48 -20.18 12.62
C THR C 201 27.53 -18.72 12.32
N PHE C 202 28.02 -17.94 13.29
CA PHE C 202 28.28 -16.54 13.08
C PHE C 202 29.77 -16.33 13.30
N ARG C 203 30.24 -15.10 13.10
CA ARG C 203 31.64 -14.73 13.38
C ARG C 203 31.67 -13.77 14.57
N TRP C 204 32.50 -14.09 15.55
CA TRP C 204 32.82 -13.15 16.63
C TRP C 204 34.19 -12.54 16.40
N VAL C 205 34.26 -11.20 16.52
CA VAL C 205 35.51 -10.46 16.26
C VAL C 205 35.89 -9.62 17.50
N ASN C 206 37.11 -9.83 18.00
CA ASN C 206 37.52 -9.24 19.28
C ASN C 206 38.30 -7.94 19.04
N LYS C 207 38.80 -7.34 20.14
CA LYS C 207 39.42 -6.00 20.06
C LYS C 207 40.74 -6.00 19.26
N TYR C 208 41.34 -7.16 19.06
CA TYR C 208 42.57 -7.29 18.26
C TYR C 208 42.25 -7.59 16.79
N GLY C 209 40.97 -7.68 16.41
CA GLY C 209 40.59 -8.07 15.05
C GLY C 209 40.60 -9.57 14.77
N GLU C 210 40.79 -10.38 15.80
CA GLU C 210 40.81 -11.82 15.59
C GLU C 210 39.37 -12.35 15.53
N THR C 211 39.15 -13.31 14.65
CA THR C 211 37.84 -13.87 14.44
C THR C 211 37.76 -15.31 14.96
N LYS C 212 36.63 -15.68 15.59
CA LYS C 212 36.23 -17.09 15.81
C LYS C 212 34.83 -17.34 15.26
N TYR C 213 34.56 -18.58 14.88
CA TYR C 213 33.21 -19.02 14.63
C TYR C 213 32.49 -19.26 15.94
N VAL C 214 31.20 -18.91 15.98
CA VAL C 214 30.34 -19.07 17.16
C VAL C 214 28.97 -19.67 16.81
N LYS C 215 28.46 -20.50 17.70
CA LYS C 215 27.10 -20.95 17.73
C LYS C 215 26.46 -20.64 19.05
N TYR C 216 25.14 -20.31 19.00
CA TYR C 216 24.38 -19.91 20.19
C TYR C 216 23.35 -20.98 20.65
N HIS C 217 23.19 -21.11 21.98
CA HIS C 217 22.21 -22.05 22.54
C HIS C 217 21.48 -21.40 23.73
N TRP C 218 20.17 -21.53 23.78
CA TRP C 218 19.38 -21.06 24.93
C TRP C 218 18.88 -22.29 25.67
N ARG C 219 19.13 -22.41 26.98
CA ARG C 219 18.61 -23.53 27.76
C ARG C 219 17.57 -23.07 28.80
N PRO C 220 16.38 -23.63 28.73
CA PRO C 220 15.29 -23.12 29.57
C PRO C 220 15.50 -23.47 31.04
N SER C 221 15.31 -22.50 31.93
CA SER C 221 15.22 -22.78 33.37
C SER C 221 14.09 -23.75 33.68
N GLU C 222 12.98 -23.66 32.94
CA GLU C 222 11.84 -24.54 33.18
C GLU C 222 12.06 -25.97 32.69
N GLY C 223 13.20 -26.26 32.05
CA GLY C 223 13.42 -27.55 31.39
C GLY C 223 12.69 -27.67 30.05
N ILE C 224 13.02 -28.69 29.30
CA ILE C 224 12.36 -28.95 28.01
C ILE C 224 11.19 -29.92 28.25
N ARG C 225 9.99 -29.65 27.72
CA ARG C 225 8.88 -30.63 27.72
C ARG C 225 8.14 -30.61 26.39
N ASN C 226 7.81 -31.82 25.91
CA ASN C 226 7.32 -32.04 24.59
C ASN C 226 6.00 -32.76 24.67
N LEU C 227 5.25 -32.74 23.57
CA LEU C 227 3.97 -33.39 23.46
C LEU C 227 4.05 -34.50 22.43
N SER C 228 3.60 -35.69 22.84
CA SER C 228 3.26 -36.75 21.90
C SER C 228 2.16 -36.27 20.98
N MET C 229 1.95 -37.00 19.88
CA MET C 229 0.83 -36.69 18.98
C MET C 229 -0.51 -36.75 19.71
N GLU C 230 -0.64 -37.71 20.62
CA GLU C 230 -1.88 -37.84 21.35
C GLU C 230 -2.07 -36.78 22.41
N GLU C 231 -1.01 -36.38 23.12
CA GLU C 231 -1.14 -35.26 24.04
C GLU C 231 -1.48 -33.95 23.27
N ALA C 232 -0.88 -33.75 22.09
CA ALA C 232 -1.13 -32.58 21.26
C ALA C 232 -2.59 -32.50 20.81
N ALA C 233 -3.12 -33.64 20.36
CA ALA C 233 -4.54 -33.72 20.00
C ALA C 233 -5.43 -33.31 21.15
N GLU C 234 -5.15 -33.80 22.36
CA GLU C 234 -6.05 -33.52 23.51
C GLU C 234 -6.04 -32.03 23.84
N ILE C 235 -4.87 -31.41 23.80
CA ILE C 235 -4.80 -29.97 24.02
C ILE C 235 -5.54 -29.23 22.85
N GLN C 236 -5.32 -29.68 21.61
CA GLN C 236 -5.91 -29.02 20.45
C GLN C 236 -7.41 -28.94 20.55
N ALA C 237 -8.01 -29.98 21.14
CA ALA C 237 -9.45 -30.08 21.32
C ALA C 237 -10.03 -28.92 22.13
N ASN C 238 -9.29 -28.46 23.13
CA ASN C 238 -9.81 -27.57 24.17
C ASN C 238 -9.18 -26.19 24.07
N ASP C 239 -7.98 -26.08 23.48
CA ASP C 239 -7.31 -24.80 23.37
C ASP C 239 -6.41 -24.76 22.11
N PHE C 240 -6.77 -23.96 21.13
CA PHE C 240 -5.90 -23.80 19.96
C PHE C 240 -4.85 -22.69 20.18
N GLN C 241 -4.80 -22.11 21.37
CA GLN C 241 -3.88 -21.04 21.62
C GLN C 241 -3.16 -21.21 22.97
N HIS C 242 -2.90 -22.46 23.37
CA HIS C 242 -2.44 -22.75 24.72
C HIS C 242 -1.05 -22.15 25.01
N ALA C 243 -0.19 -22.05 24.00
CA ALA C 243 1.14 -21.54 24.23
C ALA C 243 1.13 -20.02 24.39
N THR C 244 0.35 -19.35 23.58
CA THR C 244 0.13 -17.92 23.78
C THR C 244 -0.44 -17.66 25.19
N ARG C 245 -1.43 -18.47 25.59
CA ARG C 245 -2.09 -18.28 26.88
C ARG C 245 -1.06 -18.47 28.01
N ASP C 246 -0.30 -19.55 27.90
CA ASP C 246 0.69 -19.91 28.90
C ASP C 246 1.73 -18.83 29.14
N LEU C 247 2.24 -18.25 28.06
CA LEU C 247 3.31 -17.28 28.19
C LEU C 247 2.81 -16.03 28.92
N TYR C 248 1.67 -15.51 28.46
CA TYR C 248 1.04 -14.36 29.13
C TYR C 248 0.82 -14.65 30.63
N ASP C 249 0.24 -15.82 30.93
CA ASP C 249 -0.21 -16.14 32.30
C ASP C 249 0.95 -16.32 33.28
N ARG C 250 1.99 -17.03 32.86
CA ARG C 250 3.23 -17.13 33.61
C ARG C 250 3.70 -15.74 34.06
N ILE C 251 3.77 -14.82 33.11
CA ILE C 251 4.27 -13.49 33.37
C ILE C 251 3.30 -12.71 34.25
N GLU C 252 2.01 -12.80 33.94
CA GLU C 252 1.04 -12.10 34.81
C GLU C 252 1.12 -12.57 36.26
N LYS C 253 1.38 -13.86 36.48
CA LYS C 253 1.41 -14.43 37.85
C LYS C 253 2.77 -14.30 38.54
N GLY C 254 3.74 -13.68 37.86
CA GLY C 254 5.02 -13.44 38.43
C GLY C 254 5.96 -14.63 38.29
N ASN C 255 5.54 -15.68 37.59
CA ASN C 255 6.40 -16.85 37.37
C ASN C 255 7.21 -16.72 36.05
N TYR C 256 8.25 -15.90 36.08
CA TYR C 256 8.96 -15.40 34.89
C TYR C 256 9.83 -16.47 34.28
N PRO C 257 9.61 -16.81 32.98
CA PRO C 257 10.47 -17.81 32.40
C PRO C 257 11.83 -17.25 32.06
N ALA C 258 12.84 -18.12 32.06
CA ALA C 258 14.22 -17.68 31.79
C ALA C 258 15.02 -18.77 31.07
N TRP C 259 16.06 -18.33 30.43
CA TRP C 259 16.90 -19.18 29.63
C TRP C 259 18.33 -18.73 29.89
N ASP C 260 19.22 -19.71 30.06
CA ASP C 260 20.64 -19.42 30.04
C ASP C 260 21.23 -19.46 28.64
N LEU C 261 22.09 -18.50 28.32
CA LEU C 261 22.73 -18.45 27.03
C LEU C 261 24.10 -19.09 27.11
N TYR C 262 24.34 -20.10 26.26
CA TYR C 262 25.69 -20.63 26.04
C TYR C 262 26.18 -20.39 24.62
N VAL C 263 27.49 -20.38 24.43
CA VAL C 263 28.12 -20.48 23.10
C VAL C 263 29.10 -21.64 22.96
N GLN C 264 29.28 -22.08 21.71
CA GLN C 264 30.41 -22.88 21.30
C GLN C 264 31.26 -22.00 20.46
N LEU C 265 32.58 -22.17 20.56
CA LEU C 265 33.56 -21.43 19.75
C LEU C 265 34.48 -22.38 18.99
N MET C 266 34.81 -22.02 17.75
CA MET C 266 35.62 -22.85 16.86
C MET C 266 36.57 -21.92 16.08
N PRO C 267 37.86 -22.25 16.05
CA PRO C 267 38.80 -21.50 15.21
C PRO C 267 38.46 -21.65 13.73
N LEU C 268 38.69 -20.61 12.94
CA LEU C 268 38.50 -20.67 11.49
C LEU C 268 39.27 -21.82 10.83
N SER C 269 40.45 -22.10 11.35
CA SER C 269 41.30 -23.10 10.73
C SER C 269 40.72 -24.51 10.86
N ASP C 270 39.71 -24.72 11.70
CA ASP C 270 39.21 -26.06 11.90
C ASP C 270 38.42 -26.53 10.68
N TYR C 271 38.19 -25.65 9.70
CA TYR C 271 37.51 -26.03 8.47
C TYR C 271 38.09 -27.24 7.83
N ASP C 272 39.40 -27.18 7.61
CA ASP C 272 40.05 -28.07 6.67
C ASP C 272 40.20 -29.49 7.20
N GLU C 273 40.15 -29.63 8.53
CA GLU C 273 40.18 -30.93 9.20
C GLU C 273 38.84 -31.64 9.44
N LEU C 274 37.71 -30.93 9.36
CA LEU C 274 36.42 -31.54 9.65
C LEU C 274 35.88 -32.26 8.42
N ASP C 275 35.06 -33.30 8.63
CA ASP C 275 34.44 -33.98 7.47
C ASP C 275 33.07 -33.34 7.05
N TYR C 276 32.78 -32.15 7.57
CA TYR C 276 31.63 -31.36 7.11
C TYR C 276 32.04 -29.90 7.09
N ASP C 277 31.20 -29.06 6.51
CA ASP C 277 31.43 -27.63 6.44
C ASP C 277 30.86 -27.00 7.72
N PRO C 278 31.70 -26.33 8.52
CA PRO C 278 31.19 -25.77 9.77
C PRO C 278 30.15 -24.65 9.64
N CYS C 279 29.98 -24.10 8.45
CA CYS C 279 28.92 -23.11 8.13
C CYS C 279 27.75 -23.70 7.32
N ASP C 280 27.62 -25.04 7.35
CA ASP C 280 26.48 -25.71 6.76
C ASP C 280 25.40 -25.81 7.83
N PRO C 281 24.27 -25.09 7.68
CA PRO C 281 23.28 -25.08 8.76
C PRO C 281 22.49 -26.38 8.94
N THR C 282 22.83 -27.41 8.16
CA THR C 282 22.30 -28.77 8.38
C THR C 282 23.14 -29.54 9.36
N LYS C 283 24.22 -28.91 9.85
CA LYS C 283 25.14 -29.53 10.77
C LYS C 283 25.11 -28.90 12.15
N THR C 284 25.27 -29.71 13.20
CA THR C 284 25.73 -29.23 14.51
C THR C 284 27.25 -29.43 14.71
N TRP C 285 27.79 -28.78 15.73
CA TRP C 285 29.16 -29.01 16.23
C TRP C 285 29.16 -29.86 17.50
N SER C 286 30.00 -30.91 17.52
CA SER C 286 30.10 -31.80 18.69
C SER C 286 30.32 -31.01 19.98
N GLU C 287 29.49 -31.26 20.98
CA GLU C 287 29.66 -30.63 22.30
C GLU C 287 30.82 -31.17 23.09
N GLU C 288 31.30 -32.37 22.72
CA GLU C 288 32.53 -32.87 23.32
C GLU C 288 33.71 -32.07 22.81
N ASP C 289 33.84 -31.92 21.49
CA ASP C 289 34.98 -31.22 20.85
C ASP C 289 34.94 -29.71 21.01
N TYR C 290 33.73 -29.16 21.10
CA TYR C 290 33.51 -27.71 21.20
C TYR C 290 32.51 -27.44 22.32
N PRO C 291 33.00 -27.44 23.57
CA PRO C 291 32.09 -27.41 24.73
C PRO C 291 31.23 -26.12 24.86
N LEU C 292 30.05 -26.26 25.44
CA LEU C 292 29.18 -25.13 25.75
C LEU C 292 29.80 -24.25 26.81
N GLN C 293 29.85 -22.95 26.58
CA GLN C 293 30.38 -22.01 27.53
C GLN C 293 29.32 -21.04 27.93
N LYS C 294 29.13 -20.87 29.23
CA LYS C 294 28.03 -20.02 29.70
C LYS C 294 28.33 -18.54 29.54
N VAL C 295 27.34 -17.78 29.03
CA VAL C 295 27.46 -16.33 28.86
C VAL C 295 26.63 -15.55 29.85
N GLY C 296 25.35 -15.90 29.96
CA GLY C 296 24.41 -15.15 30.79
C GLY C 296 23.01 -15.75 30.82
N ARG C 297 22.06 -14.95 31.31
CA ARG C 297 20.68 -15.39 31.52
C ARG C 297 19.73 -14.29 31.02
N MET C 298 18.68 -14.73 30.33
CA MET C 298 17.58 -13.85 29.93
C MET C 298 16.33 -14.23 30.72
N THR C 299 15.67 -13.23 31.29
CA THR C 299 14.41 -13.46 32.01
C THR C 299 13.32 -12.61 31.40
N LEU C 300 12.20 -13.21 31.05
CA LEU C 300 11.05 -12.48 30.53
C LEU C 300 10.01 -12.15 31.59
N ASN C 301 9.73 -10.86 31.75
CA ASN C 301 9.03 -10.39 32.92
C ASN C 301 7.98 -9.31 32.72
N ARG C 302 7.63 -9.01 31.46
CA ARG C 302 6.65 -7.97 31.19
C ARG C 302 5.89 -8.25 29.88
N ASN C 303 4.56 -8.31 29.99
CA ASN C 303 3.72 -8.51 28.84
C ASN C 303 3.64 -7.19 28.10
N PRO C 304 3.43 -7.25 26.76
CA PRO C 304 3.20 -5.97 26.07
C PRO C 304 1.88 -5.31 26.44
N GLU C 305 1.76 -4.04 26.14
CA GLU C 305 0.51 -3.30 26.43
C GLU C 305 -0.56 -3.48 25.35
N ASN C 306 -0.11 -3.69 24.10
CA ASN C 306 -1.06 -3.89 22.97
C ASN C 306 -0.45 -4.90 22.02
N PHE C 307 -1.15 -5.99 21.79
CA PHE C 307 -0.65 -7.08 21.00
C PHE C 307 -0.36 -6.63 19.58
N PHE C 308 -1.31 -5.94 18.94
CA PHE C 308 -1.05 -5.50 17.55
C PHE C 308 0.16 -4.56 17.42
N ALA C 309 0.17 -3.51 18.24
CA ALA C 309 1.18 -2.46 18.13
C ALA C 309 2.59 -2.98 18.35
N GLU C 310 2.72 -3.94 19.26
CA GLU C 310 4.05 -4.41 19.74
C GLU C 310 4.44 -5.79 19.20
N THR C 311 3.63 -6.82 19.42
CA THR C 311 3.99 -8.16 18.93
C THR C 311 3.71 -8.26 17.42
N GLU C 312 2.53 -7.87 16.96
CA GLU C 312 2.23 -8.06 15.54
C GLU C 312 3.15 -7.26 14.64
N GLN C 313 3.48 -6.06 15.08
CA GLN C 313 4.29 -5.14 14.27
C GLN C 313 5.81 -5.29 14.52
N ALA C 314 6.22 -6.17 15.43
CA ALA C 314 7.63 -6.38 15.75
C ALA C 314 8.36 -6.86 14.52
N ALA C 315 9.58 -6.36 14.34
CA ALA C 315 10.37 -6.69 13.17
C ALA C 315 11.79 -7.08 13.59
N PHE C 316 12.17 -8.31 13.31
CA PHE C 316 13.54 -8.80 13.62
C PHE C 316 14.27 -9.05 12.31
N THR C 317 15.60 -8.92 12.28
CA THR C 317 16.34 -9.36 11.11
C THR C 317 17.74 -9.91 11.54
N PRO C 318 18.15 -11.06 10.97
CA PRO C 318 19.51 -11.53 11.24
C PRO C 318 20.61 -10.56 10.82
N SER C 319 20.27 -9.63 9.92
CA SER C 319 21.21 -8.58 9.51
C SER C 319 21.33 -7.40 10.48
N ALA C 320 20.53 -7.37 11.55
CA ALA C 320 20.70 -6.37 12.59
C ALA C 320 21.81 -6.87 13.53
N LEU C 321 23.04 -6.64 13.08
CA LEU C 321 24.23 -7.06 13.76
C LEU C 321 24.89 -5.87 14.44
N VAL C 322 25.73 -6.13 15.44
CA VAL C 322 26.41 -5.04 16.17
C VAL C 322 27.94 -5.28 16.06
N PRO C 323 28.75 -4.24 16.32
CA PRO C 323 30.19 -4.45 16.28
C PRO C 323 30.65 -5.59 17.17
N GLY C 324 31.52 -6.45 16.63
CA GLY C 324 31.97 -7.63 17.32
C GLY C 324 31.23 -8.90 16.91
N ILE C 325 30.06 -8.73 16.23
CA ILE C 325 29.25 -9.86 15.75
C ILE C 325 28.92 -9.68 14.28
N GLU C 326 29.24 -10.70 13.47
CA GLU C 326 29.14 -10.61 12.03
C GLU C 326 28.60 -11.89 11.44
N ALA C 327 28.11 -11.79 10.19
CA ALA C 327 27.62 -12.95 9.49
C ALA C 327 28.75 -13.89 9.21
N SER C 328 28.43 -15.18 9.15
CA SER C 328 29.29 -16.11 8.42
C SER C 328 28.87 -16.21 6.96
N GLU C 329 29.70 -16.96 6.23
CA GLU C 329 29.48 -17.29 4.85
C GLU C 329 28.28 -18.21 4.57
N ASP C 330 27.61 -18.71 5.61
CA ASP C 330 26.48 -19.60 5.48
C ASP C 330 25.43 -19.09 4.50
N LYS C 331 25.17 -19.83 3.41
CA LYS C 331 24.44 -19.30 2.24
C LYS C 331 22.94 -19.18 2.56
N LEU C 332 22.49 -19.91 3.55
CA LEU C 332 21.18 -19.79 4.06
C LEU C 332 21.11 -18.44 4.76
N LEU C 333 22.06 -18.21 5.68
CA LEU C 333 22.11 -16.93 6.38
C LEU C 333 22.16 -15.78 5.41
N GLN C 334 22.98 -15.90 4.38
CA GLN C 334 23.21 -14.73 3.51
C GLN C 334 21.89 -14.20 2.90
N GLY C 335 21.01 -15.13 2.48
CA GLY C 335 19.69 -14.76 1.95
C GLY C 335 18.78 -14.08 2.97
N ARG C 336 18.81 -14.59 4.19
CA ARG C 336 18.04 -14.00 5.28
C ARG C 336 18.41 -12.53 5.53
N LEU C 337 19.69 -12.16 5.36
CA LEU C 337 20.11 -10.79 5.59
C LEU C 337 19.27 -9.78 4.79
N PHE C 338 18.94 -10.16 3.56
CA PHE C 338 18.08 -9.42 2.66
C PHE C 338 16.59 -9.54 2.96
N SER C 339 16.13 -10.78 3.07
CA SER C 339 14.68 -11.10 3.04
C SER C 339 13.90 -10.44 4.18
N TYR C 340 14.50 -10.30 5.37
CA TYR C 340 13.69 -9.80 6.54
C TYR C 340 13.34 -8.32 6.41
N PRO C 341 14.34 -7.44 6.21
CA PRO C 341 13.98 -6.02 6.05
C PRO C 341 13.18 -5.81 4.76
N ASP C 342 13.47 -6.65 3.76
CA ASP C 342 12.68 -6.58 2.50
C ASP C 342 11.20 -6.83 2.77
N THR C 343 10.86 -7.94 3.43
CA THR C 343 9.45 -8.28 3.70
C THR C 343 8.82 -7.24 4.63
N GLN C 344 9.61 -6.70 5.57
CA GLN C 344 9.11 -5.81 6.59
C GLN C 344 8.72 -4.43 6.03
N ARG C 345 9.49 -3.98 5.05
CA ARG C 345 9.10 -2.76 4.34
C ARG C 345 7.72 -2.89 3.69
N HIS C 346 7.41 -4.08 3.15
CA HIS C 346 6.06 -4.34 2.61
C HIS C 346 5.01 -4.55 3.70
N ARG C 347 5.32 -5.40 4.69
CA ARG C 347 4.35 -5.80 5.71
C ARG C 347 3.99 -4.57 6.59
N LEU C 348 4.95 -3.72 6.84
CA LEU C 348 4.82 -2.68 7.90
C LEU C 348 4.98 -1.24 7.41
N GLY C 349 5.55 -1.01 6.21
CA GLY C 349 5.90 0.33 5.71
C GLY C 349 7.39 0.65 5.67
N ALA C 350 7.78 1.56 4.75
CA ALA C 350 9.14 2.00 4.62
C ALA C 350 9.72 2.48 5.95
N ASN C 351 8.90 3.10 6.79
CA ASN C 351 9.31 3.59 8.09
C ASN C 351 8.99 2.68 9.32
N TYR C 352 8.99 1.38 9.08
CA TYR C 352 8.73 0.38 10.12
C TYR C 352 9.69 0.47 11.28
N MET C 353 10.92 0.95 11.04
CA MET C 353 11.93 1.14 12.07
C MET C 353 11.67 2.26 13.08
N ARG C 354 10.64 3.08 12.83
CA ARG C 354 10.16 4.03 13.79
C ARG C 354 9.05 3.53 14.67
N ILE C 355 8.54 2.35 14.38
CA ILE C 355 7.44 1.80 15.20
C ILE C 355 8.07 1.54 16.57
N PRO C 356 7.44 1.93 17.67
CA PRO C 356 8.15 1.94 18.97
C PRO C 356 8.92 0.66 19.34
N VAL C 357 8.34 -0.52 19.18
CA VAL C 357 9.04 -1.77 19.55
C VAL C 357 10.27 -1.95 18.71
N ASN C 358 10.29 -1.39 17.49
CA ASN C 358 11.45 -1.56 16.62
C ASN C 358 12.57 -0.55 16.81
N CYS C 359 12.27 0.55 17.49
CA CYS C 359 13.28 1.61 17.75
C CYS C 359 14.45 1.15 18.61
N PRO C 360 15.67 1.60 18.26
CA PRO C 360 16.86 1.42 19.12
C PRO C 360 16.82 2.36 20.32
N TYR C 361 17.49 1.96 21.39
CA TYR C 361 17.76 2.86 22.50
C TYR C 361 18.86 3.78 22.08
N ALA C 362 19.86 3.26 21.35
CA ALA C 362 20.93 4.06 20.80
C ALA C 362 20.40 5.17 19.86
N PRO C 363 21.07 6.32 19.81
CA PRO C 363 20.68 7.42 18.93
C PRO C 363 20.68 7.01 17.44
N VAL C 364 19.73 7.53 16.68
CA VAL C 364 19.69 7.37 15.23
C VAL C 364 19.86 8.73 14.53
N HIS C 365 20.84 8.82 13.63
CA HIS C 365 21.06 10.04 12.86
C HIS C 365 21.53 9.67 11.48
N ASN C 366 20.77 10.06 10.47
CA ASN C 366 21.22 9.84 9.10
C ASN C 366 20.45 10.67 8.11
N ASN C 367 20.72 10.45 6.83
CA ASN C 367 20.25 11.36 5.79
C ASN C 367 19.09 10.76 4.98
N GLN C 368 18.49 9.70 5.51
CA GLN C 368 17.30 9.11 4.92
C GLN C 368 16.14 10.07 5.19
N GLN C 369 15.09 10.03 4.39
CA GLN C 369 13.94 10.90 4.60
C GLN C 369 12.65 10.36 4.02
N ASP C 370 11.56 10.99 4.45
CA ASP C 370 10.23 10.87 3.88
C ASP C 370 9.75 9.40 3.96
N GLY C 371 9.01 8.96 2.97
CA GLY C 371 8.28 7.68 3.04
C GLY C 371 6.95 7.76 3.74
N PHE C 372 6.09 6.78 3.41
N PHE C 372 6.11 6.78 3.43
CA PHE C 372 4.71 6.72 3.94
CA PHE C 372 4.76 6.58 3.97
C PHE C 372 4.75 6.85 5.46
C PHE C 372 4.75 6.79 5.48
N MET C 373 3.83 7.61 5.99
CA MET C 373 3.70 7.84 7.44
C MET C 373 4.96 8.35 8.16
N THR C 374 5.44 9.53 7.72
CA THR C 374 6.50 10.24 8.39
C THR C 374 5.95 11.01 9.62
N THR C 375 6.29 10.55 10.81
CA THR C 375 5.68 11.03 12.06
C THR C 375 6.70 11.68 12.96
N THR C 376 7.96 11.69 12.54
CA THR C 376 9.08 11.98 13.44
C THR C 376 9.47 13.49 13.48
N ARG C 377 8.67 14.39 12.93
CA ARG C 377 9.04 15.84 12.98
C ARG C 377 10.46 16.21 12.52
N PRO C 378 10.80 15.91 11.27
CA PRO C 378 12.16 16.19 10.81
C PRO C 378 12.34 17.68 10.60
N SER C 379 13.59 18.13 10.56
CA SER C 379 13.96 19.54 10.35
C SER C 379 15.34 19.58 9.72
N GLY C 380 15.78 20.75 9.28
CA GLY C 380 17.10 20.89 8.71
C GLY C 380 17.12 20.93 7.16
N HIS C 381 18.16 21.59 6.64
CA HIS C 381 18.37 21.77 5.20
C HIS C 381 19.30 20.71 4.59
N ILE C 382 20.01 19.94 5.43
CA ILE C 382 21.15 19.11 4.97
C ILE C 382 20.84 17.64 5.10
N ASN C 383 20.65 16.98 3.97
CA ASN C 383 20.22 15.58 3.91
C ASN C 383 21.12 14.80 2.93
N TYR C 384 22.38 15.27 2.82
CA TYR C 384 23.39 14.70 1.94
C TYR C 384 24.76 14.77 2.66
N GLU C 385 25.64 13.85 2.28
CA GLU C 385 27.02 13.75 2.82
C GLU C 385 27.86 13.16 1.68
N PRO C 386 29.04 13.76 1.40
CA PRO C 386 29.76 14.77 2.17
C PRO C 386 29.12 16.13 2.06
N ASN C 387 29.34 16.92 3.09
CA ASN C 387 28.88 18.28 3.16
C ASN C 387 29.90 19.06 3.93
N ARG C 388 29.80 20.37 3.88
CA ARG C 388 30.83 21.23 4.49
C ARG C 388 30.64 21.47 5.98
N TYR C 389 29.65 20.85 6.61
CA TYR C 389 29.25 21.22 7.97
C TYR C 389 29.74 20.20 9.02
N ASP C 390 30.54 20.69 9.95
CA ASP C 390 31.17 19.84 10.95
C ASP C 390 30.21 19.24 11.96
N ASP C 391 29.11 19.92 12.22
CA ASP C 391 28.12 19.45 13.18
C ASP C 391 27.18 18.36 12.60
N GLN C 392 27.19 18.09 11.29
CA GLN C 392 26.26 17.12 10.71
C GLN C 392 26.84 15.73 10.87
N PRO C 393 26.00 14.69 10.83
CA PRO C 393 26.51 13.33 11.07
C PRO C 393 27.58 12.85 10.08
N LYS C 394 28.61 12.19 10.60
CA LYS C 394 29.77 11.77 9.79
C LYS C 394 30.03 10.32 10.04
N GLU C 395 30.63 9.66 9.08
CA GLU C 395 31.11 8.28 9.31
C GLU C 395 32.11 8.26 10.46
N ASN C 396 32.27 7.08 11.05
CA ASN C 396 33.15 6.87 12.16
C ASN C 396 34.00 5.61 11.99
N PRO C 397 35.29 5.82 11.64
CA PRO C 397 36.14 4.67 11.29
C PRO C 397 36.48 3.71 12.46
N HIS C 398 36.21 4.09 13.70
CA HIS C 398 36.33 3.13 14.81
C HIS C 398 35.32 1.96 14.75
N TYR C 399 34.27 2.10 13.94
CA TYR C 399 33.26 1.05 13.79
C TYR C 399 33.25 0.52 12.36
N LYS C 400 34.28 -0.25 12.00
CA LYS C 400 34.31 -0.93 10.71
C LYS C 400 34.14 -2.40 10.99
N GLU C 401 33.45 -3.12 10.10
CA GLU C 401 33.42 -4.56 10.17
C GLU C 401 34.81 -5.17 9.78
N SER C 402 35.02 -6.42 10.15
CA SER C 402 36.17 -7.19 9.63
C SER C 402 36.15 -7.34 8.10
N GLU C 403 37.24 -7.88 7.57
CA GLU C 403 37.39 -8.10 6.14
C GLU C 403 37.67 -9.58 5.90
N PRO C 404 36.63 -10.42 5.92
CA PRO C 404 36.83 -11.87 5.81
C PRO C 404 37.58 -12.24 4.54
N VAL C 405 38.49 -13.18 4.67
CA VAL C 405 39.26 -13.71 3.59
C VAL C 405 38.34 -14.57 2.71
N LEU C 406 38.50 -14.40 1.41
CA LEU C 406 37.77 -15.18 0.41
C LEU C 406 38.64 -16.32 -0.11
N HIS C 407 38.18 -17.55 0.05
CA HIS C 407 38.92 -18.67 -0.45
C HIS C 407 38.65 -18.96 -1.95
N GLY C 408 37.46 -18.63 -2.45
CA GLY C 408 37.15 -18.74 -3.87
C GLY C 408 37.63 -17.62 -4.82
N ASP C 409 37.76 -17.98 -6.10
CA ASP C 409 38.44 -17.27 -7.16
C ASP C 409 37.48 -16.62 -8.18
N ARG C 410 36.26 -17.17 -8.23
CA ARG C 410 35.26 -16.86 -9.23
C ARG C 410 33.85 -16.70 -8.64
N MET C 411 32.99 -15.93 -9.31
CA MET C 411 31.54 -15.93 -9.02
C MET C 411 30.92 -17.23 -9.54
N VAL C 412 30.42 -18.06 -8.63
CA VAL C 412 29.93 -19.38 -8.99
C VAL C 412 28.56 -19.66 -8.36
N ARG C 413 27.83 -20.57 -9.00
CA ARG C 413 26.69 -21.18 -8.42
C ARG C 413 27.00 -22.64 -8.32
N GLN C 414 27.29 -23.09 -7.11
CA GLN C 414 27.88 -24.41 -6.88
C GLN C 414 27.59 -24.87 -5.43
N LYS C 415 27.16 -26.13 -5.26
CA LYS C 415 27.01 -26.67 -3.90
C LYS C 415 28.32 -26.60 -3.12
N ILE C 416 28.24 -26.35 -1.82
CA ILE C 416 29.40 -26.58 -0.95
C ILE C 416 30.02 -27.97 -1.08
N GLU C 417 31.33 -28.02 -0.90
CA GLU C 417 32.04 -29.29 -0.76
C GLU C 417 31.71 -29.92 0.58
N LYS C 418 31.97 -31.22 0.69
CA LYS C 418 31.57 -32.07 1.82
C LYS C 418 30.15 -31.84 2.38
N PRO C 419 29.18 -32.03 1.53
CA PRO C 419 27.78 -31.89 1.98
C PRO C 419 27.43 -32.90 3.06
N ASN C 420 27.96 -34.13 2.95
CA ASN C 420 27.81 -35.13 4.03
C ASN C 420 26.39 -35.25 4.60
N ASP C 421 25.42 -35.61 3.76
CA ASP C 421 24.01 -35.32 4.06
C ASP C 421 23.44 -36.27 5.16
N PHE C 422 24.08 -37.41 5.44
CA PHE C 422 23.46 -38.44 6.25
C PHE C 422 24.11 -38.76 7.57
N LYS C 423 25.37 -38.37 7.75
CA LYS C 423 26.15 -38.88 8.89
C LYS C 423 25.62 -38.37 10.21
N GLN C 424 25.39 -37.05 10.31
CA GLN C 424 24.92 -36.52 11.60
C GLN C 424 23.48 -37.02 11.92
N ALA C 425 22.71 -37.32 10.88
CA ALA C 425 21.38 -37.80 11.08
C ALA C 425 21.44 -39.19 11.78
N GLY C 426 22.40 -40.00 11.36
CA GLY C 426 22.68 -41.28 12.03
C GLY C 426 23.22 -41.10 13.45
N GLU C 427 24.12 -40.16 13.65
CA GLU C 427 24.59 -39.86 14.99
C GLU C 427 23.44 -39.44 15.88
N LYS C 428 22.55 -38.58 15.41
CA LYS C 428 21.42 -38.18 16.24
C LYS C 428 20.52 -39.35 16.57
N TYR C 429 20.18 -40.14 15.57
CA TYR C 429 19.33 -41.29 15.75
C TYR C 429 19.91 -42.14 16.90
N ARG C 430 21.18 -42.49 16.77
CA ARG C 430 21.80 -43.36 17.77
C ARG C 430 21.90 -42.74 19.16
N SER C 431 21.88 -41.42 19.25
CA SER C 431 21.93 -40.75 20.56
C SER C 431 20.58 -40.83 21.30
N TYR C 432 19.50 -41.11 20.56
CA TYR C 432 18.17 -41.27 21.18
C TYR C 432 18.11 -42.52 22.09
N SER C 433 17.40 -42.39 23.20
CA SER C 433 16.99 -43.53 23.99
C SER C 433 16.03 -44.39 23.20
N GLU C 434 15.82 -45.60 23.68
CA GLU C 434 14.96 -46.55 22.95
C GLU C 434 13.52 -45.98 22.84
N GLU C 435 13.03 -45.37 23.89
CA GLU C 435 11.72 -44.74 23.87
C GLU C 435 11.65 -43.59 22.87
N GLU C 436 12.69 -42.77 22.81
CA GLU C 436 12.74 -41.69 21.83
C GLU C 436 12.80 -42.21 20.39
N LYS C 437 13.57 -43.26 20.16
CA LYS C 437 13.59 -43.92 18.86
C LYS C 437 12.20 -44.45 18.45
N GLN C 438 11.48 -45.06 19.38
CA GLN C 438 10.10 -45.47 19.08
C GLN C 438 9.16 -44.32 18.77
N ALA C 439 9.28 -43.22 19.50
CA ALA C 439 8.40 -42.08 19.18
C ALA C 439 8.69 -41.54 17.79
N LEU C 440 9.96 -41.48 17.45
CA LEU C 440 10.40 -41.01 16.15
C LEU C 440 9.80 -41.83 15.01
N ILE C 441 9.88 -43.14 15.15
CA ILE C 441 9.40 -44.04 14.13
C ILE C 441 7.87 -43.94 14.04
N LYS C 442 7.23 -43.86 15.19
CA LYS C 442 5.79 -43.69 15.28
C LYS C 442 5.32 -42.44 14.57
N ASN C 443 6.00 -41.35 14.87
CA ASN C 443 5.63 -40.04 14.28
C ASN C 443 5.88 -40.02 12.81
N LEU C 444 7.04 -40.57 12.39
CA LEU C 444 7.35 -40.66 10.97
C LEU C 444 6.38 -41.52 10.21
N THR C 445 5.98 -42.62 10.82
CA THR C 445 5.08 -43.56 10.18
C THR C 445 3.69 -42.93 9.95
N ALA C 446 3.15 -42.29 10.97
CA ALA C 446 1.82 -41.67 10.80
C ALA C 446 1.84 -40.59 9.70
N ASP C 447 3.01 -39.95 9.47
CA ASP C 447 3.15 -38.89 8.47
C ASP C 447 3.34 -39.44 7.08
N LEU C 448 3.98 -40.62 7.01
CA LEU C 448 4.40 -41.12 5.70
C LEU C 448 3.41 -42.12 5.12
N LYS C 449 2.57 -42.70 5.95
CA LYS C 449 1.80 -43.89 5.55
C LYS C 449 0.89 -43.64 4.32
N GLY C 450 0.42 -42.42 4.14
CA GLY C 450 -0.42 -42.10 2.99
C GLY C 450 0.27 -41.44 1.78
N VAL C 451 1.59 -41.32 1.79
CA VAL C 451 2.33 -40.56 0.79
C VAL C 451 2.52 -41.51 -0.40
N ASN C 452 2.76 -40.94 -1.57
CA ASN C 452 2.91 -41.75 -2.77
C ASN C 452 4.08 -42.73 -2.62
N GLU C 453 3.93 -43.94 -3.16
CA GLU C 453 4.86 -45.03 -2.90
C GLU C 453 6.33 -44.73 -3.21
N LYS C 454 6.61 -44.12 -4.37
CA LYS C 454 7.99 -43.86 -4.77
C LYS C 454 8.67 -42.87 -3.78
N THR C 455 7.90 -41.91 -3.30
CA THR C 455 8.41 -40.88 -2.39
C THR C 455 8.62 -41.50 -1.02
N LYS C 456 7.67 -42.35 -0.63
CA LYS C 456 7.78 -43.17 0.60
C LYS C 456 9.06 -43.99 0.65
N LEU C 457 9.33 -44.68 -0.44
CA LEU C 457 10.55 -45.44 -0.56
C LEU C 457 11.81 -44.58 -0.49
N LEU C 458 11.81 -43.44 -1.15
CA LEU C 458 13.01 -42.58 -1.15
C LEU C 458 13.26 -42.00 0.24
N ALA C 459 12.22 -41.73 0.99
CA ALA C 459 12.35 -41.30 2.40
C ALA C 459 13.00 -42.38 3.25
N ILE C 460 12.51 -43.60 3.09
CA ILE C 460 13.12 -44.75 3.80
C ILE C 460 14.60 -44.89 3.46
N CYS C 461 14.94 -44.84 2.19
CA CYS C 461 16.35 -44.94 1.78
C CYS C 461 17.23 -43.81 2.37
N ASN C 462 16.71 -42.57 2.41
CA ASN C 462 17.48 -41.48 3.02
C ASN C 462 17.77 -41.76 4.50
N PHE C 463 16.76 -42.21 5.23
CA PHE C 463 16.94 -42.56 6.65
C PHE C 463 17.82 -43.83 6.79
N TYR C 464 17.71 -44.74 5.84
CA TYR C 464 18.56 -45.96 5.85
C TYR C 464 20.04 -45.61 5.67
N ARG C 465 20.32 -44.71 4.76
CA ARG C 465 21.65 -44.14 4.63
C ARG C 465 22.18 -43.48 5.89
N ALA C 466 21.30 -42.87 6.67
CA ALA C 466 21.69 -42.24 7.94
C ALA C 466 22.07 -43.34 8.93
N ASP C 467 21.22 -44.34 9.08
CA ASP C 467 21.51 -45.47 9.97
C ASP C 467 20.65 -46.67 9.55
N GLU C 468 21.27 -47.84 9.39
CA GLU C 468 20.57 -49.00 8.86
C GLU C 468 19.39 -49.44 9.72
N ASP C 469 19.55 -49.35 11.05
CA ASP C 469 18.53 -49.73 12.03
C ASP C 469 17.34 -48.73 12.00
N TYR C 470 17.67 -47.46 11.92
CA TYR C 470 16.70 -46.37 11.70
C TYR C 470 15.83 -46.65 10.48
N GLY C 471 16.47 -46.86 9.35
CA GLY C 471 15.74 -47.10 8.11
C GLY C 471 14.98 -48.39 8.10
N GLN C 472 15.58 -49.44 8.67
CA GLN C 472 14.89 -50.75 8.70
C GLN C 472 13.62 -50.67 9.56
N ARG C 473 13.74 -50.04 10.73
CA ARG C 473 12.59 -49.92 11.64
C ARG C 473 11.45 -49.17 10.98
N LEU C 474 11.80 -48.12 10.27
CA LEU C 474 10.79 -47.31 9.59
C LEU C 474 10.13 -48.17 8.52
N ALA C 475 10.94 -48.88 7.73
CA ALA C 475 10.42 -49.76 6.68
C ALA C 475 9.44 -50.81 7.27
N ASP C 476 9.85 -51.47 8.36
CA ASP C 476 9.04 -52.50 9.05
C ASP C 476 7.73 -51.91 9.51
N SER C 477 7.81 -50.76 10.16
CA SER C 477 6.62 -50.06 10.64
C SER C 477 5.69 -49.57 9.50
N LEU C 478 6.24 -49.26 8.33
CA LEU C 478 5.41 -48.90 7.15
C LEU C 478 4.98 -50.10 6.27
N GLY C 479 5.43 -51.31 6.61
CA GLY C 479 5.14 -52.49 5.78
C GLY C 479 5.86 -52.48 4.46
N VAL C 480 7.02 -51.85 4.38
CA VAL C 480 7.74 -51.76 3.10
C VAL C 480 8.92 -52.73 3.17
N ASP C 481 9.06 -53.62 2.18
CA ASP C 481 10.15 -54.58 2.13
C ASP C 481 11.28 -53.97 1.33
N ILE C 482 12.40 -53.70 1.97
CA ILE C 482 13.52 -53.03 1.31
C ILE C 482 14.71 -53.97 1.08
N ARG C 483 14.47 -55.28 1.17
CA ARG C 483 15.49 -56.30 0.87
C ARG C 483 16.15 -56.27 -0.51
N SER C 484 15.41 -55.92 -1.55
CA SER C 484 16.01 -55.80 -2.88
C SER C 484 17.12 -54.73 -2.96
N TYR C 485 17.02 -53.71 -2.11
CA TYR C 485 18.08 -52.68 -1.97
C TYR C 485 18.86 -52.87 -0.67
N HIS D 6 -22.71 2.51 -29.90
CA HIS D 6 -23.66 3.04 -28.87
C HIS D 6 -23.75 2.16 -27.61
N LYS D 7 -23.31 2.69 -26.46
CA LYS D 7 -23.00 1.86 -25.27
C LYS D 7 -23.59 2.47 -24.00
N ASN D 8 -23.92 1.62 -23.00
CA ASN D 8 -24.29 2.10 -21.67
C ASN D 8 -23.08 2.43 -20.86
N LEU D 9 -23.18 3.56 -20.17
CA LEU D 9 -22.42 3.79 -18.94
C LEU D 9 -22.83 2.73 -17.89
N THR D 10 -21.87 2.07 -17.24
CA THR D 10 -22.18 1.09 -16.20
C THR D 10 -21.40 1.39 -14.92
N THR D 11 -21.84 0.81 -13.81
CA THR D 11 -20.95 0.61 -12.64
C THR D 11 -19.86 -0.45 -12.94
N ASN D 12 -18.90 -0.59 -12.06
CA ASN D 12 -17.92 -1.69 -12.19
C ASN D 12 -18.51 -3.08 -12.00
N GLN D 13 -19.73 -3.14 -11.48
CA GLN D 13 -20.43 -4.38 -11.34
C GLN D 13 -21.14 -4.78 -12.64
N GLY D 14 -21.07 -3.93 -13.63
CA GLY D 14 -21.83 -4.14 -14.89
C GLY D 14 -23.30 -3.71 -14.88
N VAL D 15 -23.74 -2.95 -13.88
CA VAL D 15 -25.13 -2.44 -13.83
C VAL D 15 -25.21 -1.10 -14.59
N PRO D 16 -26.17 -0.99 -15.56
CA PRO D 16 -26.25 0.28 -16.33
C PRO D 16 -26.64 1.43 -15.44
N VAL D 17 -26.08 2.60 -15.73
CA VAL D 17 -26.24 3.77 -14.89
C VAL D 17 -27.45 4.61 -15.41
N GLY D 18 -28.41 4.87 -14.53
CA GLY D 18 -29.64 5.62 -14.92
C GLY D 18 -29.42 7.10 -15.09
N ASP D 19 -28.54 7.66 -14.27
CA ASP D 19 -28.37 9.10 -14.17
C ASP D 19 -26.96 9.37 -13.76
N ASN D 20 -26.19 9.91 -14.69
CA ASN D 20 -24.80 10.26 -14.42
C ASN D 20 -24.60 11.74 -14.11
N GLN D 21 -25.71 12.43 -13.79
CA GLN D 21 -25.72 13.89 -13.54
C GLN D 21 -26.03 14.25 -12.07
N ASN D 22 -26.95 13.53 -11.44
CA ASN D 22 -27.44 13.90 -10.11
C ASN D 22 -27.11 12.84 -9.05
N SER D 23 -26.60 13.32 -7.92
CA SER D 23 -26.56 12.55 -6.69
C SER D 23 -27.96 12.20 -6.18
N ARG D 24 -28.04 11.21 -5.33
CA ARG D 24 -29.28 10.80 -4.74
C ARG D 24 -29.54 11.55 -3.42
N THR D 25 -30.70 12.22 -3.32
CA THR D 25 -30.91 13.25 -2.31
C THR D 25 -32.32 13.21 -1.76
N ALA D 26 -32.51 13.88 -0.62
CA ALA D 26 -33.82 14.11 -0.06
C ALA D 26 -34.57 15.23 -0.80
N GLY D 27 -35.33 14.88 -1.83
CA GLY D 27 -35.91 15.85 -2.69
C GLY D 27 -34.85 16.53 -3.56
N HIS D 28 -35.31 17.44 -4.42
CA HIS D 28 -34.48 18.06 -5.41
C HIS D 28 -33.39 18.96 -4.82
N ARG D 29 -33.55 19.46 -3.61
CA ARG D 29 -32.55 20.33 -3.04
C ARG D 29 -32.04 19.90 -1.67
N GLY D 30 -32.18 18.63 -1.32
CA GLY D 30 -31.87 18.19 0.06
C GLY D 30 -30.46 17.61 0.14
N PRO D 31 -30.07 17.17 1.35
CA PRO D 31 -28.82 16.49 1.55
C PRO D 31 -28.80 15.10 0.89
N SER D 32 -27.59 14.56 0.80
CA SER D 32 -27.31 13.41 -0.01
C SER D 32 -27.43 12.10 0.81
N PHE D 33 -27.89 11.04 0.16
CA PHE D 33 -27.96 9.76 0.78
C PHE D 33 -26.68 8.93 0.64
N LEU D 34 -26.43 8.11 1.68
CA LEU D 34 -25.35 7.10 1.66
C LEU D 34 -25.61 6.00 0.59
N ASP D 35 -26.87 5.59 0.42
CA ASP D 35 -27.24 4.58 -0.59
C ASP D 35 -27.24 5.23 -1.98
N ASP D 36 -26.04 5.47 -2.48
CA ASP D 36 -25.84 5.91 -3.87
C ASP D 36 -24.56 5.25 -4.35
N TYR D 37 -24.68 3.99 -4.75
CA TYR D 37 -23.49 3.18 -5.03
C TYR D 37 -22.70 3.78 -6.17
N HIS D 38 -23.38 4.28 -7.18
CA HIS D 38 -22.72 4.90 -8.34
C HIS D 38 -21.86 6.11 -7.95
N LEU D 39 -22.39 6.99 -7.09
CA LEU D 39 -21.65 8.14 -6.57
C LEU D 39 -20.44 7.70 -5.79
N ILE D 40 -20.63 6.78 -4.83
CA ILE D 40 -19.52 6.34 -3.97
C ILE D 40 -18.47 5.54 -4.74
N GLU D 41 -18.88 4.66 -5.65
CA GLU D 41 -17.92 3.93 -6.46
C GLU D 41 -17.09 4.86 -7.38
N LYS D 42 -17.74 5.84 -7.96
CA LYS D 42 -17.13 6.76 -8.89
C LYS D 42 -16.16 7.69 -8.19
N LEU D 43 -16.57 8.25 -7.06
CA LEU D 43 -15.68 9.11 -6.28
C LEU D 43 -14.49 8.33 -5.68
N ALA D 44 -14.79 7.15 -5.16
CA ALA D 44 -13.78 6.35 -4.50
C ALA D 44 -12.67 5.95 -5.47
N HIS D 45 -13.02 5.57 -6.71
CA HIS D 45 -11.98 5.28 -7.71
C HIS D 45 -11.21 6.50 -8.20
N PHE D 46 -11.90 7.60 -8.47
CA PHE D 46 -11.26 8.93 -8.63
C PHE D 46 -10.27 9.29 -7.52
N ASP D 47 -10.67 9.03 -6.27
CA ASP D 47 -9.84 9.28 -5.09
C ASP D 47 -8.56 8.46 -5.00
N ARG D 48 -8.49 7.40 -5.80
CA ARG D 48 -7.38 6.45 -5.79
C ARG D 48 -6.60 6.35 -7.12
N GLU D 49 -6.78 7.32 -7.99
CA GLU D 49 -6.14 7.30 -9.32
C GLU D 49 -4.61 7.29 -9.28
N ARG D 50 -4.03 8.02 -8.33
CA ARG D 50 -2.63 8.38 -8.38
C ARG D 50 -1.84 7.29 -7.67
N ILE D 51 -0.66 7.01 -8.23
CA ILE D 51 0.38 6.23 -7.61
C ILE D 51 1.69 7.09 -7.46
N PRO D 52 2.70 6.58 -6.70
CA PRO D 52 3.86 7.40 -6.46
C PRO D 52 4.59 7.61 -7.75
N GLU D 53 5.11 8.82 -7.97
CA GLU D 53 5.95 9.09 -9.13
C GLU D 53 7.31 8.41 -8.90
N ARG D 54 8.07 8.18 -9.97
CA ARG D 54 9.46 7.70 -9.89
C ARG D 54 10.30 8.63 -8.98
N VAL D 55 11.13 8.03 -8.13
CA VAL D 55 11.94 8.81 -7.17
C VAL D 55 12.96 9.73 -7.87
N VAL D 56 13.45 9.31 -9.05
CA VAL D 56 14.11 10.17 -10.02
C VAL D 56 13.56 9.86 -11.43
N HIS D 57 13.74 10.78 -12.35
CA HIS D 57 13.16 10.70 -13.73
C HIS D 57 11.65 10.65 -13.77
N ALA D 58 11.03 11.41 -12.88
CA ALA D 58 9.56 11.44 -12.76
C ALA D 58 8.87 11.99 -14.00
N ARG D 59 9.45 13.03 -14.59
CA ARG D 59 8.95 13.63 -15.84
C ARG D 59 9.48 12.92 -17.07
N GLY D 60 8.58 12.40 -17.91
CA GLY D 60 9.04 11.68 -19.08
C GLY D 60 7.95 11.37 -20.08
N ALA D 61 8.37 10.75 -21.20
CA ALA D 61 7.46 10.41 -22.27
C ALA D 61 7.92 9.14 -22.96
N GLY D 62 6.95 8.36 -23.44
CA GLY D 62 7.21 7.07 -24.04
C GLY D 62 6.71 6.89 -25.47
N ALA D 63 7.38 5.98 -26.18
CA ALA D 63 6.91 5.53 -27.49
C ALA D 63 7.37 4.09 -27.79
N TYR D 64 6.64 3.40 -28.68
CA TYR D 64 7.05 2.05 -29.13
C TYR D 64 7.72 2.16 -30.49
N GLY D 65 8.49 1.12 -30.82
CA GLY D 65 9.10 1.05 -32.14
C GLY D 65 9.71 -0.30 -32.39
N VAL D 66 10.76 -0.31 -33.22
CA VAL D 66 11.39 -1.54 -33.67
C VAL D 66 12.88 -1.33 -33.77
N PHE D 67 13.65 -2.30 -33.30
CA PHE D 67 15.11 -2.36 -33.50
C PHE D 67 15.47 -3.38 -34.56
N GLU D 68 16.32 -2.99 -35.51
CA GLU D 68 16.72 -3.91 -36.61
C GLU D 68 18.25 -4.07 -36.69
N VAL D 69 18.71 -5.33 -36.65
CA VAL D 69 20.15 -5.63 -36.73
C VAL D 69 20.65 -5.37 -38.14
N GLU D 70 21.71 -4.57 -38.26
CA GLU D 70 22.45 -4.47 -39.53
C GLU D 70 23.67 -5.40 -39.58
N ASN D 71 24.42 -5.48 -38.47
CA ASN D 71 25.58 -6.39 -38.37
C ASN D 71 25.42 -7.36 -37.22
N SER D 72 25.36 -8.64 -37.53
CA SER D 72 25.16 -9.64 -36.49
CA SER D 72 25.19 -9.67 -36.51
C SER D 72 26.38 -9.63 -35.53
N MET D 73 26.13 -9.81 -34.24
CA MET D 73 27.18 -9.66 -33.24
C MET D 73 27.64 -11.01 -32.63
N GLU D 74 27.26 -12.13 -33.25
CA GLU D 74 27.43 -13.45 -32.66
C GLU D 74 28.89 -13.78 -32.30
N LYS D 75 29.84 -13.11 -32.96
CA LYS D 75 31.26 -13.34 -32.65
C LYS D 75 31.61 -12.85 -31.22
N HIS D 76 30.84 -11.87 -30.72
CA HIS D 76 31.12 -11.24 -29.40
C HIS D 76 30.08 -11.49 -28.32
N THR D 77 28.83 -11.76 -28.72
CA THR D 77 27.79 -12.08 -27.76
C THR D 77 26.84 -13.11 -28.34
N ARG D 78 26.37 -14.00 -27.49
CA ARG D 78 25.32 -14.95 -27.85
C ARG D 78 23.90 -14.36 -27.79
N ALA D 79 23.78 -13.06 -27.56
CA ALA D 79 22.47 -12.45 -27.38
C ALA D 79 21.59 -12.75 -28.55
N ALA D 80 20.40 -13.27 -28.29
CA ALA D 80 19.58 -13.79 -29.38
C ALA D 80 19.10 -12.70 -30.32
N PHE D 81 18.73 -11.54 -29.74
CA PHE D 81 18.21 -10.42 -30.55
C PHE D 81 19.24 -9.78 -31.49
N LEU D 82 20.50 -10.14 -31.33
CA LEU D 82 21.57 -9.59 -32.14
C LEU D 82 22.23 -10.66 -33.08
N SER D 83 21.61 -11.83 -33.19
CA SER D 83 22.26 -13.00 -33.79
C SER D 83 22.33 -12.97 -35.33
N GLU D 84 21.44 -12.23 -35.98
CA GLU D 84 21.33 -12.29 -37.48
C GLU D 84 21.05 -10.91 -38.07
N GLU D 85 21.68 -10.62 -39.21
CA GLU D 85 21.30 -9.50 -40.08
C GLU D 85 19.79 -9.49 -40.35
N GLY D 86 19.19 -8.31 -40.20
CA GLY D 86 17.77 -8.09 -40.49
C GLY D 86 16.80 -8.46 -39.38
N LYS D 87 17.30 -9.09 -38.33
CA LYS D 87 16.45 -9.49 -37.21
C LYS D 87 15.86 -8.29 -36.48
N GLN D 88 14.54 -8.31 -36.33
CA GLN D 88 13.77 -7.18 -35.79
C GLN D 88 13.18 -7.53 -34.43
N THR D 89 13.26 -6.57 -33.51
CA THR D 89 12.82 -6.75 -32.13
C THR D 89 12.01 -5.50 -31.74
N ASP D 90 10.81 -5.73 -31.19
CA ASP D 90 9.96 -4.64 -30.72
C ASP D 90 10.61 -4.00 -29.49
N VAL D 91 10.49 -2.68 -29.37
CA VAL D 91 10.99 -1.96 -28.25
C VAL D 91 9.90 -1.07 -27.66
N PHE D 92 10.01 -0.79 -26.36
CA PHE D 92 9.39 0.36 -25.74
C PHE D 92 10.47 1.25 -25.13
N VAL D 93 10.36 2.57 -25.34
CA VAL D 93 11.35 3.52 -24.92
C VAL D 93 10.72 4.65 -24.09
N ARG D 94 11.30 4.99 -22.95
CA ARG D 94 10.93 6.19 -22.21
C ARG D 94 12.10 7.12 -22.12
N PHE D 95 11.85 8.38 -22.44
CA PHE D 95 12.74 9.49 -22.21
C PHE D 95 12.28 10.34 -21.06
N SER D 96 13.21 11.09 -20.45
CA SER D 96 12.94 11.79 -19.20
C SER D 96 13.94 12.83 -18.85
N THR D 97 13.54 13.75 -18.00
CA THR D 97 14.49 14.53 -17.19
C THR D 97 14.82 13.75 -15.92
N VAL D 98 15.46 14.38 -14.91
CA VAL D 98 15.95 13.62 -13.76
C VAL D 98 15.40 14.08 -12.43
N ILE D 99 15.62 15.36 -12.10
CA ILE D 99 15.54 15.82 -10.75
C ILE D 99 14.12 16.26 -10.32
N HIS D 100 13.47 17.08 -11.13
CA HIS D 100 12.20 17.64 -10.69
C HIS D 100 11.02 16.68 -10.88
N PRO D 101 9.86 17.00 -10.26
CA PRO D 101 8.73 16.06 -10.26
C PRO D 101 7.97 15.99 -11.59
N LYS D 102 6.91 15.18 -11.61
N LYS D 102 6.93 15.14 -11.66
CA LYS D 102 6.05 14.93 -12.79
CA LYS D 102 6.02 15.13 -12.80
C LYS D 102 5.66 16.04 -13.74
C LYS D 102 5.52 16.55 -12.94
N GLY D 103 5.16 17.15 -13.25
N GLY D 103 5.15 16.92 -14.15
CA GLY D 103 4.71 18.24 -14.12
CA GLY D 103 4.71 18.26 -14.42
C GLY D 103 5.78 19.29 -14.36
C GLY D 103 5.80 19.31 -14.44
N SER D 104 7.04 18.98 -14.09
CA SER D 104 8.10 19.97 -14.14
C SER D 104 8.51 20.27 -15.59
N PRO D 105 9.11 21.43 -15.83
CA PRO D 105 9.42 21.79 -17.21
C PRO D 105 10.49 20.90 -17.83
N GLU D 106 10.41 20.70 -19.15
CA GLU D 106 11.43 19.99 -19.93
C GLU D 106 12.55 20.91 -20.52
N THR D 107 12.59 22.15 -20.04
CA THR D 107 13.60 23.12 -20.41
C THR D 107 14.74 23.28 -19.38
N LEU D 108 14.75 22.47 -18.33
CA LEU D 108 15.69 22.61 -17.25
C LEU D 108 16.98 21.86 -17.59
N ARG D 109 18.07 22.28 -16.97
CA ARG D 109 19.34 21.59 -17.11
C ARG D 109 19.26 20.24 -16.37
N ASP D 110 19.68 19.16 -17.00
CA ASP D 110 19.60 17.81 -16.42
C ASP D 110 20.15 16.85 -17.46
N PRO D 111 20.72 15.70 -17.04
CA PRO D 111 20.81 14.58 -17.98
C PRO D 111 19.44 14.19 -18.43
N ARG D 112 19.35 13.53 -19.58
CA ARG D 112 18.08 12.99 -20.05
C ARG D 112 18.16 11.49 -20.03
N GLY D 113 17.14 10.87 -19.47
CA GLY D 113 17.00 9.42 -19.54
C GLY D 113 16.64 8.90 -20.90
N PHE D 114 17.12 7.70 -21.21
CA PHE D 114 17.05 7.11 -22.55
C PHE D 114 16.95 5.63 -22.26
N ALA D 115 15.76 5.16 -21.86
CA ALA D 115 15.57 3.78 -21.37
C ALA D 115 14.89 2.93 -22.45
N VAL D 116 15.56 1.85 -22.85
CA VAL D 116 15.08 1.02 -23.94
C VAL D 116 14.77 -0.37 -23.41
N LYS D 117 13.52 -0.83 -23.60
CA LYS D 117 13.13 -2.21 -23.34
C LYS D 117 12.97 -2.99 -24.65
N PHE D 118 13.78 -4.03 -24.82
CA PHE D 118 13.77 -4.90 -26.02
C PHE D 118 13.02 -6.21 -25.71
N TYR D 119 11.96 -6.51 -26.43
CA TYR D 119 11.15 -7.68 -26.12
C TYR D 119 11.70 -8.90 -26.87
N THR D 120 12.75 -9.51 -26.33
CA THR D 120 13.48 -10.54 -27.11
C THR D 120 12.91 -11.94 -26.88
N GLU D 121 13.34 -12.85 -27.73
CA GLU D 121 12.85 -14.21 -27.67
C GLU D 121 13.44 -14.97 -26.49
N GLU D 122 14.52 -14.46 -25.87
CA GLU D 122 15.03 -15.05 -24.63
C GLU D 122 14.74 -14.22 -23.35
N GLY D 123 13.73 -13.36 -23.41
CA GLY D 123 13.40 -12.47 -22.30
C GLY D 123 13.52 -11.01 -22.64
N ASN D 124 12.97 -10.16 -21.76
CA ASN D 124 13.14 -8.72 -21.93
C ASN D 124 14.53 -8.24 -21.52
N TYR D 125 15.12 -7.36 -22.35
CA TYR D 125 16.42 -6.79 -22.09
C TYR D 125 16.23 -5.31 -21.96
N ASP D 126 16.57 -4.74 -20.81
CA ASP D 126 16.46 -3.31 -20.62
C ASP D 126 17.85 -2.69 -20.67
N LEU D 127 18.04 -1.71 -21.55
CA LEU D 127 19.20 -0.88 -21.55
C LEU D 127 18.86 0.52 -21.08
N VAL D 128 19.16 0.77 -19.80
CA VAL D 128 18.63 1.93 -19.08
C VAL D 128 19.70 3.01 -19.10
N GLY D 129 19.66 3.83 -20.16
CA GLY D 129 20.74 4.76 -20.47
C GLY D 129 20.36 6.21 -20.17
N ASN D 130 21.33 7.09 -20.36
CA ASN D 130 21.11 8.55 -20.33
C ASN D 130 21.66 9.12 -21.64
N ASN D 131 21.35 10.35 -22.00
CA ASN D 131 22.05 10.97 -23.13
C ASN D 131 23.57 11.07 -22.94
N LEU D 132 24.00 11.59 -21.79
CA LEU D 132 25.42 11.81 -21.51
C LEU D 132 26.13 10.50 -21.11
N PRO D 133 27.43 10.34 -21.52
CA PRO D 133 28.01 8.99 -21.52
C PRO D 133 28.70 8.58 -20.21
N ILE D 134 28.75 9.50 -19.24
CA ILE D 134 29.42 9.24 -17.94
CA ILE D 134 29.41 9.24 -17.95
C ILE D 134 28.49 9.67 -16.80
N PHE D 135 28.92 9.52 -15.54
CA PHE D 135 28.09 9.92 -14.43
C PHE D 135 28.89 10.72 -13.40
N PHE D 136 28.19 11.30 -12.45
CA PHE D 136 28.75 12.13 -11.38
C PHE D 136 29.60 11.35 -10.36
N ILE D 137 29.24 10.08 -10.14
CA ILE D 137 29.74 9.27 -9.01
C ILE D 137 30.05 7.87 -9.54
N ARG D 138 30.80 7.09 -8.77
CA ARG D 138 31.23 5.73 -9.18
C ARG D 138 30.85 4.61 -8.21
N ASP D 139 30.10 4.95 -7.15
CA ASP D 139 29.63 3.96 -6.18
C ASP D 139 28.17 4.28 -5.80
N ALA D 140 27.31 3.27 -5.88
CA ALA D 140 25.90 3.44 -5.58
C ALA D 140 25.60 3.92 -4.18
N LEU D 141 26.49 3.63 -3.21
CA LEU D 141 26.27 4.09 -1.83
C LEU D 141 26.07 5.60 -1.79
N LYS D 142 26.59 6.31 -2.81
CA LYS D 142 26.50 7.78 -2.84
C LYS D 142 25.25 8.34 -3.52
N PHE D 143 24.48 7.49 -4.19
CA PHE D 143 23.41 7.98 -4.99
C PHE D 143 22.34 8.76 -4.20
N PRO D 144 21.91 8.27 -3.02
CA PRO D 144 20.88 9.03 -2.35
C PRO D 144 21.41 10.40 -1.90
N ASP D 145 22.69 10.45 -1.57
CA ASP D 145 23.34 11.73 -1.22
C ASP D 145 23.32 12.71 -2.38
N MET D 146 23.76 12.21 -3.54
CA MET D 146 23.87 13.03 -4.73
C MET D 146 22.50 13.62 -5.11
N VAL D 147 21.51 12.71 -5.12
CA VAL D 147 20.16 13.05 -5.43
C VAL D 147 19.55 14.03 -4.43
N HIS D 148 19.72 13.77 -3.14
CA HIS D 148 19.28 14.69 -2.12
C HIS D 148 19.86 16.10 -2.29
N SER D 149 21.11 16.18 -2.68
CA SER D 149 21.76 17.48 -2.87
C SER D 149 21.21 18.25 -4.06
N LEU D 150 20.80 17.51 -5.07
CA LEU D 150 20.32 18.10 -6.33
C LEU D 150 18.88 18.53 -6.21
N LYS D 151 18.12 17.76 -5.48
CA LYS D 151 16.68 17.91 -5.42
C LYS D 151 16.31 19.22 -4.74
N PRO D 152 15.10 19.72 -4.91
CA PRO D 152 14.68 20.84 -4.12
C PRO D 152 15.02 20.67 -2.64
N ASP D 153 15.50 21.73 -2.04
CA ASP D 153 15.75 21.82 -0.60
C ASP D 153 14.56 21.28 0.21
N PRO D 154 14.81 20.39 1.21
CA PRO D 154 13.74 19.74 1.95
C PRO D 154 12.90 20.67 2.81
N VAL D 155 13.38 21.92 3.01
CA VAL D 155 12.60 22.94 3.72
C VAL D 155 11.80 23.80 2.75
N THR D 156 12.45 24.30 1.70
CA THR D 156 11.86 25.32 0.87
C THR D 156 11.13 24.78 -0.36
N ASN D 157 11.44 23.57 -0.76
CA ASN D 157 10.98 23.03 -2.05
C ASN D 157 11.47 23.74 -3.27
N ILE D 158 12.68 24.29 -3.21
CA ILE D 158 13.31 24.90 -4.34
C ILE D 158 14.74 24.40 -4.43
N GLN D 159 15.17 24.05 -5.63
CA GLN D 159 16.54 23.61 -5.87
C GLN D 159 17.53 24.75 -5.53
N ASP D 160 18.69 24.40 -4.93
CA ASP D 160 19.64 25.38 -4.43
C ASP D 160 21.03 25.03 -4.86
N PRO D 161 21.63 25.82 -5.77
CA PRO D 161 22.95 25.43 -6.25
C PRO D 161 23.99 25.31 -5.14
N ASP D 162 23.84 26.08 -4.07
CA ASP D 162 24.74 25.96 -2.94
C ASP D 162 24.75 24.51 -2.36
N ARG D 163 23.62 23.81 -2.43
CA ARG D 163 23.53 22.49 -1.90
C ARG D 163 24.23 21.47 -2.83
N TYR D 164 23.91 21.44 -4.12
CA TYR D 164 24.51 20.40 -4.95
C TYR D 164 25.97 20.70 -5.22
N TRP D 165 26.33 21.99 -5.30
CA TRP D 165 27.79 22.33 -5.45
C TRP D 165 28.62 21.97 -4.24
N ASP D 166 28.03 22.00 -3.04
CA ASP D 166 28.71 21.53 -1.84
C ASP D 166 29.06 20.07 -2.02
N PHE D 167 28.05 19.23 -2.35
CA PHE D 167 28.27 17.79 -2.62
C PHE D 167 29.26 17.53 -3.73
N MET D 168 29.06 18.18 -4.87
CA MET D 168 29.86 17.89 -6.06
C MET D 168 31.33 18.29 -5.85
N THR D 169 31.58 19.45 -5.24
CA THR D 169 32.96 19.91 -5.02
C THR D 169 33.72 18.96 -4.08
N LEU D 170 33.01 18.35 -3.14
CA LEU D 170 33.60 17.39 -2.19
C LEU D 170 33.60 15.96 -2.73
N THR D 171 33.21 15.82 -3.99
CA THR D 171 33.11 14.56 -4.66
C THR D 171 33.76 14.78 -6.03
N PRO D 172 35.09 14.99 -6.03
CA PRO D 172 35.76 15.52 -7.22
C PRO D 172 35.70 14.56 -8.40
N GLU D 173 35.35 13.29 -8.19
CA GLU D 173 35.09 12.41 -9.34
C GLU D 173 33.98 12.92 -10.27
N SER D 174 33.18 13.90 -9.80
CA SER D 174 32.11 14.53 -10.56
C SER D 174 32.58 15.48 -11.67
N THR D 175 33.88 15.76 -11.73
CA THR D 175 34.41 16.84 -12.50
C THR D 175 34.25 16.61 -14.03
N HIS D 176 34.51 15.38 -14.49
CA HIS D 176 34.20 15.05 -15.88
C HIS D 176 32.69 15.26 -16.22
N MET D 177 31.78 14.65 -15.44
CA MET D 177 30.35 14.83 -15.68
C MET D 177 29.91 16.29 -15.81
N LEU D 178 30.38 17.14 -14.90
CA LEU D 178 29.97 18.53 -14.88
C LEU D 178 30.46 19.30 -16.12
N THR D 179 31.59 18.85 -16.66
CA THR D 179 32.15 19.42 -17.86
C THR D 179 31.34 19.08 -19.12
N TRP D 180 30.59 17.99 -19.09
CA TRP D 180 29.54 17.77 -20.09
C TRP D 180 28.23 18.51 -19.76
N LEU D 181 27.78 18.40 -18.53
CA LEU D 181 26.42 18.84 -18.16
C LEU D 181 26.24 20.36 -18.27
N PHE D 182 27.33 21.11 -18.07
CA PHE D 182 27.29 22.57 -18.18
C PHE D 182 27.77 23.11 -19.54
N SER D 183 28.08 22.25 -20.50
CA SER D 183 27.91 22.59 -21.90
C SER D 183 26.44 22.81 -22.23
N ASP D 184 26.12 23.27 -23.43
CA ASP D 184 24.72 23.38 -23.77
C ASP D 184 24.06 22.00 -23.97
N GLU D 185 24.83 20.90 -24.00
CA GLU D 185 24.20 19.57 -24.08
C GLU D 185 23.52 19.19 -22.75
N GLY D 186 23.71 19.99 -21.69
CA GLY D 186 22.85 19.91 -20.51
C GLY D 186 21.36 20.24 -20.69
N ILE D 187 21.01 20.87 -21.82
CA ILE D 187 19.60 21.14 -22.19
C ILE D 187 19.43 20.74 -23.62
N PRO D 188 19.24 19.43 -23.88
CA PRO D 188 18.78 19.05 -25.21
C PRO D 188 17.54 19.78 -25.70
N ALA D 189 17.50 20.04 -27.02
CA ALA D 189 16.36 20.75 -27.63
C ALA D 189 15.06 19.96 -27.50
N ASN D 190 15.18 18.64 -27.61
CA ASN D 190 14.07 17.78 -27.43
C ASN D 190 14.59 16.35 -27.28
N TYR D 191 13.68 15.38 -27.18
CA TYR D 191 14.11 13.98 -27.01
C TYR D 191 14.65 13.32 -28.31
N ALA D 192 14.30 13.85 -29.50
CA ALA D 192 14.70 13.23 -30.80
C ALA D 192 16.09 13.67 -31.23
N GLU D 193 16.44 14.92 -30.97
CA GLU D 193 17.71 15.46 -31.44
C GLU D 193 18.76 15.39 -30.32
N MET D 194 19.06 14.17 -29.89
CA MET D 194 19.66 13.89 -28.59
C MET D 194 20.45 12.59 -28.71
N ARG D 195 21.59 12.57 -28.07
CA ARG D 195 22.43 11.38 -27.93
C ARG D 195 21.77 10.30 -27.02
N GLY D 196 22.21 9.04 -27.12
CA GLY D 196 22.00 8.03 -26.04
C GLY D 196 23.27 7.23 -25.71
N SER D 197 23.40 6.76 -24.48
CA SER D 197 24.58 6.10 -23.98
C SER D 197 24.17 5.03 -22.95
N GLY D 198 24.89 3.89 -22.95
CA GLY D 198 24.74 2.87 -21.88
C GLY D 198 25.36 3.30 -20.58
N VAL D 199 26.28 4.28 -20.67
CA VAL D 199 27.12 4.74 -19.59
C VAL D 199 28.09 3.69 -19.09
N HIS D 200 27.58 2.60 -18.51
CA HIS D 200 28.48 1.62 -17.91
C HIS D 200 29.12 0.80 -18.98
N THR D 201 30.31 0.28 -18.62
CA THR D 201 30.82 -0.92 -19.22
C THR D 201 30.01 -2.13 -18.81
N PHE D 202 29.67 -2.96 -19.81
CA PHE D 202 28.99 -4.23 -19.54
C PHE D 202 29.92 -5.32 -20.01
N ARG D 203 29.49 -6.57 -19.83
CA ARG D 203 30.24 -7.72 -20.36
C ARG D 203 29.40 -8.40 -21.43
N TRP D 204 30.00 -8.62 -22.57
CA TRP D 204 29.41 -9.46 -23.62
C TRP D 204 30.10 -10.83 -23.58
N VAL D 205 29.30 -11.89 -23.59
CA VAL D 205 29.83 -13.27 -23.55
C VAL D 205 29.30 -14.10 -24.74
N ASN D 206 30.22 -14.70 -25.49
CA ASN D 206 29.85 -15.38 -26.72
C ASN D 206 29.62 -16.87 -26.43
N LYS D 207 29.32 -17.67 -27.45
CA LYS D 207 28.90 -19.05 -27.21
C LYS D 207 30.04 -19.94 -26.69
N TYR D 208 31.28 -19.49 -26.85
CA TYR D 208 32.44 -20.20 -26.37
C TYR D 208 32.80 -19.81 -24.96
N GLY D 209 32.04 -18.92 -24.35
CA GLY D 209 32.33 -18.44 -23.00
C GLY D 209 33.36 -17.32 -22.97
N GLU D 210 33.77 -16.78 -24.11
CA GLU D 210 34.73 -15.68 -24.13
C GLU D 210 34.02 -14.34 -23.83
N THR D 211 34.64 -13.52 -22.99
CA THR D 211 34.07 -12.26 -22.51
C THR D 211 34.84 -11.06 -23.08
N LYS D 212 34.10 -10.02 -23.51
CA LYS D 212 34.65 -8.70 -23.78
C LYS D 212 33.91 -7.66 -22.97
N TYR D 213 34.59 -6.57 -22.64
CA TYR D 213 33.93 -5.37 -22.18
C TYR D 213 33.29 -4.62 -23.35
N VAL D 214 32.10 -4.05 -23.10
CA VAL D 214 31.31 -3.34 -24.12
C VAL D 214 30.75 -2.04 -23.59
N LYS D 215 30.70 -1.04 -24.48
CA LYS D 215 29.98 0.21 -24.24
C LYS D 215 29.04 0.46 -25.38
N TYR D 216 27.87 1.03 -25.06
CA TYR D 216 26.81 1.30 -26.03
C TYR D 216 26.66 2.82 -26.33
N HIS D 217 26.34 3.12 -27.60
CA HIS D 217 26.10 4.51 -28.03
C HIS D 217 24.92 4.58 -29.01
N TRP D 218 23.98 5.52 -28.80
CA TRP D 218 22.89 5.72 -29.71
C TRP D 218 23.14 7.05 -30.43
N ARG D 219 23.12 7.07 -31.75
CA ARG D 219 23.31 8.32 -32.51
C ARG D 219 22.09 8.71 -33.30
N PRO D 220 21.56 9.92 -33.06
CA PRO D 220 20.25 10.29 -33.60
C PRO D 220 20.32 10.57 -35.09
N SER D 221 19.39 9.99 -35.88
CA SER D 221 19.21 10.35 -37.30
C SER D 221 18.87 11.82 -37.45
N GLU D 222 18.16 12.39 -36.51
CA GLU D 222 17.86 13.82 -36.55
C GLU D 222 19.04 14.75 -36.18
N GLY D 223 20.20 14.20 -35.81
CA GLY D 223 21.34 15.04 -35.33
C GLY D 223 21.13 15.51 -33.89
N ILE D 224 22.16 16.04 -33.28
CA ILE D 224 22.10 16.53 -31.92
C ILE D 224 21.82 18.04 -32.00
N ARG D 225 20.82 18.55 -31.27
CA ARG D 225 20.67 19.96 -31.09
C ARG D 225 20.43 20.28 -29.61
N ASN D 226 21.05 21.38 -29.14
CA ASN D 226 21.02 21.83 -27.76
C ASN D 226 20.44 23.26 -27.65
N LEU D 227 20.06 23.64 -26.43
CA LEU D 227 19.52 24.98 -26.12
C LEU D 227 20.48 25.71 -25.18
N SER D 228 20.82 26.94 -25.54
CA SER D 228 21.40 27.90 -24.61
C SER D 228 20.45 28.17 -23.48
N MET D 229 20.94 28.77 -22.42
CA MET D 229 20.04 29.14 -21.32
C MET D 229 18.96 30.05 -21.83
N GLU D 230 19.32 30.96 -22.75
CA GLU D 230 18.34 31.96 -23.20
C GLU D 230 17.31 31.35 -24.12
N GLU D 231 17.73 30.41 -24.96
CA GLU D 231 16.77 29.67 -25.79
C GLU D 231 15.81 28.85 -24.89
N ALA D 232 16.36 28.22 -23.84
CA ALA D 232 15.57 27.40 -22.93
C ALA D 232 14.50 28.24 -22.21
N ALA D 233 14.90 29.44 -21.79
CA ALA D 233 13.95 30.41 -21.15
C ALA D 233 12.80 30.77 -22.06
N GLU D 234 13.10 31.00 -23.33
CA GLU D 234 12.04 31.43 -24.29
C GLU D 234 11.04 30.33 -24.55
N ILE D 235 11.53 29.10 -24.67
CA ILE D 235 10.63 27.96 -24.77
C ILE D 235 9.85 27.77 -23.44
N GLN D 236 10.55 27.89 -22.31
CA GLN D 236 9.88 27.70 -21.01
C GLN D 236 8.67 28.64 -20.78
N ALA D 237 8.76 29.85 -21.32
CA ALA D 237 7.71 30.86 -21.24
C ALA D 237 6.38 30.42 -21.84
N ASN D 238 6.42 29.64 -22.89
CA ASN D 238 5.29 29.27 -23.67
C ASN D 238 4.93 27.81 -23.59
N ASP D 239 5.87 26.95 -23.24
CA ASP D 239 5.59 25.52 -23.14
C ASP D 239 6.47 24.85 -22.08
N PHE D 240 5.89 24.37 -21.01
CA PHE D 240 6.65 23.55 -20.04
C PHE D 240 6.63 22.05 -20.36
N GLN D 241 6.06 21.64 -21.48
CA GLN D 241 6.17 20.24 -21.88
C GLN D 241 6.55 20.07 -23.37
N HIS D 242 7.50 20.87 -23.86
CA HIS D 242 7.74 20.95 -25.31
C HIS D 242 8.32 19.63 -25.87
N ALA D 243 9.09 18.92 -25.08
CA ALA D 243 9.72 17.69 -25.53
C ALA D 243 8.72 16.52 -25.56
N THR D 244 7.86 16.43 -24.56
CA THR D 244 6.72 15.51 -24.61
C THR D 244 5.80 15.81 -25.83
N ARG D 245 5.49 17.07 -26.05
CA ARG D 245 4.72 17.45 -27.24
C ARG D 245 5.41 17.06 -28.55
N ASP D 246 6.68 17.42 -28.68
CA ASP D 246 7.48 17.17 -29.87
C ASP D 246 7.50 15.69 -30.24
N LEU D 247 7.71 14.81 -29.27
CA LEU D 247 7.85 13.41 -29.55
C LEU D 247 6.56 12.85 -30.07
N TYR D 248 5.47 13.14 -29.36
CA TYR D 248 4.13 12.69 -29.80
C TYR D 248 3.84 13.16 -31.22
N ASP D 249 4.10 14.45 -31.48
CA ASP D 249 3.73 15.08 -32.75
C ASP D 249 4.52 14.53 -33.93
N ARG D 250 5.83 14.36 -33.76
CA ARG D 250 6.65 13.66 -34.76
C ARG D 250 6.04 12.34 -35.20
N ILE D 251 5.68 11.53 -34.21
CA ILE D 251 5.19 10.20 -34.47
C ILE D 251 3.78 10.26 -35.09
N GLU D 252 2.90 11.12 -34.56
CA GLU D 252 1.56 11.32 -35.17
C GLU D 252 1.65 11.78 -36.64
N LYS D 253 2.64 12.59 -36.99
CA LYS D 253 2.78 13.08 -38.37
C LYS D 253 3.58 12.16 -39.28
N GLY D 254 4.04 11.02 -38.78
CA GLY D 254 4.77 10.05 -39.58
C GLY D 254 6.24 10.36 -39.70
N ASN D 255 6.72 11.39 -38.99
CA ASN D 255 8.14 11.74 -39.01
C ASN D 255 8.93 11.02 -37.88
N TYR D 256 9.17 9.73 -38.07
CA TYR D 256 9.61 8.81 -37.03
C TYR D 256 11.05 9.00 -36.66
N PRO D 257 11.35 9.27 -35.37
CA PRO D 257 12.77 9.47 -35.04
C PRO D 257 13.49 8.15 -34.91
N ALA D 258 14.79 8.16 -35.15
CA ALA D 258 15.59 6.94 -35.14
C ALA D 258 16.98 7.21 -34.65
N TRP D 259 17.59 6.14 -34.19
CA TRP D 259 18.94 6.20 -33.67
C TRP D 259 19.68 4.96 -34.16
N ASP D 260 20.91 5.14 -34.59
CA ASP D 260 21.74 4.00 -34.87
C ASP D 260 22.51 3.58 -33.61
N LEU D 261 22.58 2.27 -33.39
CA LEU D 261 23.30 1.72 -32.25
C LEU D 261 24.73 1.32 -32.65
N TYR D 262 25.71 1.86 -31.94
CA TYR D 262 27.09 1.44 -32.05
C TYR D 262 27.60 0.85 -30.73
N VAL D 263 28.59 -0.03 -30.81
CA VAL D 263 29.35 -0.43 -29.64
C VAL D 263 30.85 -0.18 -29.79
N GLN D 264 31.50 -0.04 -28.63
CA GLN D 264 32.93 -0.22 -28.51
C GLN D 264 33.18 -1.52 -27.76
N LEU D 265 34.25 -2.24 -28.14
CA LEU D 265 34.65 -3.46 -27.47
C LEU D 265 36.08 -3.35 -27.00
N MET D 266 36.36 -3.90 -25.82
CA MET D 266 37.66 -3.86 -25.18
C MET D 266 37.93 -5.20 -24.53
N PRO D 267 39.10 -5.81 -24.80
CA PRO D 267 39.51 -7.05 -24.10
C PRO D 267 39.68 -6.80 -22.60
N LEU D 268 39.35 -7.79 -21.77
CA LEU D 268 39.55 -7.69 -20.30
C LEU D 268 41.00 -7.38 -19.92
N SER D 269 41.94 -7.89 -20.72
CA SER D 269 43.33 -7.70 -20.44
C SER D 269 43.82 -6.26 -20.65
N ASP D 270 43.00 -5.37 -21.21
CA ASP D 270 43.44 -3.98 -21.40
C ASP D 270 43.50 -3.20 -20.09
N TYR D 271 43.04 -3.81 -18.98
CA TYR D 271 43.01 -3.12 -17.68
C TYR D 271 44.32 -2.53 -17.34
N ASP D 272 45.39 -3.31 -17.51
CA ASP D 272 46.76 -2.86 -17.15
C ASP D 272 47.32 -1.86 -18.19
N GLU D 273 46.77 -1.90 -19.40
CA GLU D 273 47.27 -1.04 -20.45
C GLU D 273 46.85 0.42 -20.21
N LEU D 274 45.85 0.67 -19.34
CA LEU D 274 45.23 2.01 -19.18
C LEU D 274 45.56 2.80 -17.88
N ASP D 275 45.54 4.13 -17.96
CA ASP D 275 45.71 4.97 -16.77
C ASP D 275 44.38 5.33 -16.03
N TYR D 276 43.30 4.62 -16.36
CA TYR D 276 42.09 4.67 -15.60
C TYR D 276 41.48 3.28 -15.56
N ASP D 277 40.46 3.13 -14.73
CA ASP D 277 39.75 1.85 -14.60
C ASP D 277 38.68 1.80 -15.69
N PRO D 278 38.74 0.80 -16.60
CA PRO D 278 37.73 0.79 -17.66
C PRO D 278 36.28 0.63 -17.19
N CYS D 279 36.07 0.22 -15.93
CA CYS D 279 34.73 0.07 -15.35
C CYS D 279 34.33 1.21 -14.40
N ASP D 280 35.06 2.31 -14.50
CA ASP D 280 34.76 3.52 -13.72
C ASP D 280 33.78 4.32 -14.59
N PRO D 281 32.49 4.48 -14.14
CA PRO D 281 31.52 5.22 -14.96
C PRO D 281 31.72 6.75 -15.04
N THR D 282 32.79 7.28 -14.45
CA THR D 282 33.20 8.66 -14.66
C THR D 282 34.12 8.79 -15.87
N LYS D 283 34.40 7.67 -16.56
CA LYS D 283 35.34 7.58 -17.68
C LYS D 283 34.67 7.18 -18.98
N THR D 284 35.07 7.78 -20.09
CA THR D 284 34.85 7.21 -21.45
C THR D 284 36.08 6.47 -21.99
N TRP D 285 35.86 5.70 -23.05
CA TRP D 285 36.92 5.01 -23.79
C TRP D 285 37.21 5.76 -25.08
N SER D 286 38.49 6.00 -25.36
CA SER D 286 38.90 6.62 -26.63
C SER D 286 38.28 5.95 -27.85
N GLU D 287 37.63 6.75 -28.70
CA GLU D 287 37.11 6.26 -30.00
C GLU D 287 38.19 5.94 -31.03
N GLU D 288 39.37 6.49 -30.86
CA GLU D 288 40.51 6.15 -31.71
C GLU D 288 41.01 4.75 -31.37
N ASP D 289 41.26 4.48 -30.09
CA ASP D 289 41.76 3.19 -29.64
C ASP D 289 40.71 2.07 -29.65
N TYR D 290 39.43 2.43 -29.47
CA TYR D 290 38.33 1.49 -29.41
C TYR D 290 37.19 2.00 -30.30
N PRO D 291 37.28 1.73 -31.61
CA PRO D 291 36.37 2.40 -32.57
C PRO D 291 34.89 1.97 -32.43
N LEU D 292 34.00 2.87 -32.79
CA LEU D 292 32.57 2.58 -32.82
C LEU D 292 32.25 1.60 -33.91
N GLN D 293 31.53 0.53 -33.59
CA GLN D 293 31.14 -0.46 -34.55
C GLN D 293 29.62 -0.46 -34.65
N LYS D 294 29.11 -0.37 -35.86
CA LYS D 294 27.68 -0.28 -36.04
C LYS D 294 27.01 -1.64 -35.81
N VAL D 295 25.90 -1.63 -35.06
CA VAL D 295 25.12 -2.85 -34.80
C VAL D 295 23.78 -2.84 -35.55
N GLY D 296 23.04 -1.74 -35.45
CA GLY D 296 21.68 -1.66 -36.01
C GLY D 296 21.02 -0.29 -35.82
N ARG D 297 19.72 -0.25 -36.07
CA ARG D 297 18.93 0.99 -36.03
C ARG D 297 17.64 0.74 -35.27
N MET D 298 17.25 1.72 -34.45
CA MET D 298 15.97 1.71 -33.73
C MET D 298 15.14 2.86 -34.28
N THR D 299 13.91 2.57 -34.63
CA THR D 299 12.98 3.60 -35.10
C THR D 299 11.79 3.58 -34.21
N LEU D 300 11.43 4.74 -33.69
CA LEU D 300 10.17 4.90 -32.94
C LEU D 300 8.99 5.37 -33.78
N ASN D 301 7.94 4.56 -33.82
CA ASN D 301 6.85 4.74 -34.77
C ASN D 301 5.42 4.61 -34.27
N ARG D 302 5.22 4.52 -32.96
CA ARG D 302 3.89 4.33 -32.42
C ARG D 302 3.78 4.95 -31.01
N ASN D 303 2.82 5.85 -30.86
CA ASN D 303 2.52 6.41 -29.58
C ASN D 303 1.74 5.37 -28.75
N PRO D 304 1.86 5.42 -27.42
CA PRO D 304 1.05 4.52 -26.62
C PRO D 304 -0.44 4.87 -26.69
N GLU D 305 -1.29 3.94 -26.30
CA GLU D 305 -2.72 4.19 -26.25
C GLU D 305 -3.19 4.90 -25.00
N ASN D 306 -2.52 4.65 -23.85
CA ASN D 306 -2.84 5.30 -22.57
C ASN D 306 -1.55 5.64 -21.87
N PHE D 307 -1.34 6.92 -21.62
CA PHE D 307 -0.12 7.37 -20.97
C PHE D 307 0.09 6.75 -19.56
N PHE D 308 -0.92 6.76 -18.70
CA PHE D 308 -0.75 6.16 -17.35
C PHE D 308 -0.44 4.68 -17.39
N ALA D 309 -1.25 3.92 -18.13
CA ALA D 309 -1.13 2.46 -18.17
C ALA D 309 0.21 1.97 -18.71
N GLU D 310 0.75 2.69 -19.68
CA GLU D 310 1.91 2.26 -20.43
C GLU D 310 3.18 3.03 -20.08
N THR D 311 3.18 4.36 -20.20
CA THR D 311 4.38 5.16 -19.86
C THR D 311 4.56 5.28 -18.37
N GLU D 312 3.52 5.69 -17.63
CA GLU D 312 3.71 5.94 -16.20
C GLU D 312 4.04 4.66 -15.47
N GLN D 313 3.42 3.54 -15.89
CA GLN D 313 3.61 2.26 -15.19
C GLN D 313 4.76 1.43 -15.79
N ALA D 314 5.46 1.92 -16.82
CA ALA D 314 6.62 1.23 -17.38
C ALA D 314 7.71 1.06 -16.32
N ALA D 315 8.36 -0.09 -16.34
CA ALA D 315 9.41 -0.42 -15.37
C ALA D 315 10.63 -0.98 -16.09
N PHE D 316 11.77 -0.30 -15.96
CA PHE D 316 13.01 -0.74 -16.59
C PHE D 316 13.99 -1.10 -15.46
N THR D 317 14.89 -2.08 -15.69
CA THR D 317 15.97 -2.28 -14.74
C THR D 317 17.25 -2.71 -15.46
N PRO D 318 18.41 -2.11 -15.09
CA PRO D 318 19.67 -2.59 -15.65
C PRO D 318 19.94 -4.09 -15.38
N SER D 319 19.27 -4.65 -14.38
CA SER D 319 19.38 -6.08 -14.09
C SER D 319 18.52 -6.99 -14.96
N ALA D 320 17.68 -6.43 -15.83
CA ALA D 320 16.95 -7.24 -16.80
C ALA D 320 17.86 -7.54 -17.97
N LEU D 321 18.71 -8.52 -17.74
CA LEU D 321 19.77 -8.85 -18.68
C LEU D 321 19.36 -10.15 -19.38
N VAL D 322 19.94 -10.41 -20.54
CA VAL D 322 19.63 -11.64 -21.29
C VAL D 322 20.93 -12.43 -21.53
N PRO D 323 20.83 -13.73 -21.86
CA PRO D 323 22.03 -14.53 -22.07
C PRO D 323 22.92 -13.92 -23.13
N GLY D 324 24.22 -13.83 -22.82
CA GLY D 324 25.18 -13.11 -23.66
C GLY D 324 25.51 -11.69 -23.22
N ILE D 325 24.67 -11.12 -22.35
CA ILE D 325 24.86 -9.76 -21.82
C ILE D 325 24.80 -9.76 -20.29
N GLU D 326 25.86 -9.27 -19.64
CA GLU D 326 26.04 -9.38 -18.21
C GLU D 326 26.55 -8.06 -17.64
N ALA D 327 26.38 -7.90 -16.35
CA ALA D 327 26.90 -6.73 -15.66
C ALA D 327 28.42 -6.78 -15.75
N SER D 328 29.03 -5.62 -15.73
CA SER D 328 30.38 -5.50 -15.18
C SER D 328 30.46 -5.29 -13.66
N GLU D 329 31.70 -5.28 -13.19
CA GLU D 329 32.05 -5.02 -11.80
C GLU D 329 31.83 -3.56 -11.37
N ASP D 330 31.41 -2.69 -12.27
CA ASP D 330 31.17 -1.26 -11.99
C ASP D 330 30.27 -1.10 -10.77
N LYS D 331 30.75 -0.44 -9.75
CA LYS D 331 30.08 -0.48 -8.44
C LYS D 331 28.81 0.37 -8.45
N LEU D 332 28.73 1.31 -9.38
CA LEU D 332 27.56 2.09 -9.57
C LEU D 332 26.51 1.19 -10.18
N LEU D 333 26.89 0.50 -11.23
CA LEU D 333 26.00 -0.46 -11.81
C LEU D 333 25.51 -1.49 -10.80
N GLN D 334 26.39 -1.99 -9.98
CA GLN D 334 26.02 -3.09 -9.07
C GLN D 334 24.81 -2.68 -8.16
N GLY D 335 24.81 -1.44 -7.68
CA GLY D 335 23.69 -0.91 -6.86
C GLY D 335 22.38 -0.77 -7.63
N ARG D 336 22.49 -0.34 -8.88
CA ARG D 336 21.36 -0.22 -9.75
C ARG D 336 20.63 -1.57 -9.97
N LEU D 337 21.38 -2.67 -10.01
CA LEU D 337 20.78 -4.03 -10.20
C LEU D 337 19.70 -4.31 -9.18
N PHE D 338 19.92 -3.88 -7.95
CA PHE D 338 18.99 -3.98 -6.87
C PHE D 338 17.89 -2.92 -6.88
N SER D 339 18.29 -1.65 -6.99
CA SER D 339 17.44 -0.50 -6.66
C SER D 339 16.19 -0.38 -7.57
N TYR D 340 16.33 -0.78 -8.84
CA TYR D 340 15.19 -0.58 -9.79
C TYR D 340 14.03 -1.51 -9.49
N PRO D 341 14.22 -2.83 -9.46
CA PRO D 341 13.11 -3.69 -9.07
C PRO D 341 12.62 -3.43 -7.63
N ASP D 342 13.53 -3.02 -6.75
CA ASP D 342 13.16 -2.68 -5.41
C ASP D 342 12.15 -1.53 -5.36
N THR D 343 12.45 -0.44 -6.00
CA THR D 343 11.58 0.74 -6.04
C THR D 343 10.29 0.41 -6.76
N GLN D 344 10.37 -0.44 -7.77
CA GLN D 344 9.20 -0.74 -8.60
C GLN D 344 8.14 -1.54 -7.84
N ARG D 345 8.62 -2.44 -6.98
CA ARG D 345 7.70 -3.23 -6.21
C ARG D 345 6.88 -2.32 -5.34
N HIS D 346 7.51 -1.24 -4.85
CA HIS D 346 6.81 -0.23 -4.06
C HIS D 346 5.96 0.69 -4.93
N ARG D 347 6.53 1.19 -6.03
CA ARG D 347 5.84 2.17 -6.87
C ARG D 347 4.61 1.52 -7.58
N LEU D 348 4.73 0.24 -7.94
CA LEU D 348 3.78 -0.39 -8.85
C LEU D 348 3.04 -1.61 -8.31
N GLY D 349 3.56 -2.24 -7.23
CA GLY D 349 3.06 -3.51 -6.73
C GLY D 349 4.02 -4.69 -6.92
N ALA D 350 3.91 -5.68 -6.03
CA ALA D 350 4.64 -6.89 -6.15
C ALA D 350 4.53 -7.53 -7.54
N ASN D 351 3.34 -7.44 -8.14
CA ASN D 351 3.09 -8.06 -9.48
C ASN D 351 3.21 -7.09 -10.70
N TYR D 352 4.06 -6.09 -10.56
CA TYR D 352 4.26 -5.08 -11.59
C TYR D 352 4.68 -5.68 -12.92
N MET D 353 5.36 -6.83 -12.88
CA MET D 353 5.78 -7.53 -14.11
C MET D 353 4.68 -8.11 -14.92
N ARG D 354 3.45 -8.12 -14.40
CA ARG D 354 2.28 -8.51 -15.18
C ARG D 354 1.59 -7.36 -15.83
N ILE D 355 2.03 -6.15 -15.56
CA ILE D 355 1.40 -4.99 -16.19
C ILE D 355 1.76 -5.08 -17.66
N PRO D 356 0.80 -4.88 -18.59
CA PRO D 356 1.06 -5.24 -20.02
C PRO D 356 2.37 -4.73 -20.64
N VAL D 357 2.69 -3.45 -20.50
CA VAL D 357 3.94 -2.93 -21.02
C VAL D 357 5.18 -3.65 -20.45
N ASN D 358 5.10 -4.17 -19.23
CA ASN D 358 6.26 -4.81 -18.63
C ASN D 358 6.39 -6.30 -18.93
N CYS D 359 5.31 -6.89 -19.44
CA CYS D 359 5.33 -8.32 -19.83
C CYS D 359 6.34 -8.66 -20.96
N PRO D 360 7.01 -9.79 -20.82
CA PRO D 360 7.83 -10.32 -21.89
C PRO D 360 6.99 -10.93 -22.98
N TYR D 361 7.57 -11.01 -24.18
CA TYR D 361 7.00 -11.83 -25.28
C TYR D 361 7.35 -13.31 -25.04
N ALA D 362 8.56 -13.59 -24.57
CA ALA D 362 8.96 -14.94 -24.15
C ALA D 362 8.05 -15.52 -23.01
N PRO D 363 7.90 -16.86 -22.95
CA PRO D 363 7.05 -17.54 -21.95
C PRO D 363 7.60 -17.33 -20.53
N VAL D 364 6.70 -17.18 -19.56
CA VAL D 364 7.05 -17.08 -18.15
C VAL D 364 6.46 -18.26 -17.41
N HIS D 365 7.32 -19.05 -16.76
CA HIS D 365 6.86 -20.21 -15.98
C HIS D 365 7.70 -20.33 -14.75
N ASN D 366 7.11 -20.17 -13.58
CA ASN D 366 7.87 -20.38 -12.36
C ASN D 366 6.97 -20.62 -11.18
N ASN D 367 7.56 -20.69 -9.98
CA ASN D 367 6.84 -21.15 -8.80
C ASN D 367 6.46 -20.00 -7.85
N GLN D 368 6.54 -18.75 -8.34
CA GLN D 368 6.17 -17.59 -7.55
C GLN D 368 4.63 -17.61 -7.52
N GLN D 369 4.03 -16.98 -6.54
CA GLN D 369 2.56 -16.93 -6.48
C GLN D 369 2.07 -15.77 -5.66
N ASP D 370 0.79 -15.48 -5.84
CA ASP D 370 -0.01 -14.53 -4.99
C ASP D 370 0.54 -13.10 -5.11
N GLY D 371 0.48 -12.35 -4.03
CA GLY D 371 0.74 -10.91 -4.06
C GLY D 371 -0.44 -10.09 -4.47
N PHE D 372 -0.42 -8.81 -4.06
N PHE D 372 -0.35 -8.79 -4.14
CA PHE D 372 -1.50 -7.86 -4.30
CA PHE D 372 -1.33 -7.75 -4.41
C PHE D 372 -1.87 -7.89 -5.79
C PHE D 372 -1.85 -7.84 -5.85
N MET D 373 -3.16 -7.89 -6.06
CA MET D 373 -3.69 -7.86 -7.42
C MET D 373 -3.23 -9.01 -8.35
N THR D 374 -3.52 -10.23 -7.94
CA THR D 374 -3.24 -11.41 -8.76
C THR D 374 -4.39 -11.59 -9.77
N THR D 375 -4.08 -11.39 -11.05
CA THR D 375 -5.08 -11.28 -12.12
C THR D 375 -4.86 -12.33 -13.20
N THR D 376 -3.85 -13.19 -13.01
CA THR D 376 -3.37 -14.08 -14.06
C THR D 376 -4.02 -15.46 -14.07
N ARG D 377 -5.10 -15.68 -13.35
CA ARG D 377 -5.73 -17.01 -13.32
C ARG D 377 -4.79 -18.21 -13.12
N PRO D 378 -4.11 -18.28 -11.98
CA PRO D 378 -3.24 -19.41 -11.72
C PRO D 378 -4.02 -20.71 -11.42
N SER D 379 -3.38 -21.86 -11.64
CA SER D 379 -3.96 -23.17 -11.36
C SER D 379 -2.82 -24.15 -11.05
N GLY D 380 -3.14 -25.37 -10.61
CA GLY D 380 -2.13 -26.36 -10.32
C GLY D 380 -1.80 -26.49 -8.81
N HIS D 381 -1.41 -27.71 -8.44
CA HIS D 381 -1.07 -28.08 -7.11
C HIS D 381 0.42 -27.87 -6.80
N ILE D 382 1.27 -27.69 -7.82
CA ILE D 382 2.74 -27.76 -7.63
C ILE D 382 3.39 -26.41 -7.81
N ASN D 383 3.85 -25.83 -6.70
CA ASN D 383 4.45 -24.49 -6.65
C ASN D 383 5.80 -24.51 -5.97
N TYR D 384 6.46 -25.67 -6.08
CA TYR D 384 7.78 -25.95 -5.44
C TYR D 384 8.63 -26.81 -6.39
N GLU D 385 9.95 -26.69 -6.29
CA GLU D 385 10.94 -27.47 -7.06
C GLU D 385 12.18 -27.65 -6.16
N PRO D 386 12.79 -28.85 -6.17
CA PRO D 386 12.47 -30.06 -6.93
C PRO D 386 11.15 -30.73 -6.58
N ASN D 387 10.59 -31.40 -7.56
CA ASN D 387 9.36 -32.12 -7.44
C ASN D 387 9.45 -33.32 -8.34
N ARG D 388 8.57 -34.28 -8.15
CA ARG D 388 8.69 -35.53 -8.86
C ARG D 388 8.11 -35.47 -10.26
N TYR D 389 7.62 -34.33 -10.72
CA TYR D 389 6.86 -34.29 -11.97
C TYR D 389 7.69 -33.75 -13.16
N ASP D 390 7.87 -34.59 -14.18
CA ASP D 390 8.67 -34.26 -15.35
C ASP D 390 8.11 -33.12 -16.21
N ASP D 391 6.77 -32.93 -16.19
CA ASP D 391 6.15 -31.88 -17.00
C ASP D 391 6.23 -30.49 -16.34
N GLN D 392 6.63 -30.41 -15.06
CA GLN D 392 6.68 -29.09 -14.39
C GLN D 392 7.99 -28.38 -14.78
N PRO D 393 8.04 -27.03 -14.67
CA PRO D 393 9.22 -26.30 -15.10
C PRO D 393 10.51 -26.69 -14.36
N LYS D 394 11.60 -26.83 -15.09
CA LYS D 394 12.90 -27.24 -14.53
C LYS D 394 13.95 -26.25 -14.93
N GLU D 395 14.99 -26.14 -14.12
CA GLU D 395 16.15 -25.39 -14.54
C GLU D 395 16.72 -25.94 -15.84
N ASN D 396 17.44 -25.07 -16.54
CA ASN D 396 18.03 -25.44 -17.83
C ASN D 396 19.49 -25.00 -17.88
N PRO D 397 20.41 -25.98 -17.78
CA PRO D 397 21.82 -25.62 -17.64
C PRO D 397 22.47 -25.00 -18.89
N HIS D 398 21.79 -25.04 -20.04
CA HIS D 398 22.29 -24.31 -21.23
C HIS D 398 22.22 -22.77 -21.06
N TYR D 399 21.47 -22.28 -20.06
CA TYR D 399 21.39 -20.85 -19.77
C TYR D 399 21.99 -20.55 -18.40
N LYS D 400 23.31 -20.62 -18.28
CA LYS D 400 24.01 -20.18 -17.08
C LYS D 400 24.78 -18.92 -17.43
N GLU D 401 24.90 -17.99 -16.48
CA GLU D 401 25.79 -16.85 -16.67
C GLU D 401 27.26 -17.31 -16.65
N SER D 402 28.16 -16.46 -17.15
CA SER D 402 29.60 -16.70 -16.97
C SER D 402 30.01 -16.71 -15.51
N GLU D 403 31.27 -17.00 -15.28
CA GLU D 403 31.83 -17.04 -13.94
C GLU D 403 33.02 -16.07 -13.83
N PRO D 404 32.78 -14.75 -13.74
CA PRO D 404 33.86 -13.78 -13.74
C PRO D 404 34.89 -14.06 -12.67
N VAL D 405 36.14 -13.86 -13.02
CA VAL D 405 37.24 -14.03 -12.10
C VAL D 405 37.24 -12.90 -11.09
N LEU D 406 37.48 -13.26 -9.84
CA LEU D 406 37.67 -12.31 -8.74
C LEU D 406 39.17 -12.06 -8.47
N HIS D 407 39.61 -10.81 -8.58
CA HIS D 407 41.01 -10.46 -8.31
C HIS D 407 41.28 -10.21 -6.83
N GLY D 408 40.30 -9.69 -6.10
CA GLY D 408 40.46 -9.43 -4.70
C GLY D 408 40.24 -10.66 -3.84
N ASP D 409 40.91 -10.67 -2.70
CA ASP D 409 40.93 -11.87 -1.85
C ASP D 409 40.33 -11.65 -0.46
N ARG D 410 39.87 -10.41 -0.20
CA ARG D 410 39.07 -10.06 0.98
C ARG D 410 37.79 -9.30 0.62
N MET D 411 36.80 -9.38 1.47
CA MET D 411 35.67 -8.45 1.47
C MET D 411 36.13 -7.09 2.02
N VAL D 412 36.06 -6.05 1.20
CA VAL D 412 36.57 -4.75 1.57
C VAL D 412 35.56 -3.67 1.24
N ARG D 413 35.73 -2.53 1.89
CA ARG D 413 35.15 -1.27 1.44
C ARG D 413 36.27 -0.28 1.15
N GLN D 414 36.51 -0.03 -0.14
CA GLN D 414 37.74 0.62 -0.59
C GLN D 414 37.55 1.22 -1.96
N LYS D 415 38.02 2.46 -2.15
CA LYS D 415 37.95 3.07 -3.47
C LYS D 415 38.75 2.26 -4.49
N ILE D 416 38.27 2.21 -5.72
CA ILE D 416 39.11 1.71 -6.82
C ILE D 416 40.50 2.39 -6.86
N GLU D 417 41.48 1.62 -7.34
CA GLU D 417 42.76 2.18 -7.75
CA GLU D 417 42.76 2.16 -7.77
C GLU D 417 42.58 3.02 -9.02
N LYS D 418 43.54 3.89 -9.26
CA LYS D 418 43.55 4.85 -10.41
C LYS D 418 42.20 5.55 -10.63
N PRO D 419 41.73 6.22 -9.58
CA PRO D 419 40.55 7.06 -9.76
C PRO D 419 40.73 8.14 -10.83
N ASN D 420 41.94 8.72 -10.97
CA ASN D 420 42.23 9.68 -12.05
C ASN D 420 41.09 10.71 -12.28
N ASP D 421 40.78 11.54 -11.28
CA ASP D 421 39.50 12.28 -11.30
C ASP D 421 39.44 13.41 -12.31
N PHE D 422 40.58 13.93 -12.78
CA PHE D 422 40.58 15.20 -13.53
C PHE D 422 41.01 15.13 -15.00
N LYS D 423 41.69 14.04 -15.39
CA LYS D 423 42.37 14.04 -16.70
C LYS D 423 41.33 14.12 -17.84
N GLN D 424 40.33 13.24 -17.81
CA GLN D 424 39.38 13.19 -18.94
C GLN D 424 38.54 14.46 -18.97
N ALA D 425 38.35 15.09 -17.83
CA ALA D 425 37.63 16.38 -17.80
C ALA D 425 38.41 17.42 -18.60
N GLY D 426 39.75 17.41 -18.44
CA GLY D 426 40.60 18.31 -19.25
C GLY D 426 40.55 17.94 -20.73
N GLU D 427 40.63 16.65 -21.05
CA GLU D 427 40.53 16.22 -22.43
C GLU D 427 39.22 16.68 -23.05
N LYS D 428 38.11 16.57 -22.30
CA LYS D 428 36.82 17.02 -22.84
C LYS D 428 36.79 18.53 -23.07
N TYR D 429 37.24 19.28 -22.08
CA TYR D 429 37.32 20.73 -22.19
C TYR D 429 38.02 21.11 -23.48
N ARG D 430 39.23 20.56 -23.67
CA ARG D 430 40.06 20.91 -24.84
C ARG D 430 39.44 20.46 -26.16
N SER D 431 38.54 19.47 -26.14
CA SER D 431 37.85 19.04 -27.34
C SER D 431 36.75 20.01 -27.78
N TYR D 432 36.30 20.90 -26.89
CA TYR D 432 35.27 21.84 -27.21
C TYR D 432 35.80 22.89 -28.19
N SER D 433 34.95 23.33 -29.13
CA SER D 433 35.20 24.54 -29.92
C SER D 433 35.18 25.77 -29.01
N GLU D 434 35.69 26.89 -29.52
CA GLU D 434 35.80 28.11 -28.71
C GLU D 434 34.41 28.58 -28.28
N GLU D 435 33.44 28.47 -29.17
CA GLU D 435 32.05 28.80 -28.86
C GLU D 435 31.46 27.89 -27.74
N GLU D 436 31.75 26.59 -27.80
CA GLU D 436 31.35 25.67 -26.76
C GLU D 436 31.99 25.96 -25.42
N LYS D 437 33.29 26.26 -25.44
CA LYS D 437 33.99 26.65 -24.22
C LYS D 437 33.37 27.88 -23.57
N GLN D 438 33.01 28.88 -24.38
CA GLN D 438 32.33 30.06 -23.84
C GLN D 438 30.96 29.77 -23.26
N ALA D 439 30.18 28.91 -23.92
CA ALA D 439 28.90 28.57 -23.33
C ALA D 439 29.05 27.82 -21.98
N LEU D 440 30.03 26.92 -21.90
CA LEU D 440 30.37 26.19 -20.67
C LEU D 440 30.68 27.14 -19.53
N ILE D 441 31.54 28.10 -19.78
CA ILE D 441 31.94 29.01 -18.74
C ILE D 441 30.76 29.87 -18.32
N LYS D 442 29.99 30.32 -19.31
CA LYS D 442 28.80 31.14 -19.08
C LYS D 442 27.80 30.41 -18.20
N ASN D 443 27.56 29.15 -18.57
CA ASN D 443 26.60 28.31 -17.83
C ASN D 443 27.10 28.04 -16.43
N LEU D 444 28.39 27.72 -16.29
CA LEU D 444 28.96 27.48 -14.99
C LEU D 444 28.91 28.71 -14.11
N THR D 445 29.18 29.86 -14.70
CA THR D 445 29.25 31.09 -13.95
C THR D 445 27.87 31.47 -13.39
N ALA D 446 26.83 31.40 -14.23
CA ALA D 446 25.49 31.71 -13.77
C ALA D 446 25.04 30.77 -12.62
N ASP D 447 25.55 29.53 -12.58
CA ASP D 447 25.25 28.56 -11.53
C ASP D 447 26.07 28.75 -10.26
N LEU D 448 27.29 29.29 -10.41
CA LEU D 448 28.20 29.33 -9.28
C LEU D 448 28.18 30.65 -8.57
N LYS D 449 27.73 31.70 -9.22
CA LYS D 449 27.99 33.06 -8.75
C LYS D 449 27.42 33.29 -7.37
N GLY D 450 26.32 32.63 -7.02
CA GLY D 450 25.72 32.81 -5.69
C GLY D 450 26.04 31.78 -4.61
N VAL D 451 26.93 30.83 -4.88
CA VAL D 451 27.19 29.80 -3.89
C VAL D 451 28.24 30.32 -2.89
N ASN D 452 28.35 29.61 -1.77
CA ASN D 452 29.25 30.00 -0.70
C ASN D 452 30.72 30.00 -1.16
N GLU D 453 31.48 31.01 -0.72
CA GLU D 453 32.79 31.34 -1.30
C GLU D 453 33.80 30.17 -1.30
N LYS D 454 33.88 29.45 -0.20
CA LYS D 454 34.82 28.34 -0.05
C LYS D 454 34.49 27.23 -1.05
N THR D 455 33.21 27.00 -1.26
CA THR D 455 32.76 25.98 -2.18
C THR D 455 33.03 26.43 -3.62
N LYS D 456 32.76 27.70 -3.88
CA LYS D 456 33.07 28.34 -5.18
C LYS D 456 34.56 28.17 -5.55
N LEU D 457 35.43 28.44 -4.60
CA LEU D 457 36.84 28.29 -4.82
C LEU D 457 37.21 26.85 -5.11
N LEU D 458 36.66 25.89 -4.34
CA LEU D 458 37.01 24.50 -4.52
C LEU D 458 36.53 24.01 -5.90
N ALA D 459 35.41 24.51 -6.38
CA ALA D 459 34.96 24.16 -7.75
C ALA D 459 35.99 24.63 -8.80
N ILE D 460 36.41 25.89 -8.66
CA ILE D 460 37.41 26.48 -9.56
C ILE D 460 38.68 25.62 -9.54
N CYS D 461 39.13 25.23 -8.37
CA CYS D 461 40.32 24.41 -8.27
C CYS D 461 40.16 23.04 -8.91
N ASN D 462 38.97 22.42 -8.78
CA ASN D 462 38.73 21.13 -9.43
C ASN D 462 38.81 21.26 -10.94
N PHE D 463 38.16 22.29 -11.48
CA PHE D 463 38.24 22.55 -12.94
C PHE D 463 39.66 23.03 -13.40
N TYR D 464 40.34 23.77 -12.54
CA TYR D 464 41.76 24.11 -12.79
C TYR D 464 42.66 22.84 -12.90
N ARG D 465 42.48 21.89 -12.00
CA ARG D 465 43.17 20.61 -12.07
C ARG D 465 42.88 19.84 -13.34
N ALA D 466 41.66 19.94 -13.84
CA ALA D 466 41.33 19.37 -15.14
C ALA D 466 42.09 20.06 -16.26
N ASP D 467 42.04 21.39 -16.31
CA ASP D 467 42.79 22.18 -17.33
C ASP D 467 43.00 23.60 -16.83
N GLU D 468 44.23 24.11 -16.90
CA GLU D 468 44.54 25.42 -16.34
C GLU D 468 43.73 26.56 -16.96
N ASP D 469 43.55 26.50 -18.28
CA ASP D 469 42.81 27.50 -19.02
C ASP D 469 41.33 27.47 -18.61
N TYR D 470 40.79 26.27 -18.51
CA TYR D 470 39.41 26.02 -18.06
C TYR D 470 39.18 26.70 -16.72
N GLY D 471 40.04 26.40 -15.77
CA GLY D 471 39.92 26.96 -14.44
C GLY D 471 40.18 28.45 -14.36
N GLN D 472 41.18 28.92 -15.11
CA GLN D 472 41.44 30.37 -15.16
C GLN D 472 40.26 31.18 -15.72
N ARG D 473 39.70 30.73 -16.82
CA ARG D 473 38.57 31.42 -17.44
C ARG D 473 37.40 31.50 -16.48
N LEU D 474 37.13 30.39 -15.77
CA LEU D 474 36.01 30.35 -14.84
C LEU D 474 36.27 31.34 -13.72
N ALA D 475 37.51 31.31 -13.19
CA ALA D 475 37.90 32.25 -12.13
C ALA D 475 37.72 33.74 -12.53
N ASP D 476 38.25 34.10 -13.69
CA ASP D 476 38.09 35.47 -14.25
C ASP D 476 36.61 35.85 -14.34
N SER D 477 35.81 34.95 -14.92
CA SER D 477 34.41 35.19 -15.13
C SER D 477 33.66 35.35 -13.79
N LEU D 478 34.12 34.68 -12.74
CA LEU D 478 33.49 34.80 -11.43
C LEU D 478 34.10 35.91 -10.54
N GLY D 479 35.10 36.61 -11.04
CA GLY D 479 35.79 37.61 -10.23
C GLY D 479 36.56 37.02 -9.07
N VAL D 480 37.08 35.81 -9.22
CA VAL D 480 37.85 35.18 -8.16
C VAL D 480 39.34 35.21 -8.54
N ASP D 481 40.18 35.72 -7.64
CA ASP D 481 41.62 35.82 -7.88
C ASP D 481 42.31 34.58 -7.35
N ILE D 482 42.87 33.76 -8.23
CA ILE D 482 43.43 32.45 -7.82
C ILE D 482 44.96 32.43 -7.94
N ARG D 483 45.54 33.63 -8.00
CA ARG D 483 46.97 33.84 -7.79
C ARG D 483 47.17 33.52 -6.33
N SER D 484 48.09 32.63 -5.96
CA SER D 484 48.29 32.13 -4.56
C SER D 484 48.02 30.64 -4.53
N TYR D 485 47.18 30.19 -5.45
CA TYR D 485 47.26 28.83 -5.97
C TYR D 485 47.52 28.79 -7.49
#